data_2RIU
# 
_entry.id   2RIU 
# 
_audit_conform.dict_name       mmcif_pdbx.dic 
_audit_conform.dict_version    5.387 
_audit_conform.dict_location   http://mmcif.pdb.org/dictionaries/ascii/mmcif_pdbx.dic 
# 
loop_
_database_2.database_id 
_database_2.database_code 
_database_2.pdbx_database_accession 
_database_2.pdbx_DOI 
PDB   2RIU         pdb_00002riu 10.2210/pdb2riu/pdb 
RCSB  RCSB044910   ?            ?                   
WWPDB D_1000044910 ?            ?                   
# 
loop_
_pdbx_audit_revision_history.ordinal 
_pdbx_audit_revision_history.data_content_type 
_pdbx_audit_revision_history.major_revision 
_pdbx_audit_revision_history.minor_revision 
_pdbx_audit_revision_history.revision_date 
1 'Structure model' 1 0 2008-01-29 
2 'Structure model' 1 1 2011-07-13 
3 'Structure model' 1 2 2024-02-21 
# 
_pdbx_audit_revision_details.ordinal             1 
_pdbx_audit_revision_details.revision_ordinal    1 
_pdbx_audit_revision_details.data_content_type   'Structure model' 
_pdbx_audit_revision_details.provider            repository 
_pdbx_audit_revision_details.type                'Initial release' 
_pdbx_audit_revision_details.description         ? 
_pdbx_audit_revision_details.details             ? 
# 
loop_
_pdbx_audit_revision_group.ordinal 
_pdbx_audit_revision_group.revision_ordinal 
_pdbx_audit_revision_group.data_content_type 
_pdbx_audit_revision_group.group 
1 2 'Structure model' 'Version format compliance' 
2 3 'Structure model' 'Data collection'           
3 3 'Structure model' 'Database references'       
4 3 'Structure model' 'Derived calculations'      
# 
loop_
_pdbx_audit_revision_category.ordinal 
_pdbx_audit_revision_category.revision_ordinal 
_pdbx_audit_revision_category.data_content_type 
_pdbx_audit_revision_category.category 
1 3 'Structure model' chem_comp_atom 
2 3 'Structure model' chem_comp_bond 
3 3 'Structure model' database_2     
4 3 'Structure model' struct_site    
# 
loop_
_pdbx_audit_revision_item.ordinal 
_pdbx_audit_revision_item.revision_ordinal 
_pdbx_audit_revision_item.data_content_type 
_pdbx_audit_revision_item.item 
1 3 'Structure model' '_database_2.pdbx_DOI'                
2 3 'Structure model' '_database_2.pdbx_database_accession' 
3 3 'Structure model' '_struct_site.pdbx_auth_asym_id'      
4 3 'Structure model' '_struct_site.pdbx_auth_comp_id'      
5 3 'Structure model' '_struct_site.pdbx_auth_seq_id'       
# 
_pdbx_database_status.entry_id                        2RIU 
_pdbx_database_status.deposit_site                    RCSB 
_pdbx_database_status.process_site                    RCSB 
_pdbx_database_status.recvd_initial_deposition_date   2007-10-12 
_pdbx_database_status.status_code                     REL 
_pdbx_database_status.status_code_sf                  REL 
_pdbx_database_status.status_code_mr                  ? 
_pdbx_database_status.SG_entry                        ? 
_pdbx_database_status.pdb_format_compatible           Y 
_pdbx_database_status.status_code_cs                  ? 
_pdbx_database_status.status_code_nmr_data            ? 
_pdbx_database_status.methods_development_category    ? 
# 
loop_
_pdbx_database_related.db_name 
_pdbx_database_related.db_id 
_pdbx_database_related.details 
_pdbx_database_related.content_type 
PDB 1TKU 'The data set from 1TKU was reindexed and used for refinement of a monoclinic model.' unspecified 
PDB 2RIS .                                                                                     unspecified 
# 
loop_
_audit_author.name 
_audit_author.pdbx_ordinal 
'Stenkamp, R.E.' 1 
'Le Trong, I.'   2 
# 
loop_
_citation.id 
_citation.title 
_citation.journal_abbrev 
_citation.journal_volume 
_citation.page_first 
_citation.page_last 
_citation.year 
_citation.journal_id_ASTM 
_citation.country 
_citation.journal_id_ISSN 
_citation.journal_id_CSD 
_citation.book_publisher 
_citation.pdbx_database_id_PubMed 
_citation.pdbx_database_id_DOI 
primary 'Alternative models for two crystal structures of Candida albicans 3,4-dihydroxy-2-butanone 4-phosphate synthase.' 
'Acta Crystallogr.,Sect.D' 64  219  220  2008 ABCRE6 DK 0907-4449 0766 ? 18219123 10.1107/S0907444907056132 
1       
;Potential anti-infective targets in pathogenic yeasts: structure and properties of 3,4-dihydroxy-2-butanone 4-phosphate synthase of Candida albicans.
;
J.Mol.Biol.                341 1085 1096 2004 JMOBAK UK 0022-2836 0070 ? 15328619 10.1016/j.jmb.2004.06.053 
# 
loop_
_citation_author.citation_id 
_citation_author.name 
_citation_author.ordinal 
_citation_author.identifier_ORCID 
primary 'Le Trong, I.'    1 ? 
primary 'Stenkamp, R.E.'  2 ? 
1       'Echt, S.'        3 ? 
1       'Bauer, S.'       4 ? 
1       'Steinbacher, S.' 5 ? 
1       'Huber, R.'       6 ? 
1       'Bacher, A.'      7 ? 
1       'Fischer, M.'     8 ? 
# 
loop_
_entity.id 
_entity.type 
_entity.src_method 
_entity.pdbx_description 
_entity.formula_weight 
_entity.pdbx_number_of_molecules 
_entity.pdbx_ec 
_entity.pdbx_mutation 
_entity.pdbx_fragment 
_entity.details 
1 polymer     man '3,4-dihydroxy-2-butanone 4-phosphate synthase' 22684.982 1   ? ? ? ? 
2 non-polymer man RIBULOSE-5-PHOSPHATE                            230.110   1   ? ? ? ? 
3 water       nat water                                           18.015    151 ? ? ? ? 
# 
_entity_name_com.entity_id   1 
_entity_name_com.name        'DHBP synthase' 
# 
_entity_poly.entity_id                      1 
_entity_poly.type                           'polypeptide(L)' 
_entity_poly.nstd_linkage                   no 
_entity_poly.nstd_monomer                   no 
_entity_poly.pdbx_seq_one_letter_code       
;MTNIFTPIEEALEAYKNGEFLIVMDDEDRENEGDLIMAAELITQEKMAFLVRYSSGYVCVPLSEERANQLELPPMLANRS
DRHGTAYTITCDFAEGTTTGISAHDRALTTRSLANPNSKPQDFIKPGHILPLRAVPGLLKKRRGHTEAAVQLSTLAGLQP
AGVICELVRDEDGLMMRLDDCIQFGKKHGIKIININQLVEYISK
;
_entity_poly.pdbx_seq_one_letter_code_can   
;MTNIFTPIEEALEAYKNGEFLIVMDDEDRENEGDLIMAAELITQEKMAFLVRYSSGYVCVPLSEERANQLELPPMLANRS
DRHGTAYTITCDFAEGTTTGISAHDRALTTRSLANPNSKPQDFIKPGHILPLRAVPGLLKKRRGHTEAAVQLSTLAGLQP
AGVICELVRDEDGLMMRLDDCIQFGKKHGIKIININQLVEYISK
;
_entity_poly.pdbx_strand_id                 A 
_entity_poly.pdbx_target_identifier         ? 
# 
loop_
_pdbx_entity_nonpoly.entity_id 
_pdbx_entity_nonpoly.name 
_pdbx_entity_nonpoly.comp_id 
2 RIBULOSE-5-PHOSPHATE 5RP 
3 water                HOH 
# 
loop_
_entity_poly_seq.entity_id 
_entity_poly_seq.num 
_entity_poly_seq.mon_id 
_entity_poly_seq.hetero 
1 1   MET n 
1 2   THR n 
1 3   ASN n 
1 4   ILE n 
1 5   PHE n 
1 6   THR n 
1 7   PRO n 
1 8   ILE n 
1 9   GLU n 
1 10  GLU n 
1 11  ALA n 
1 12  LEU n 
1 13  GLU n 
1 14  ALA n 
1 15  TYR n 
1 16  LYS n 
1 17  ASN n 
1 18  GLY n 
1 19  GLU n 
1 20  PHE n 
1 21  LEU n 
1 22  ILE n 
1 23  VAL n 
1 24  MET n 
1 25  ASP n 
1 26  ASP n 
1 27  GLU n 
1 28  ASP n 
1 29  ARG n 
1 30  GLU n 
1 31  ASN n 
1 32  GLU n 
1 33  GLY n 
1 34  ASP n 
1 35  LEU n 
1 36  ILE n 
1 37  MET n 
1 38  ALA n 
1 39  ALA n 
1 40  GLU n 
1 41  LEU n 
1 42  ILE n 
1 43  THR n 
1 44  GLN n 
1 45  GLU n 
1 46  LYS n 
1 47  MET n 
1 48  ALA n 
1 49  PHE n 
1 50  LEU n 
1 51  VAL n 
1 52  ARG n 
1 53  TYR n 
1 54  SER n 
1 55  SER n 
1 56  GLY n 
1 57  TYR n 
1 58  VAL n 
1 59  CYS n 
1 60  VAL n 
1 61  PRO n 
1 62  LEU n 
1 63  SER n 
1 64  GLU n 
1 65  GLU n 
1 66  ARG n 
1 67  ALA n 
1 68  ASN n 
1 69  GLN n 
1 70  LEU n 
1 71  GLU n 
1 72  LEU n 
1 73  PRO n 
1 74  PRO n 
1 75  MET n 
1 76  LEU n 
1 77  ALA n 
1 78  ASN n 
1 79  ARG n 
1 80  SER n 
1 81  ASP n 
1 82  ARG n 
1 83  HIS n 
1 84  GLY n 
1 85  THR n 
1 86  ALA n 
1 87  TYR n 
1 88  THR n 
1 89  ILE n 
1 90  THR n 
1 91  CYS n 
1 92  ASP n 
1 93  PHE n 
1 94  ALA n 
1 95  GLU n 
1 96  GLY n 
1 97  THR n 
1 98  THR n 
1 99  THR n 
1 100 GLY n 
1 101 ILE n 
1 102 SER n 
1 103 ALA n 
1 104 HIS n 
1 105 ASP n 
1 106 ARG n 
1 107 ALA n 
1 108 LEU n 
1 109 THR n 
1 110 THR n 
1 111 ARG n 
1 112 SER n 
1 113 LEU n 
1 114 ALA n 
1 115 ASN n 
1 116 PRO n 
1 117 ASN n 
1 118 SER n 
1 119 LYS n 
1 120 PRO n 
1 121 GLN n 
1 122 ASP n 
1 123 PHE n 
1 124 ILE n 
1 125 LYS n 
1 126 PRO n 
1 127 GLY n 
1 128 HIS n 
1 129 ILE n 
1 130 LEU n 
1 131 PRO n 
1 132 LEU n 
1 133 ARG n 
1 134 ALA n 
1 135 VAL n 
1 136 PRO n 
1 137 GLY n 
1 138 LEU n 
1 139 LEU n 
1 140 LYS n 
1 141 LYS n 
1 142 ARG n 
1 143 ARG n 
1 144 GLY n 
1 145 HIS n 
1 146 THR n 
1 147 GLU n 
1 148 ALA n 
1 149 ALA n 
1 150 VAL n 
1 151 GLN n 
1 152 LEU n 
1 153 SER n 
1 154 THR n 
1 155 LEU n 
1 156 ALA n 
1 157 GLY n 
1 158 LEU n 
1 159 GLN n 
1 160 PRO n 
1 161 ALA n 
1 162 GLY n 
1 163 VAL n 
1 164 ILE n 
1 165 CYS n 
1 166 GLU n 
1 167 LEU n 
1 168 VAL n 
1 169 ARG n 
1 170 ASP n 
1 171 GLU n 
1 172 ASP n 
1 173 GLY n 
1 174 LEU n 
1 175 MET n 
1 176 MET n 
1 177 ARG n 
1 178 LEU n 
1 179 ASP n 
1 180 ASP n 
1 181 CYS n 
1 182 ILE n 
1 183 GLN n 
1 184 PHE n 
1 185 GLY n 
1 186 LYS n 
1 187 LYS n 
1 188 HIS n 
1 189 GLY n 
1 190 ILE n 
1 191 LYS n 
1 192 ILE n 
1 193 ILE n 
1 194 ASN n 
1 195 ILE n 
1 196 ASN n 
1 197 GLN n 
1 198 LEU n 
1 199 VAL n 
1 200 GLU n 
1 201 TYR n 
1 202 ILE n 
1 203 SER n 
1 204 LYS n 
# 
_entity_src_gen.entity_id                          1 
_entity_src_gen.pdbx_src_id                        1 
_entity_src_gen.pdbx_alt_source_flag               sample 
_entity_src_gen.pdbx_seq_type                      ? 
_entity_src_gen.pdbx_beg_seq_num                   ? 
_entity_src_gen.pdbx_end_seq_num                   ? 
_entity_src_gen.gene_src_common_name               ? 
_entity_src_gen.gene_src_genus                     Candida 
_entity_src_gen.pdbx_gene_src_gene                 RIB3 
_entity_src_gen.gene_src_species                   ? 
_entity_src_gen.gene_src_strain                    ? 
_entity_src_gen.gene_src_tissue                    ? 
_entity_src_gen.gene_src_tissue_fraction           ? 
_entity_src_gen.gene_src_details                   ? 
_entity_src_gen.pdbx_gene_src_fragment             ? 
_entity_src_gen.pdbx_gene_src_scientific_name      'Candida albicans' 
_entity_src_gen.pdbx_gene_src_ncbi_taxonomy_id     5476 
_entity_src_gen.pdbx_gene_src_variant              ? 
_entity_src_gen.pdbx_gene_src_cell_line            ? 
_entity_src_gen.pdbx_gene_src_atcc                 ? 
_entity_src_gen.pdbx_gene_src_organ                ? 
_entity_src_gen.pdbx_gene_src_organelle            ? 
_entity_src_gen.pdbx_gene_src_cell                 ? 
_entity_src_gen.pdbx_gene_src_cellular_location    ? 
_entity_src_gen.host_org_common_name               ? 
_entity_src_gen.pdbx_host_org_scientific_name      'Escherichia coli' 
_entity_src_gen.pdbx_host_org_ncbi_taxonomy_id     562 
_entity_src_gen.host_org_genus                     Escherichia 
_entity_src_gen.pdbx_host_org_gene                 ? 
_entity_src_gen.pdbx_host_org_organ                ? 
_entity_src_gen.host_org_species                   ? 
_entity_src_gen.pdbx_host_org_tissue               ? 
_entity_src_gen.pdbx_host_org_tissue_fraction      ? 
_entity_src_gen.pdbx_host_org_strain               xl1 
_entity_src_gen.pdbx_host_org_variant              ? 
_entity_src_gen.pdbx_host_org_cell_line            ? 
_entity_src_gen.pdbx_host_org_atcc                 ? 
_entity_src_gen.pdbx_host_org_culture_collection   ? 
_entity_src_gen.pdbx_host_org_cell                 ? 
_entity_src_gen.pdbx_host_org_organelle            ? 
_entity_src_gen.pdbx_host_org_cellular_location    ? 
_entity_src_gen.pdbx_host_org_vector_type          plasmid 
_entity_src_gen.pdbx_host_org_vector               ? 
_entity_src_gen.host_org_details                   ? 
_entity_src_gen.expression_system_id               ? 
_entity_src_gen.plasmid_name                       pnco-carib3-syn 
_entity_src_gen.plasmid_details                    ? 
_entity_src_gen.pdbx_description                   ? 
# 
loop_
_chem_comp.id 
_chem_comp.type 
_chem_comp.mon_nstd_flag 
_chem_comp.name 
_chem_comp.pdbx_synonyms 
_chem_comp.formula 
_chem_comp.formula_weight 
5RP saccharide          . RIBULOSE-5-PHOSPHATE ? 'C5 H11 O8 P'    230.110 
ALA 'L-peptide linking' y ALANINE              ? 'C3 H7 N O2'     89.093  
ARG 'L-peptide linking' y ARGININE             ? 'C6 H15 N4 O2 1' 175.209 
ASN 'L-peptide linking' y ASPARAGINE           ? 'C4 H8 N2 O3'    132.118 
ASP 'L-peptide linking' y 'ASPARTIC ACID'      ? 'C4 H7 N O4'     133.103 
CYS 'L-peptide linking' y CYSTEINE             ? 'C3 H7 N O2 S'   121.158 
GLN 'L-peptide linking' y GLUTAMINE            ? 'C5 H10 N2 O3'   146.144 
GLU 'L-peptide linking' y 'GLUTAMIC ACID'      ? 'C5 H9 N O4'     147.129 
GLY 'peptide linking'   y GLYCINE              ? 'C2 H5 N O2'     75.067  
HIS 'L-peptide linking' y HISTIDINE            ? 'C6 H10 N3 O2 1' 156.162 
HOH non-polymer         . WATER                ? 'H2 O'           18.015  
ILE 'L-peptide linking' y ISOLEUCINE           ? 'C6 H13 N O2'    131.173 
LEU 'L-peptide linking' y LEUCINE              ? 'C6 H13 N O2'    131.173 
LYS 'L-peptide linking' y LYSINE               ? 'C6 H15 N2 O2 1' 147.195 
MET 'L-peptide linking' y METHIONINE           ? 'C5 H11 N O2 S'  149.211 
PHE 'L-peptide linking' y PHENYLALANINE        ? 'C9 H11 N O2'    165.189 
PRO 'L-peptide linking' y PROLINE              ? 'C5 H9 N O2'     115.130 
SER 'L-peptide linking' y SERINE               ? 'C3 H7 N O3'     105.093 
THR 'L-peptide linking' y THREONINE            ? 'C4 H9 N O3'     119.119 
TYR 'L-peptide linking' y TYROSINE             ? 'C9 H11 N O3'    181.189 
VAL 'L-peptide linking' y VALINE               ? 'C5 H11 N O2'    117.146 
# 
loop_
_pdbx_poly_seq_scheme.asym_id 
_pdbx_poly_seq_scheme.entity_id 
_pdbx_poly_seq_scheme.seq_id 
_pdbx_poly_seq_scheme.mon_id 
_pdbx_poly_seq_scheme.ndb_seq_num 
_pdbx_poly_seq_scheme.pdb_seq_num 
_pdbx_poly_seq_scheme.auth_seq_num 
_pdbx_poly_seq_scheme.pdb_mon_id 
_pdbx_poly_seq_scheme.auth_mon_id 
_pdbx_poly_seq_scheme.pdb_strand_id 
_pdbx_poly_seq_scheme.pdb_ins_code 
_pdbx_poly_seq_scheme.hetero 
A 1 1   MET 1   1   ?   ?   ?   A . n 
A 1 2   THR 2   2   ?   ?   ?   A . n 
A 1 3   ASN 3   3   3   ASN ASN A . n 
A 1 4   ILE 4   4   4   ILE ILE A . n 
A 1 5   PHE 5   5   5   PHE PHE A . n 
A 1 6   THR 6   6   6   THR THR A . n 
A 1 7   PRO 7   7   7   PRO PRO A . n 
A 1 8   ILE 8   8   8   ILE ILE A . n 
A 1 9   GLU 9   9   9   GLU GLU A . n 
A 1 10  GLU 10  10  10  GLU GLU A . n 
A 1 11  ALA 11  11  11  ALA ALA A . n 
A 1 12  LEU 12  12  12  LEU LEU A . n 
A 1 13  GLU 13  13  13  GLU GLU A . n 
A 1 14  ALA 14  14  14  ALA ALA A . n 
A 1 15  TYR 15  15  15  TYR TYR A . n 
A 1 16  LYS 16  16  16  LYS LYS A . n 
A 1 17  ASN 17  17  17  ASN ASN A . n 
A 1 18  GLY 18  18  18  GLY GLY A . n 
A 1 19  GLU 19  19  19  GLU GLU A . n 
A 1 20  PHE 20  20  20  PHE PHE A . n 
A 1 21  LEU 21  21  21  LEU LEU A . n 
A 1 22  ILE 22  22  22  ILE ILE A . n 
A 1 23  VAL 23  23  23  VAL VAL A . n 
A 1 24  MET 24  24  24  MET MET A . n 
A 1 25  ASP 25  25  25  ASP ASP A . n 
A 1 26  ASP 26  26  26  ASP ASP A . n 
A 1 27  GLU 27  27  27  GLU GLU A . n 
A 1 28  ASP 28  28  28  ASP ASP A . n 
A 1 29  ARG 29  29  29  ARG ARG A . n 
A 1 30  GLU 30  30  30  GLU GLU A . n 
A 1 31  ASN 31  31  31  ASN ASN A . n 
A 1 32  GLU 32  32  32  GLU GLU A . n 
A 1 33  GLY 33  33  33  GLY GLY A . n 
A 1 34  ASP 34  34  34  ASP ASP A . n 
A 1 35  LEU 35  35  35  LEU LEU A . n 
A 1 36  ILE 36  36  36  ILE ILE A . n 
A 1 37  MET 37  37  37  MET MET A . n 
A 1 38  ALA 38  38  38  ALA ALA A . n 
A 1 39  ALA 39  39  39  ALA ALA A . n 
A 1 40  GLU 40  40  40  GLU GLU A . n 
A 1 41  LEU 41  41  41  LEU LEU A . n 
A 1 42  ILE 42  42  42  ILE ILE A . n 
A 1 43  THR 43  43  43  THR THR A . n 
A 1 44  GLN 44  44  44  GLN GLN A . n 
A 1 45  GLU 45  45  45  GLU GLU A . n 
A 1 46  LYS 46  46  46  LYS LYS A . n 
A 1 47  MET 47  47  47  MET MET A . n 
A 1 48  ALA 48  48  48  ALA ALA A . n 
A 1 49  PHE 49  49  49  PHE PHE A . n 
A 1 50  LEU 50  50  50  LEU LEU A . n 
A 1 51  VAL 51  51  51  VAL VAL A . n 
A 1 52  ARG 52  52  52  ARG ARG A . n 
A 1 53  TYR 53  53  53  TYR TYR A . n 
A 1 54  SER 54  54  54  SER SER A . n 
A 1 55  SER 55  55  55  SER SER A . n 
A 1 56  GLY 56  56  56  GLY GLY A . n 
A 1 57  TYR 57  57  57  TYR TYR A . n 
A 1 58  VAL 58  58  58  VAL VAL A . n 
A 1 59  CYS 59  59  59  CYS CYS A . n 
A 1 60  VAL 60  60  60  VAL VAL A . n 
A 1 61  PRO 61  61  61  PRO PRO A . n 
A 1 62  LEU 62  62  62  LEU LEU A . n 
A 1 63  SER 63  63  63  SER SER A . n 
A 1 64  GLU 64  64  64  GLU GLU A . n 
A 1 65  GLU 65  65  65  GLU GLU A . n 
A 1 66  ARG 66  66  66  ARG ARG A . n 
A 1 67  ALA 67  67  67  ALA ALA A . n 
A 1 68  ASN 68  68  68  ASN ASN A . n 
A 1 69  GLN 69  69  69  GLN GLN A . n 
A 1 70  LEU 70  70  70  LEU LEU A . n 
A 1 71  GLU 71  71  71  GLU GLU A . n 
A 1 72  LEU 72  72  72  LEU LEU A . n 
A 1 73  PRO 73  73  73  PRO PRO A . n 
A 1 74  PRO 74  74  74  PRO PRO A . n 
A 1 75  MET 75  75  75  MET MET A . n 
A 1 76  LEU 76  76  76  LEU LEU A . n 
A 1 77  ALA 77  77  77  ALA ALA A . n 
A 1 78  ASN 78  78  ?   ?   ?   A . n 
A 1 79  ARG 79  79  ?   ?   ?   A . n 
A 1 80  SER 80  80  ?   ?   ?   A . n 
A 1 81  ASP 81  81  ?   ?   ?   A . n 
A 1 82  ARG 82  82  ?   ?   ?   A . n 
A 1 83  HIS 83  83  ?   ?   ?   A . n 
A 1 84  GLY 84  84  84  GLY GLY A . n 
A 1 85  THR 85  85  85  THR THR A . n 
A 1 86  ALA 86  86  86  ALA ALA A . n 
A 1 87  TYR 87  87  87  TYR TYR A . n 
A 1 88  THR 88  88  88  THR THR A . n 
A 1 89  ILE 89  89  89  ILE ILE A . n 
A 1 90  THR 90  90  90  THR THR A . n 
A 1 91  CYS 91  91  91  CYS CYS A . n 
A 1 92  ASP 92  92  92  ASP ASP A . n 
A 1 93  PHE 93  93  93  PHE PHE A . n 
A 1 94  ALA 94  94  94  ALA ALA A . n 
A 1 95  GLU 95  95  95  GLU GLU A . n 
A 1 96  GLY 96  96  96  GLY GLY A . n 
A 1 97  THR 97  97  97  THR THR A . n 
A 1 98  THR 98  98  98  THR THR A . n 
A 1 99  THR 99  99  99  THR THR A . n 
A 1 100 GLY 100 100 100 GLY GLY A . n 
A 1 101 ILE 101 101 101 ILE ILE A . n 
A 1 102 SER 102 102 102 SER SER A . n 
A 1 103 ALA 103 103 103 ALA ALA A . n 
A 1 104 HIS 104 104 104 HIS HIS A . n 
A 1 105 ASP 105 105 105 ASP ASP A . n 
A 1 106 ARG 106 106 106 ARG ARG A . n 
A 1 107 ALA 107 107 107 ALA ALA A . n 
A 1 108 LEU 108 108 108 LEU LEU A . n 
A 1 109 THR 109 109 109 THR THR A . n 
A 1 110 THR 110 110 110 THR THR A . n 
A 1 111 ARG 111 111 111 ARG ARG A . n 
A 1 112 SER 112 112 112 SER SER A . n 
A 1 113 LEU 113 113 113 LEU LEU A . n 
A 1 114 ALA 114 114 114 ALA ALA A . n 
A 1 115 ASN 115 115 115 ASN ASN A . n 
A 1 116 PRO 116 116 116 PRO PRO A . n 
A 1 117 ASN 117 117 117 ASN ASN A . n 
A 1 118 SER 118 118 118 SER SER A . n 
A 1 119 LYS 119 119 119 LYS LYS A . n 
A 1 120 PRO 120 120 120 PRO PRO A . n 
A 1 121 GLN 121 121 121 GLN GLN A . n 
A 1 122 ASP 122 122 122 ASP ASP A . n 
A 1 123 PHE 123 123 123 PHE PHE A . n 
A 1 124 ILE 124 124 124 ILE ILE A . n 
A 1 125 LYS 125 125 125 LYS LYS A . n 
A 1 126 PRO 126 126 126 PRO PRO A . n 
A 1 127 GLY 127 127 127 GLY GLY A . n 
A 1 128 HIS 128 128 128 HIS HIS A . n 
A 1 129 ILE 129 129 129 ILE ILE A . n 
A 1 130 LEU 130 130 130 LEU LEU A . n 
A 1 131 PRO 131 131 131 PRO PRO A . n 
A 1 132 LEU 132 132 132 LEU LEU A . n 
A 1 133 ARG 133 133 133 ARG ARG A . n 
A 1 134 ALA 134 134 134 ALA ALA A . n 
A 1 135 VAL 135 135 135 VAL VAL A . n 
A 1 136 PRO 136 136 136 PRO PRO A . n 
A 1 137 GLY 137 137 137 GLY GLY A . n 
A 1 138 LEU 138 138 138 LEU LEU A . n 
A 1 139 LEU 139 139 139 LEU LEU A . n 
A 1 140 LYS 140 140 140 LYS LYS A . n 
A 1 141 LYS 141 141 141 LYS LYS A . n 
A 1 142 ARG 142 142 142 ARG ARG A . n 
A 1 143 ARG 143 143 143 ARG ARG A . n 
A 1 144 GLY 144 144 144 GLY GLY A . n 
A 1 145 HIS 145 145 145 HIS HIS A . n 
A 1 146 THR 146 146 146 THR THR A . n 
A 1 147 GLU 147 147 147 GLU GLU A . n 
A 1 148 ALA 148 148 148 ALA ALA A . n 
A 1 149 ALA 149 149 149 ALA ALA A . n 
A 1 150 VAL 150 150 150 VAL VAL A . n 
A 1 151 GLN 151 151 151 GLN GLN A . n 
A 1 152 LEU 152 152 152 LEU LEU A . n 
A 1 153 SER 153 153 153 SER SER A . n 
A 1 154 THR 154 154 154 THR THR A . n 
A 1 155 LEU 155 155 155 LEU LEU A . n 
A 1 156 ALA 156 156 156 ALA ALA A . n 
A 1 157 GLY 157 157 157 GLY GLY A . n 
A 1 158 LEU 158 158 158 LEU LEU A . n 
A 1 159 GLN 159 159 159 GLN GLN A . n 
A 1 160 PRO 160 160 160 PRO PRO A . n 
A 1 161 ALA 161 161 161 ALA ALA A . n 
A 1 162 GLY 162 162 162 GLY GLY A . n 
A 1 163 VAL 163 163 163 VAL VAL A . n 
A 1 164 ILE 164 164 164 ILE ILE A . n 
A 1 165 CYS 165 165 165 CYS CYS A . n 
A 1 166 GLU 166 166 166 GLU GLU A . n 
A 1 167 LEU 167 167 167 LEU LEU A . n 
A 1 168 VAL 168 168 168 VAL VAL A . n 
A 1 169 ARG 169 169 169 ARG ARG A . n 
A 1 170 ASP 170 170 170 ASP ASP A . n 
A 1 171 GLU 171 171 171 GLU GLU A . n 
A 1 172 ASP 172 172 172 ASP ASP A . n 
A 1 173 GLY 173 173 173 GLY GLY A . n 
A 1 174 LEU 174 174 174 LEU LEU A . n 
A 1 175 MET 175 175 175 MET MET A . n 
A 1 176 MET 176 176 176 MET MET A . n 
A 1 177 ARG 177 177 177 ARG ARG A . n 
A 1 178 LEU 178 178 178 LEU LEU A . n 
A 1 179 ASP 179 179 179 ASP ASP A . n 
A 1 180 ASP 180 180 180 ASP ASP A . n 
A 1 181 CYS 181 181 181 CYS CYS A . n 
A 1 182 ILE 182 182 182 ILE ILE A . n 
A 1 183 GLN 183 183 183 GLN GLN A . n 
A 1 184 PHE 184 184 184 PHE PHE A . n 
A 1 185 GLY 185 185 185 GLY GLY A . n 
A 1 186 LYS 186 186 186 LYS LYS A . n 
A 1 187 LYS 187 187 187 LYS LYS A . n 
A 1 188 HIS 188 188 188 HIS HIS A . n 
A 1 189 GLY 189 189 189 GLY GLY A . n 
A 1 190 ILE 190 190 190 ILE ILE A . n 
A 1 191 LYS 191 191 191 LYS LYS A . n 
A 1 192 ILE 192 192 192 ILE ILE A . n 
A 1 193 ILE 193 193 193 ILE ILE A . n 
A 1 194 ASN 194 194 194 ASN ASN A . n 
A 1 195 ILE 195 195 195 ILE ILE A . n 
A 1 196 ASN 196 196 196 ASN ASN A . n 
A 1 197 GLN 197 197 197 GLN GLN A . n 
A 1 198 LEU 198 198 198 LEU LEU A . n 
A 1 199 VAL 199 199 199 VAL VAL A . n 
A 1 200 GLU 200 200 200 GLU GLU A . n 
A 1 201 TYR 201 201 201 TYR TYR A . n 
A 1 202 ILE 202 202 202 ILE ILE A . n 
A 1 203 SER 203 203 203 SER SER A . n 
A 1 204 LYS 204 204 ?   ?   ?   A . n 
# 
loop_
_pdbx_nonpoly_scheme.asym_id 
_pdbx_nonpoly_scheme.entity_id 
_pdbx_nonpoly_scheme.mon_id 
_pdbx_nonpoly_scheme.ndb_seq_num 
_pdbx_nonpoly_scheme.pdb_seq_num 
_pdbx_nonpoly_scheme.auth_seq_num 
_pdbx_nonpoly_scheme.pdb_mon_id 
_pdbx_nonpoly_scheme.auth_mon_id 
_pdbx_nonpoly_scheme.pdb_strand_id 
_pdbx_nonpoly_scheme.pdb_ins_code 
B 2 5RP 1   701 701 5RP 5RP A . 
C 3 HOH 1   702 2   HOH HOH A . 
C 3 HOH 2   703 3   HOH HOH A . 
C 3 HOH 3   704 8   HOH HOH A . 
C 3 HOH 4   705 9   HOH HOH A . 
C 3 HOH 5   706 10  HOH HOH A . 
C 3 HOH 6   707 12  HOH HOH A . 
C 3 HOH 7   708 15  HOH HOH A . 
C 3 HOH 8   709 18  HOH HOH A . 
C 3 HOH 9   710 21  HOH HOH A . 
C 3 HOH 10  711 22  HOH HOH A . 
C 3 HOH 11  712 23  HOH HOH A . 
C 3 HOH 12  713 24  HOH HOH A . 
C 3 HOH 13  714 25  HOH HOH A . 
C 3 HOH 14  715 26  HOH HOH A . 
C 3 HOH 15  716 28  HOH HOH A . 
C 3 HOH 16  717 30  HOH HOH A . 
C 3 HOH 17  718 31  HOH HOH A . 
C 3 HOH 18  719 36  HOH HOH A . 
C 3 HOH 19  720 37  HOH HOH A . 
C 3 HOH 20  721 38  HOH HOH A . 
C 3 HOH 21  722 39  HOH HOH A . 
C 3 HOH 22  723 40  HOH HOH A . 
C 3 HOH 23  724 41  HOH HOH A . 
C 3 HOH 24  725 42  HOH HOH A . 
C 3 HOH 25  726 44  HOH HOH A . 
C 3 HOH 26  727 48  HOH HOH A . 
C 3 HOH 27  728 53  HOH HOH A . 
C 3 HOH 28  729 54  HOH HOH A . 
C 3 HOH 29  730 56  HOH HOH A . 
C 3 HOH 30  731 57  HOH HOH A . 
C 3 HOH 31  732 58  HOH HOH A . 
C 3 HOH 32  733 59  HOH HOH A . 
C 3 HOH 33  734 61  HOH HOH A . 
C 3 HOH 34  735 64  HOH HOH A . 
C 3 HOH 35  736 65  HOH HOH A . 
C 3 HOH 36  737 67  HOH HOH A . 
C 3 HOH 37  738 69  HOH HOH A . 
C 3 HOH 38  739 70  HOH HOH A . 
C 3 HOH 39  740 72  HOH HOH A . 
C 3 HOH 40  741 73  HOH HOH A . 
C 3 HOH 41  742 74  HOH HOH A . 
C 3 HOH 42  743 76  HOH HOH A . 
C 3 HOH 43  744 77  HOH HOH A . 
C 3 HOH 44  745 78  HOH HOH A . 
C 3 HOH 45  746 81  HOH HOH A . 
C 3 HOH 46  747 82  HOH HOH A . 
C 3 HOH 47  748 83  HOH HOH A . 
C 3 HOH 48  749 85  HOH HOH A . 
C 3 HOH 49  750 88  HOH HOH A . 
C 3 HOH 50  751 92  HOH HOH A . 
C 3 HOH 51  752 95  HOH HOH A . 
C 3 HOH 52  753 98  HOH HOH A . 
C 3 HOH 53  754 105 HOH HOH A . 
C 3 HOH 54  755 109 HOH HOH A . 
C 3 HOH 55  756 111 HOH HOH A . 
C 3 HOH 56  757 112 HOH HOH A . 
C 3 HOH 57  758 113 HOH HOH A . 
C 3 HOH 58  759 114 HOH HOH A . 
C 3 HOH 59  760 115 HOH HOH A . 
C 3 HOH 60  761 118 HOH HOH A . 
C 3 HOH 61  762 121 HOH HOH A . 
C 3 HOH 62  763 122 HOH HOH A . 
C 3 HOH 63  764 124 HOH HOH A . 
C 3 HOH 64  765 128 HOH HOH A . 
C 3 HOH 65  766 130 HOH HOH A . 
C 3 HOH 66  767 132 HOH HOH A . 
C 3 HOH 67  768 138 HOH HOH A . 
C 3 HOH 68  769 146 HOH HOH A . 
C 3 HOH 69  770 149 HOH HOH A . 
C 3 HOH 70  771 152 HOH HOH A . 
C 3 HOH 71  772 153 HOH HOH A . 
C 3 HOH 72  773 158 HOH HOH A . 
C 3 HOH 73  774 163 HOH HOH A . 
C 3 HOH 74  775 173 HOH HOH A . 
C 3 HOH 75  776 174 HOH HOH A . 
C 3 HOH 76  777 191 HOH HOH A . 
C 3 HOH 77  778 192 HOH HOH A . 
C 3 HOH 78  779 195 HOH HOH A . 
C 3 HOH 79  780 200 HOH HOH A . 
C 3 HOH 80  781 207 HOH HOH A . 
C 3 HOH 81  782 210 HOH HOH A . 
C 3 HOH 82  783 221 HOH HOH A . 
C 3 HOH 83  784 225 HOH HOH A . 
C 3 HOH 84  785 229 HOH HOH A . 
C 3 HOH 85  786 241 HOH HOH A . 
C 3 HOH 86  787 247 HOH HOH A . 
C 3 HOH 87  788 256 HOH HOH A . 
C 3 HOH 88  789 258 HOH HOH A . 
C 3 HOH 89  790 262 HOH HOH A . 
C 3 HOH 90  791 264 HOH HOH A . 
C 3 HOH 91  792 275 HOH HOH A . 
C 3 HOH 92  793 276 HOH HOH A . 
C 3 HOH 93  794 277 HOH HOH A . 
C 3 HOH 94  795 278 HOH HOH A . 
C 3 HOH 95  796 284 HOH HOH A . 
C 3 HOH 96  797 294 HOH HOH A . 
C 3 HOH 97  798 299 HOH HOH A . 
C 3 HOH 98  799 302 HOH HOH A . 
C 3 HOH 99  800 307 HOH HOH A . 
C 3 HOH 100 801 309 HOH HOH A . 
C 3 HOH 101 802 311 HOH HOH A . 
C 3 HOH 102 803 315 HOH HOH A . 
C 3 HOH 103 804 350 HOH HOH A . 
C 3 HOH 104 805 478 HOH HOH A . 
C 3 HOH 105 806 499 HOH HOH A . 
C 3 HOH 106 807 615 HOH HOH A . 
C 3 HOH 107 808 616 HOH HOH A . 
C 3 HOH 108 809 617 HOH HOH A . 
C 3 HOH 109 810 618 HOH HOH A . 
C 3 HOH 110 811 620 HOH HOH A . 
C 3 HOH 111 812 621 HOH HOH A . 
C 3 HOH 112 813 622 HOH HOH A . 
C 3 HOH 113 814 623 HOH HOH A . 
C 3 HOH 114 815 624 HOH HOH A . 
C 3 HOH 115 816 625 HOH HOH A . 
C 3 HOH 116 817 626 HOH HOH A . 
C 3 HOH 117 818 627 HOH HOH A . 
C 3 HOH 118 819 629 HOH HOH A . 
C 3 HOH 119 820 630 HOH HOH A . 
C 3 HOH 120 821 631 HOH HOH A . 
C 3 HOH 121 822 632 HOH HOH A . 
C 3 HOH 122 823 633 HOH HOH A . 
C 3 HOH 123 824 634 HOH HOH A . 
C 3 HOH 124 825 635 HOH HOH A . 
C 3 HOH 125 826 636 HOH HOH A . 
C 3 HOH 126 827 637 HOH HOH A . 
C 3 HOH 127 828 640 HOH HOH A . 
C 3 HOH 128 829 641 HOH HOH A . 
C 3 HOH 129 830 643 HOH HOH A . 
C 3 HOH 130 831 646 HOH HOH A . 
C 3 HOH 131 832 647 HOH HOH A . 
C 3 HOH 132 833 648 HOH HOH A . 
C 3 HOH 133 834 649 HOH HOH A . 
C 3 HOH 134 835 650 HOH HOH A . 
C 3 HOH 135 836 651 HOH HOH A . 
C 3 HOH 136 837 652 HOH HOH A . 
C 3 HOH 137 838 653 HOH HOH A . 
C 3 HOH 138 839 654 HOH HOH A . 
C 3 HOH 139 840 655 HOH HOH A . 
C 3 HOH 140 841 656 HOH HOH A . 
C 3 HOH 141 842 657 HOH HOH A . 
C 3 HOH 142 843 658 HOH HOH A . 
C 3 HOH 143 844 659 HOH HOH A . 
C 3 HOH 144 845 660 HOH HOH A . 
C 3 HOH 145 846 661 HOH HOH A . 
C 3 HOH 146 847 662 HOH HOH A . 
C 3 HOH 147 848 663 HOH HOH A . 
C 3 HOH 148 849 664 HOH HOH A . 
C 3 HOH 149 850 665 HOH HOH A . 
C 3 HOH 150 851 666 HOH HOH A . 
C 3 HOH 151 852 667 HOH HOH A . 
# 
loop_
_software.name 
_software.version 
_software.date 
_software.type 
_software.contact_author 
_software.contact_author_email 
_software.classification 
_software.location 
_software.language 
_software.citation_id 
_software.pdbx_ordinal 
REFMAC      .     ?              program 'Murshudov, G.N.' ccp4@dl.ac.uk            refinement        
http://www.ccp4.ac.uk/main.html  Fortran_77 ? 1 
PDB_EXTRACT 3.000 'July 2, 2007' package PDB               sw-help@rcsb.rutgers.edu 'data extraction' 
http://pdb.rutgers.edu/software/ C++        ? 2 
# 
_cell.length_a           109.597 
_cell.length_b           47.900 
_cell.length_c           40.200 
_cell.angle_alpha        90.000 
_cell.angle_beta         70.620 
_cell.angle_gamma        90.000 
_cell.entry_id           2RIU 
_cell.pdbx_unique_axis   ? 
_cell.Z_PDB              4 
_cell.length_a_esd       ? 
_cell.length_b_esd       ? 
_cell.length_c_esd       ? 
_cell.angle_alpha_esd    ? 
_cell.angle_beta_esd     ? 
_cell.angle_gamma_esd    ? 
# 
_symmetry.space_group_name_H-M             'C 1 2 1' 
_symmetry.entry_id                         2RIU 
_symmetry.pdbx_full_space_group_name_H-M   ? 
_symmetry.Int_Tables_number                5 
_symmetry.cell_setting                     ? 
_symmetry.space_group_name_Hall            ? 
# 
_exptl.crystals_number   1 
_exptl.entry_id          2RIU 
_exptl.method            'X-RAY DIFFRACTION' 
# 
_exptl_crystal.id                    1 
_exptl_crystal.density_Matthews      2.19 
_exptl_crystal.density_meas          ? 
_exptl_crystal.density_percent_sol   43.94 
_exptl_crystal.description           ? 
_exptl_crystal.F_000                 ? 
_exptl_crystal.preparation           ? 
# 
_diffrn.id                     1 
_diffrn.ambient_temp           100 
_diffrn.ambient_temp_details   ? 
_diffrn.crystal_id             1 
# 
_diffrn_detector.diffrn_id              1 
_diffrn_detector.detector               'IMAGE PLATE' 
_diffrn_detector.type                   MARRESEARCH 
_diffrn_detector.pdbx_collection_date   2003-07-03 
_diffrn_detector.details                ? 
# 
_diffrn_radiation.diffrn_id                        1 
_diffrn_radiation.pdbx_diffrn_protocol             'SINGLE WAVELENGTH' 
_diffrn_radiation.monochromator                    graphite 
_diffrn_radiation.wavelength_id                    1 
_diffrn_radiation.pdbx_monochromatic_or_laue_m_l   M 
_diffrn_radiation.pdbx_scattering_type             x-ray 
# 
_diffrn_radiation_wavelength.id           1 
_diffrn_radiation_wavelength.wavelength   1.542 
_diffrn_radiation_wavelength.wt           1.0 
# 
_diffrn_source.diffrn_id                   1 
_diffrn_source.source                      'ROTATING ANODE' 
_diffrn_source.type                        'RIGAKU RU200' 
_diffrn_source.pdbx_wavelength_list        1.542 
_diffrn_source.pdbx_wavelength             ? 
_diffrn_source.pdbx_synchrotron_site       ? 
_diffrn_source.pdbx_synchrotron_beamline   ? 
# 
_reflns.entry_id                     2RIU 
_reflns.observed_criterion_sigma_F   ? 
_reflns.observed_criterion_sigma_I   ? 
_reflns.d_resolution_high            1.66 
_reflns.d_resolution_low             51.71 
_reflns.number_all                   ? 
_reflns.number_obs                   20361 
_reflns.percent_possible_obs         ? 
_reflns.pdbx_Rmerge_I_obs            ? 
_reflns.pdbx_Rsym_value              ? 
_reflns.pdbx_netI_over_sigmaI        ? 
_reflns.B_iso_Wilson_estimate        ? 
_reflns.pdbx_redundancy              ? 
_reflns.R_free_details               ? 
_reflns.limit_h_max                  ? 
_reflns.limit_h_min                  ? 
_reflns.limit_k_max                  ? 
_reflns.limit_k_min                  ? 
_reflns.limit_l_max                  ? 
_reflns.limit_l_min                  ? 
_reflns.observed_criterion_F_max     ? 
_reflns.observed_criterion_F_min     ? 
_reflns.pdbx_chi_squared             ? 
_reflns.pdbx_scaling_rejects         ? 
_reflns.pdbx_diffrn_id               1 
_reflns.pdbx_ordinal                 1 
# 
_refine.entry_id                                 2RIU 
_refine.ls_d_res_high                            1.700 
_refine.ls_d_res_low                             51.710 
_refine.pdbx_ls_sigma_F                          0.00 
_refine.ls_percent_reflns_obs                    93.000 
_refine.ls_number_reflns_obs                     20361 
_refine.pdbx_ls_cross_valid_method               THROUGHOUT 
_refine.pdbx_R_Free_selection_details            RANDOM 
_refine.details                                  'HYDROGENS HAVE BEEN ADDED IN THE RIDING POSITIONS' 
_refine.ls_R_factor_obs                          0.187 
_refine.ls_R_factor_R_work                       0.185 
_refine.ls_R_factor_R_free                       0.215 
_refine.ls_percent_reflns_R_free                 5.200 
_refine.ls_number_reflns_R_free                  1050 
_refine.B_iso_mean                               13.836 
_refine.aniso_B[1][1]                            -0.850 
_refine.aniso_B[2][2]                            0.850 
_refine.aniso_B[3][3]                            -0.210 
_refine.aniso_B[1][2]                            0.000 
_refine.aniso_B[1][3]                            0.330 
_refine.aniso_B[2][3]                            0.000 
_refine.correlation_coeff_Fo_to_Fc               0.945 
_refine.correlation_coeff_Fo_to_Fc_free          0.927 
_refine.pdbx_overall_ESU_R                       0.120 
_refine.pdbx_overall_ESU_R_Free                  0.112 
_refine.overall_SU_ML                            0.060 
_refine.overall_SU_B                             1.734 
_refine.solvent_model_details                    'BABINET MODEL WITH MASK' 
_refine.pdbx_solvent_vdw_probe_radii             1.400 
_refine.pdbx_solvent_ion_probe_radii             0.800 
_refine.pdbx_solvent_shrinkage_radii             0.800 
_refine.pdbx_method_to_determine_struct          ? 
_refine.pdbx_stereochemistry_target_values       'MAXIMUM LIKELIHOOD' 
_refine.pdbx_ls_sigma_I                          ? 
_refine.ls_number_reflns_all                     ? 
_refine.ls_R_factor_all                          ? 
_refine.ls_redundancy_reflns_obs                 ? 
_refine.pdbx_data_cutoff_high_absF               ? 
_refine.pdbx_data_cutoff_low_absF                ? 
_refine.ls_number_parameters                     ? 
_refine.ls_number_restraints                     ? 
_refine.ls_R_factor_R_free_error                 ? 
_refine.ls_R_factor_R_free_error_details         ? 
_refine.pdbx_starting_model                      ? 
_refine.pdbx_stereochem_target_val_spec_case     ? 
_refine.solvent_model_param_bsol                 ? 
_refine.solvent_model_param_ksol                 ? 
_refine.occupancy_max                            ? 
_refine.occupancy_min                            ? 
_refine.pdbx_isotropic_thermal_model             ? 
_refine.B_iso_min                                ? 
_refine.B_iso_max                                ? 
_refine.overall_SU_R_Cruickshank_DPI             ? 
_refine.overall_SU_R_free                        ? 
_refine.pdbx_data_cutoff_high_rms_absF           ? 
_refine.ls_wR_factor_R_free                      ? 
_refine.ls_wR_factor_R_work                      ? 
_refine.overall_FOM_free_R_set                   ? 
_refine.overall_FOM_work_R_set                   ? 
_refine.pdbx_overall_phase_error                 ? 
_refine.pdbx_refine_id                           'X-RAY DIFFRACTION' 
_refine.pdbx_diffrn_id                           1 
_refine.pdbx_TLS_residual_ADP_flag               ? 
_refine.pdbx_overall_SU_R_free_Cruickshank_DPI   ? 
_refine.pdbx_overall_SU_R_Blow_DPI               ? 
_refine.pdbx_overall_SU_R_free_Blow_DPI          ? 
# 
_refine_hist.pdbx_refine_id                   'X-RAY DIFFRACTION' 
_refine_hist.cycle_id                         LAST 
_refine_hist.pdbx_number_atoms_protein        1521 
_refine_hist.pdbx_number_atoms_nucleic_acid   0 
_refine_hist.pdbx_number_atoms_ligand         14 
_refine_hist.number_atoms_solvent             151 
_refine_hist.number_atoms_total               1686 
_refine_hist.d_res_high                       1.700 
_refine_hist.d_res_low                        51.710 
# 
loop_
_refine_ls_restr.type 
_refine_ls_restr.number 
_refine_ls_restr.dev_ideal 
_refine_ls_restr.dev_ideal_target 
_refine_ls_restr.weight 
_refine_ls_restr.pdbx_refine_id 
_refine_ls_restr.pdbx_restraint_function 
r_bond_refined_d         1553 0.007  0.022  ? 'X-RAY DIFFRACTION' ? 
r_angle_refined_deg      2098 1.129  1.998  ? 'X-RAY DIFFRACTION' ? 
r_dihedral_angle_1_deg   192  5.412  5.000  ? 'X-RAY DIFFRACTION' ? 
r_dihedral_angle_2_deg   70   31.630 24.714 ? 'X-RAY DIFFRACTION' ? 
r_dihedral_angle_3_deg   284  13.904 15.000 ? 'X-RAY DIFFRACTION' ? 
r_dihedral_angle_4_deg   11   9.066  15.000 ? 'X-RAY DIFFRACTION' ? 
r_chiral_restr           241  0.075  0.200  ? 'X-RAY DIFFRACTION' ? 
r_gen_planes_refined     1153 0.003  0.020  ? 'X-RAY DIFFRACTION' ? 
r_nbd_refined            792  0.207  0.200  ? 'X-RAY DIFFRACTION' ? 
r_nbtor_refined          1083 0.304  0.200  ? 'X-RAY DIFFRACTION' ? 
r_xyhbond_nbd_refined    140  0.115  0.200  ? 'X-RAY DIFFRACTION' ? 
r_symmetry_vdw_refined   41   0.124  0.200  ? 'X-RAY DIFFRACTION' ? 
r_symmetry_hbond_refined 27   0.211  0.200  ? 'X-RAY DIFFRACTION' ? 
r_mcbond_it              996  0.468  1.500  ? 'X-RAY DIFFRACTION' ? 
r_mcangle_it             1558 0.764  2.000  ? 'X-RAY DIFFRACTION' ? 
r_scbond_it              611  1.448  3.000  ? 'X-RAY DIFFRACTION' ? 
r_scangle_it             540  2.398  4.500  ? 'X-RAY DIFFRACTION' ? 
# 
_refine_ls_shell.d_res_high                       1.70 
_refine_ls_shell.d_res_low                        1.741 
_refine_ls_shell.pdbx_total_number_of_bins_used   20 
_refine_ls_shell.percent_reflns_obs               87.550 
_refine_ls_shell.number_reflns_R_work             1328 
_refine_ls_shell.R_factor_all                     ? 
_refine_ls_shell.R_factor_R_work                  0.230 
_refine_ls_shell.R_factor_R_free                  0.230 
_refine_ls_shell.percent_reflns_R_free            ? 
_refine_ls_shell.number_reflns_R_free             72 
_refine_ls_shell.R_factor_R_free_error            ? 
_refine_ls_shell.number_reflns_all                1400 
_refine_ls_shell.number_reflns_obs                ? 
_refine_ls_shell.redundancy_reflns_obs            ? 
_refine_ls_shell.pdbx_refine_id                   'X-RAY DIFFRACTION' 
# 
_struct.entry_id                  2RIU 
_struct.title                     
;Alternative models for two crystal structures of Candida albicans 3,4-dihydroxy-2-butanone 4-phosphate synthase- alternate interpreation
;
_struct.pdbx_model_details        ? 
_struct.pdbx_CASP_flag            ? 
_struct.pdbx_model_type_details   ? 
# 
_struct_keywords.entry_id        2RIU 
_struct_keywords.text            'alternate model, Magnesium, Manganese, Metal-binding, Riboflavin biosynthesis, ISOMERASE' 
_struct_keywords.pdbx_keywords   ISOMERASE 
# 
loop_
_struct_asym.id 
_struct_asym.pdbx_blank_PDB_chainid_flag 
_struct_asym.pdbx_modified 
_struct_asym.entity_id 
_struct_asym.details 
A N N 1 ? 
B N N 2 ? 
C N N 3 ? 
# 
_struct_ref.id                         1 
_struct_ref.db_name                    UNP 
_struct_ref.db_code                    RIB3_CANAL 
_struct_ref.pdbx_db_accession          Q5A3V6 
_struct_ref.entity_id                  1 
_struct_ref.pdbx_seq_one_letter_code   
;MTNIFTPIEEALEAYKNGEFLIVMDDEDRENEGDLIMAAELITQEKMAFLVRYSSGYVCVPLSEERANQLELPPMLANRS
DRHGTAYTITCDFAEGTTTGISAHDRALTTRSLANPNSKPQDFIKPGHILPLRAVPGLLKKRRGHTEAAVQLSTLAGLQP
AGVICELVRDEDGLMMRLDDCIQFGKKHGIKIININQLVEYISK
;
_struct_ref.pdbx_align_begin           1 
_struct_ref.pdbx_db_isoform            ? 
# 
_struct_ref_seq.align_id                      1 
_struct_ref_seq.ref_id                        1 
_struct_ref_seq.pdbx_PDB_id_code              2RIU 
_struct_ref_seq.pdbx_strand_id                A 
_struct_ref_seq.seq_align_beg                 1 
_struct_ref_seq.pdbx_seq_align_beg_ins_code   ? 
_struct_ref_seq.seq_align_end                 204 
_struct_ref_seq.pdbx_seq_align_end_ins_code   ? 
_struct_ref_seq.pdbx_db_accession             Q5A3V6 
_struct_ref_seq.db_align_beg                  1 
_struct_ref_seq.pdbx_db_align_beg_ins_code    ? 
_struct_ref_seq.db_align_end                  204 
_struct_ref_seq.pdbx_db_align_end_ins_code    ? 
_struct_ref_seq.pdbx_auth_seq_align_beg       1 
_struct_ref_seq.pdbx_auth_seq_align_end       204 
# 
_pdbx_struct_assembly.id                   1 
_pdbx_struct_assembly.details              author_and_software_defined_assembly 
_pdbx_struct_assembly.method_details       PISA 
_pdbx_struct_assembly.oligomeric_details   dimeric 
_pdbx_struct_assembly.oligomeric_count     2 
# 
_pdbx_struct_assembly_prop.biol_id   1 
_pdbx_struct_assembly_prop.type      'ABSA (A^2)' 
_pdbx_struct_assembly_prop.value     3250 
_pdbx_struct_assembly_prop.details   ? 
# 
_pdbx_struct_assembly_gen.assembly_id       1 
_pdbx_struct_assembly_gen.oper_expression   1,2 
_pdbx_struct_assembly_gen.asym_id_list      A,B,C 
# 
loop_
_pdbx_struct_oper_list.id 
_pdbx_struct_oper_list.type 
_pdbx_struct_oper_list.name 
_pdbx_struct_oper_list.symmetry_operation 
_pdbx_struct_oper_list.matrix[1][1] 
_pdbx_struct_oper_list.matrix[1][2] 
_pdbx_struct_oper_list.matrix[1][3] 
_pdbx_struct_oper_list.vector[1] 
_pdbx_struct_oper_list.matrix[2][1] 
_pdbx_struct_oper_list.matrix[2][2] 
_pdbx_struct_oper_list.matrix[2][3] 
_pdbx_struct_oper_list.vector[2] 
_pdbx_struct_oper_list.matrix[3][1] 
_pdbx_struct_oper_list.matrix[3][2] 
_pdbx_struct_oper_list.matrix[3][3] 
_pdbx_struct_oper_list.vector[3] 
1 'identity operation'         1_555 x,y,z     1.0000000000  0.0000000000  0.0000000000 0.0000000000  0.0000000000  1.0000000000  0.0000000000  0.0000000000  0.0000000000 0.0000000000  1.0000000000  0.0000000000  
2 'crystal symmetry operation' 2_554 -x,y,-z-1 -0.8516845021 -0.3738187671 0.3672778761 10.7342306263 -0.3738187671 -0.0578161244 -0.9256980205 19.1225993253 0.3672778761 -0.9256980205 -0.0904993735 15.1284193936 
# 
_struct_biol.id        1 
_struct_biol.details   ? 
# 
loop_
_struct_conf.conf_type_id 
_struct_conf.id 
_struct_conf.pdbx_PDB_helix_id 
_struct_conf.beg_label_comp_id 
_struct_conf.beg_label_asym_id 
_struct_conf.beg_label_seq_id 
_struct_conf.pdbx_beg_PDB_ins_code 
_struct_conf.end_label_comp_id 
_struct_conf.end_label_asym_id 
_struct_conf.end_label_seq_id 
_struct_conf.pdbx_end_PDB_ins_code 
_struct_conf.beg_auth_comp_id 
_struct_conf.beg_auth_asym_id 
_struct_conf.beg_auth_seq_id 
_struct_conf.end_auth_comp_id 
_struct_conf.end_auth_asym_id 
_struct_conf.end_auth_seq_id 
_struct_conf.pdbx_PDB_helix_class 
_struct_conf.details 
_struct_conf.pdbx_PDB_helix_length 
HELX_P HELX_P1  1  PRO A 7   ? ASN A 17  ? PRO A 7   ASN A 17  1 ? 11 
HELX_P HELX_P2  2  GLU A 40  ? ILE A 42  ? GLU A 40  ILE A 42  5 ? 3  
HELX_P HELX_P3  3  THR A 43  ? TYR A 53  ? THR A 43  TYR A 53  1 ? 11 
HELX_P HELX_P4  4  GLU A 64  ? LEU A 70  ? GLU A 64  LEU A 70  1 ? 7  
HELX_P HELX_P5  5  SER A 102 ? ASN A 115 ? SER A 102 ASN A 115 1 ? 14 
HELX_P HELX_P6  6  LYS A 119 ? GLN A 121 ? LYS A 119 GLN A 121 5 ? 3  
HELX_P HELX_P7  7  GLY A 137 ? LYS A 141 ? GLY A 137 LYS A 141 5 ? 5  
HELX_P HELX_P8  8  GLY A 144 ? ALA A 156 ? GLY A 144 ALA A 156 1 ? 13 
HELX_P HELX_P9  9  ARG A 177 ? GLY A 189 ? ARG A 177 GLY A 189 1 ? 13 
HELX_P HELX_P10 10 ILE A 195 ? SER A 203 ? ILE A 195 SER A 203 1 ? 9  
# 
_struct_conf_type.id          HELX_P 
_struct_conf_type.criteria    ? 
_struct_conf_type.reference   ? 
# 
_struct_mon_prot_cis.pdbx_id                1 
_struct_mon_prot_cis.label_comp_id          LYS 
_struct_mon_prot_cis.label_seq_id           125 
_struct_mon_prot_cis.label_asym_id          A 
_struct_mon_prot_cis.label_alt_id           . 
_struct_mon_prot_cis.pdbx_PDB_ins_code      ? 
_struct_mon_prot_cis.auth_comp_id           LYS 
_struct_mon_prot_cis.auth_seq_id            125 
_struct_mon_prot_cis.auth_asym_id           A 
_struct_mon_prot_cis.pdbx_label_comp_id_2   PRO 
_struct_mon_prot_cis.pdbx_label_seq_id_2    126 
_struct_mon_prot_cis.pdbx_label_asym_id_2   A 
_struct_mon_prot_cis.pdbx_PDB_ins_code_2    ? 
_struct_mon_prot_cis.pdbx_auth_comp_id_2    PRO 
_struct_mon_prot_cis.pdbx_auth_seq_id_2     126 
_struct_mon_prot_cis.pdbx_auth_asym_id_2    A 
_struct_mon_prot_cis.pdbx_PDB_model_num     1 
_struct_mon_prot_cis.pdbx_omega_angle       -4.91 
# 
loop_
_struct_sheet.id 
_struct_sheet.type 
_struct_sheet.number_strands 
_struct_sheet.details 
A ? 4 ? 
B ? 3 ? 
# 
loop_
_struct_sheet_order.sheet_id 
_struct_sheet_order.range_id_1 
_struct_sheet_order.range_id_2 
_struct_sheet_order.offset 
_struct_sheet_order.sense 
A 1 2 ? anti-parallel 
A 2 3 ? anti-parallel 
A 3 4 ? parallel      
B 1 2 ? parallel      
B 2 3 ? anti-parallel 
# 
loop_
_struct_sheet_range.sheet_id 
_struct_sheet_range.id 
_struct_sheet_range.beg_label_comp_id 
_struct_sheet_range.beg_label_asym_id 
_struct_sheet_range.beg_label_seq_id 
_struct_sheet_range.pdbx_beg_PDB_ins_code 
_struct_sheet_range.end_label_comp_id 
_struct_sheet_range.end_label_asym_id 
_struct_sheet_range.end_label_seq_id 
_struct_sheet_range.pdbx_end_PDB_ins_code 
_struct_sheet_range.beg_auth_comp_id 
_struct_sheet_range.beg_auth_asym_id 
_struct_sheet_range.beg_auth_seq_id 
_struct_sheet_range.end_auth_comp_id 
_struct_sheet_range.end_auth_asym_id 
_struct_sheet_range.end_auth_seq_id 
A 1 GLY A 162 ? GLU A 166 ? GLY A 162 GLU A 166 
A 2 ASP A 34  ? ALA A 38  ? ASP A 34  ALA A 38  
A 3 LEU A 21  ? MET A 24  ? LEU A 21  MET A 24  
A 4 ILE A 192 ? ASN A 194 ? ILE A 192 ASN A 194 
B 1 CYS A 59  ? SER A 63  ? CYS A 59  SER A 63  
B 2 PHE A 123 ? ALA A 134 ? PHE A 123 ALA A 134 
B 3 CYS A 91  ? PHE A 93  ? CYS A 91  PHE A 93  
# 
loop_
_pdbx_struct_sheet_hbond.sheet_id 
_pdbx_struct_sheet_hbond.range_id_1 
_pdbx_struct_sheet_hbond.range_id_2 
_pdbx_struct_sheet_hbond.range_1_label_atom_id 
_pdbx_struct_sheet_hbond.range_1_label_comp_id 
_pdbx_struct_sheet_hbond.range_1_label_asym_id 
_pdbx_struct_sheet_hbond.range_1_label_seq_id 
_pdbx_struct_sheet_hbond.range_1_PDB_ins_code 
_pdbx_struct_sheet_hbond.range_1_auth_atom_id 
_pdbx_struct_sheet_hbond.range_1_auth_comp_id 
_pdbx_struct_sheet_hbond.range_1_auth_asym_id 
_pdbx_struct_sheet_hbond.range_1_auth_seq_id 
_pdbx_struct_sheet_hbond.range_2_label_atom_id 
_pdbx_struct_sheet_hbond.range_2_label_comp_id 
_pdbx_struct_sheet_hbond.range_2_label_asym_id 
_pdbx_struct_sheet_hbond.range_2_label_seq_id 
_pdbx_struct_sheet_hbond.range_2_PDB_ins_code 
_pdbx_struct_sheet_hbond.range_2_auth_atom_id 
_pdbx_struct_sheet_hbond.range_2_auth_comp_id 
_pdbx_struct_sheet_hbond.range_2_auth_asym_id 
_pdbx_struct_sheet_hbond.range_2_auth_seq_id 
A 1 2 O CYS A 165 ? O CYS A 165 N LEU A 35  ? N LEU A 35  
A 2 3 O ASP A 34  ? O ASP A 34  N VAL A 23  ? N VAL A 23  
A 3 4 N ILE A 22  ? N ILE A 22  O ILE A 193 ? O ILE A 193 
B 1 2 N LEU A 62  ? N LEU A 62  O ALA A 134 ? O ALA A 134 
B 2 3 O ILE A 124 ? O ILE A 124 N ASP A 92  ? N ASP A 92  
# 
_struct_site.id                   AC1 
_struct_site.pdbx_evidence_code   Software 
_struct_site.pdbx_auth_asym_id    A 
_struct_site.pdbx_auth_comp_id    5RP 
_struct_site.pdbx_auth_seq_id     701 
_struct_site.pdbx_auth_ins_code   ? 
_struct_site.pdbx_num_residues    13 
_struct_site.details              'BINDING SITE FOR RESIDUE 5RP A 701' 
# 
loop_
_struct_site_gen.id 
_struct_site_gen.site_id 
_struct_site_gen.pdbx_num_res 
_struct_site_gen.label_comp_id 
_struct_site_gen.label_asym_id 
_struct_site_gen.label_seq_id 
_struct_site_gen.pdbx_auth_ins_code 
_struct_site_gen.auth_comp_id 
_struct_site_gen.auth_asym_id 
_struct_site_gen.auth_seq_id 
_struct_site_gen.label_atom_id 
_struct_site_gen.label_alt_id 
_struct_site_gen.symmetry 
_struct_site_gen.details 
1  AC1 13 ASP A 34  ? ASP A 34  . ? 1_555 ? 
2  AC1 13 CYS A 59  ? CYS A 59  . ? 1_555 ? 
3  AC1 13 THR A 85  ? THR A 85  . ? 1_555 ? 
4  AC1 13 LEU A 132 ? LEU A 132 . ? 1_555 ? 
5  AC1 13 ARG A 142 ? ARG A 142 . ? 1_555 ? 
6  AC1 13 GLY A 144 ? GLY A 144 . ? 1_555 ? 
7  AC1 13 HIS A 145 ? HIS A 145 . ? 1_555 ? 
8  AC1 13 THR A 146 ? THR A 146 . ? 1_555 ? 
9  AC1 13 ILE A 164 ? ILE A 164 . ? 1_555 ? 
10 AC1 13 GLU A 166 ? GLU A 166 . ? 1_555 ? 
11 AC1 13 HOH C .   ? HOH A 773 . ? 2_554 ? 
12 AC1 13 HOH C .   ? HOH A 798 . ? 1_555 ? 
13 AC1 13 HOH C .   ? HOH A 814 . ? 1_555 ? 
# 
_pdbx_validate_symm_contact.id                1 
_pdbx_validate_symm_contact.PDB_model_num     1 
_pdbx_validate_symm_contact.auth_atom_id_1    O 
_pdbx_validate_symm_contact.auth_asym_id_1    A 
_pdbx_validate_symm_contact.auth_comp_id_1    HOH 
_pdbx_validate_symm_contact.auth_seq_id_1     721 
_pdbx_validate_symm_contact.PDB_ins_code_1    ? 
_pdbx_validate_symm_contact.label_alt_id_1    ? 
_pdbx_validate_symm_contact.site_symmetry_1   1_555 
_pdbx_validate_symm_contact.auth_atom_id_2    O 
_pdbx_validate_symm_contact.auth_asym_id_2    A 
_pdbx_validate_symm_contact.auth_comp_id_2    HOH 
_pdbx_validate_symm_contact.auth_seq_id_2     807 
_pdbx_validate_symm_contact.PDB_ins_code_2    ? 
_pdbx_validate_symm_contact.label_alt_id_2    ? 
_pdbx_validate_symm_contact.site_symmetry_2   2_554 
_pdbx_validate_symm_contact.dist              2.04 
# 
_pdbx_validate_rmsd_bond.id                        1 
_pdbx_validate_rmsd_bond.PDB_model_num             1 
_pdbx_validate_rmsd_bond.auth_atom_id_1            C 
_pdbx_validate_rmsd_bond.auth_asym_id_1            A 
_pdbx_validate_rmsd_bond.auth_comp_id_1            LEU 
_pdbx_validate_rmsd_bond.auth_seq_id_1             76 
_pdbx_validate_rmsd_bond.PDB_ins_code_1            ? 
_pdbx_validate_rmsd_bond.label_alt_id_1            ? 
_pdbx_validate_rmsd_bond.auth_atom_id_2            N 
_pdbx_validate_rmsd_bond.auth_asym_id_2            A 
_pdbx_validate_rmsd_bond.auth_comp_id_2            ALA 
_pdbx_validate_rmsd_bond.auth_seq_id_2             77 
_pdbx_validate_rmsd_bond.PDB_ins_code_2            ? 
_pdbx_validate_rmsd_bond.label_alt_id_2            ? 
_pdbx_validate_rmsd_bond.bond_value                1.552 
_pdbx_validate_rmsd_bond.bond_target_value         1.336 
_pdbx_validate_rmsd_bond.bond_deviation            0.216 
_pdbx_validate_rmsd_bond.bond_standard_deviation   0.023 
_pdbx_validate_rmsd_bond.linker_flag               Y 
# 
loop_
_pdbx_validate_torsion.id 
_pdbx_validate_torsion.PDB_model_num 
_pdbx_validate_torsion.auth_comp_id 
_pdbx_validate_torsion.auth_asym_id 
_pdbx_validate_torsion.auth_seq_id 
_pdbx_validate_torsion.PDB_ins_code 
_pdbx_validate_torsion.label_alt_id 
_pdbx_validate_torsion.phi 
_pdbx_validate_torsion.psi 
1 1 ASP A 26  ? ? -151.92 -152.74 
2 1 THR A 98  ? ? -122.87 -80.62  
3 1 LEU A 138 ? ? 49.25   -125.60 
4 1 ARG A 143 ? ? -88.29  47.43   
# 
_pdbx_validate_main_chain_plane.id                       1 
_pdbx_validate_main_chain_plane.PDB_model_num            1 
_pdbx_validate_main_chain_plane.auth_comp_id             LEU 
_pdbx_validate_main_chain_plane.auth_asym_id             A 
_pdbx_validate_main_chain_plane.auth_seq_id              76 
_pdbx_validate_main_chain_plane.PDB_ins_code             ? 
_pdbx_validate_main_chain_plane.label_alt_id             ? 
_pdbx_validate_main_chain_plane.improper_torsion_angle   -21.24 
# 
loop_
_pdbx_unobs_or_zero_occ_residues.id 
_pdbx_unobs_or_zero_occ_residues.PDB_model_num 
_pdbx_unobs_or_zero_occ_residues.polymer_flag 
_pdbx_unobs_or_zero_occ_residues.occupancy_flag 
_pdbx_unobs_or_zero_occ_residues.auth_asym_id 
_pdbx_unobs_or_zero_occ_residues.auth_comp_id 
_pdbx_unobs_or_zero_occ_residues.auth_seq_id 
_pdbx_unobs_or_zero_occ_residues.PDB_ins_code 
_pdbx_unobs_or_zero_occ_residues.label_asym_id 
_pdbx_unobs_or_zero_occ_residues.label_comp_id 
_pdbx_unobs_or_zero_occ_residues.label_seq_id 
1  1 Y 1 A MET 1   ? A MET 1   
2  1 Y 1 A THR 2   ? A THR 2   
3  1 Y 0 A ALA 77  ? A ALA 77  
4  1 Y 1 A ASN 78  ? A ASN 78  
5  1 Y 1 A ARG 79  ? A ARG 79  
6  1 Y 1 A SER 80  ? A SER 80  
7  1 Y 1 A ASP 81  ? A ASP 81  
8  1 Y 1 A ARG 82  ? A ARG 82  
9  1 Y 1 A HIS 83  ? A HIS 83  
10 1 Y 1 A LYS 204 ? A LYS 204 
# 
loop_
_chem_comp_atom.comp_id 
_chem_comp_atom.atom_id 
_chem_comp_atom.type_symbol 
_chem_comp_atom.pdbx_aromatic_flag 
_chem_comp_atom.pdbx_stereo_config 
_chem_comp_atom.pdbx_ordinal 
5RP C2   C N N 1   
5RP C3   C N N 2   
5RP C5   C N R 3   
5RP O13  O N N 4   
5RP C6   C N R 5   
5RP O14  O N N 6   
5RP C7   C N N 7   
5RP O8   O N N 8   
5RP P9   P N N 9   
5RP O12  O N N 10  
5RP O11  O N N 11  
5RP O10  O N N 12  
5RP O4   O N N 13  
5RP O1   O N N 14  
5RP H21  H N N 15  
5RP H22  H N N 16  
5RP H5   H N N 17  
5RP H13  H N N 18  
5RP H6   H N N 19  
5RP H14  H N N 20  
5RP H71  H N N 21  
5RP H72  H N N 22  
5RP H11  H N N 23  
5RP H10  H N N 24  
5RP HO1  H N N 25  
ALA N    N N N 26  
ALA CA   C N S 27  
ALA C    C N N 28  
ALA O    O N N 29  
ALA CB   C N N 30  
ALA OXT  O N N 31  
ALA H    H N N 32  
ALA H2   H N N 33  
ALA HA   H N N 34  
ALA HB1  H N N 35  
ALA HB2  H N N 36  
ALA HB3  H N N 37  
ALA HXT  H N N 38  
ARG N    N N N 39  
ARG CA   C N S 40  
ARG C    C N N 41  
ARG O    O N N 42  
ARG CB   C N N 43  
ARG CG   C N N 44  
ARG CD   C N N 45  
ARG NE   N N N 46  
ARG CZ   C N N 47  
ARG NH1  N N N 48  
ARG NH2  N N N 49  
ARG OXT  O N N 50  
ARG H    H N N 51  
ARG H2   H N N 52  
ARG HA   H N N 53  
ARG HB2  H N N 54  
ARG HB3  H N N 55  
ARG HG2  H N N 56  
ARG HG3  H N N 57  
ARG HD2  H N N 58  
ARG HD3  H N N 59  
ARG HE   H N N 60  
ARG HH11 H N N 61  
ARG HH12 H N N 62  
ARG HH21 H N N 63  
ARG HH22 H N N 64  
ARG HXT  H N N 65  
ASN N    N N N 66  
ASN CA   C N S 67  
ASN C    C N N 68  
ASN O    O N N 69  
ASN CB   C N N 70  
ASN CG   C N N 71  
ASN OD1  O N N 72  
ASN ND2  N N N 73  
ASN OXT  O N N 74  
ASN H    H N N 75  
ASN H2   H N N 76  
ASN HA   H N N 77  
ASN HB2  H N N 78  
ASN HB3  H N N 79  
ASN HD21 H N N 80  
ASN HD22 H N N 81  
ASN HXT  H N N 82  
ASP N    N N N 83  
ASP CA   C N S 84  
ASP C    C N N 85  
ASP O    O N N 86  
ASP CB   C N N 87  
ASP CG   C N N 88  
ASP OD1  O N N 89  
ASP OD2  O N N 90  
ASP OXT  O N N 91  
ASP H    H N N 92  
ASP H2   H N N 93  
ASP HA   H N N 94  
ASP HB2  H N N 95  
ASP HB3  H N N 96  
ASP HD2  H N N 97  
ASP HXT  H N N 98  
CYS N    N N N 99  
CYS CA   C N R 100 
CYS C    C N N 101 
CYS O    O N N 102 
CYS CB   C N N 103 
CYS SG   S N N 104 
CYS OXT  O N N 105 
CYS H    H N N 106 
CYS H2   H N N 107 
CYS HA   H N N 108 
CYS HB2  H N N 109 
CYS HB3  H N N 110 
CYS HG   H N N 111 
CYS HXT  H N N 112 
GLN N    N N N 113 
GLN CA   C N S 114 
GLN C    C N N 115 
GLN O    O N N 116 
GLN CB   C N N 117 
GLN CG   C N N 118 
GLN CD   C N N 119 
GLN OE1  O N N 120 
GLN NE2  N N N 121 
GLN OXT  O N N 122 
GLN H    H N N 123 
GLN H2   H N N 124 
GLN HA   H N N 125 
GLN HB2  H N N 126 
GLN HB3  H N N 127 
GLN HG2  H N N 128 
GLN HG3  H N N 129 
GLN HE21 H N N 130 
GLN HE22 H N N 131 
GLN HXT  H N N 132 
GLU N    N N N 133 
GLU CA   C N S 134 
GLU C    C N N 135 
GLU O    O N N 136 
GLU CB   C N N 137 
GLU CG   C N N 138 
GLU CD   C N N 139 
GLU OE1  O N N 140 
GLU OE2  O N N 141 
GLU OXT  O N N 142 
GLU H    H N N 143 
GLU H2   H N N 144 
GLU HA   H N N 145 
GLU HB2  H N N 146 
GLU HB3  H N N 147 
GLU HG2  H N N 148 
GLU HG3  H N N 149 
GLU HE2  H N N 150 
GLU HXT  H N N 151 
GLY N    N N N 152 
GLY CA   C N N 153 
GLY C    C N N 154 
GLY O    O N N 155 
GLY OXT  O N N 156 
GLY H    H N N 157 
GLY H2   H N N 158 
GLY HA2  H N N 159 
GLY HA3  H N N 160 
GLY HXT  H N N 161 
HIS N    N N N 162 
HIS CA   C N S 163 
HIS C    C N N 164 
HIS O    O N N 165 
HIS CB   C N N 166 
HIS CG   C Y N 167 
HIS ND1  N Y N 168 
HIS CD2  C Y N 169 
HIS CE1  C Y N 170 
HIS NE2  N Y N 171 
HIS OXT  O N N 172 
HIS H    H N N 173 
HIS H2   H N N 174 
HIS HA   H N N 175 
HIS HB2  H N N 176 
HIS HB3  H N N 177 
HIS HD1  H N N 178 
HIS HD2  H N N 179 
HIS HE1  H N N 180 
HIS HE2  H N N 181 
HIS HXT  H N N 182 
HOH O    O N N 183 
HOH H1   H N N 184 
HOH H2   H N N 185 
ILE N    N N N 186 
ILE CA   C N S 187 
ILE C    C N N 188 
ILE O    O N N 189 
ILE CB   C N S 190 
ILE CG1  C N N 191 
ILE CG2  C N N 192 
ILE CD1  C N N 193 
ILE OXT  O N N 194 
ILE H    H N N 195 
ILE H2   H N N 196 
ILE HA   H N N 197 
ILE HB   H N N 198 
ILE HG12 H N N 199 
ILE HG13 H N N 200 
ILE HG21 H N N 201 
ILE HG22 H N N 202 
ILE HG23 H N N 203 
ILE HD11 H N N 204 
ILE HD12 H N N 205 
ILE HD13 H N N 206 
ILE HXT  H N N 207 
LEU N    N N N 208 
LEU CA   C N S 209 
LEU C    C N N 210 
LEU O    O N N 211 
LEU CB   C N N 212 
LEU CG   C N N 213 
LEU CD1  C N N 214 
LEU CD2  C N N 215 
LEU OXT  O N N 216 
LEU H    H N N 217 
LEU H2   H N N 218 
LEU HA   H N N 219 
LEU HB2  H N N 220 
LEU HB3  H N N 221 
LEU HG   H N N 222 
LEU HD11 H N N 223 
LEU HD12 H N N 224 
LEU HD13 H N N 225 
LEU HD21 H N N 226 
LEU HD22 H N N 227 
LEU HD23 H N N 228 
LEU HXT  H N N 229 
LYS N    N N N 230 
LYS CA   C N S 231 
LYS C    C N N 232 
LYS O    O N N 233 
LYS CB   C N N 234 
LYS CG   C N N 235 
LYS CD   C N N 236 
LYS CE   C N N 237 
LYS NZ   N N N 238 
LYS OXT  O N N 239 
LYS H    H N N 240 
LYS H2   H N N 241 
LYS HA   H N N 242 
LYS HB2  H N N 243 
LYS HB3  H N N 244 
LYS HG2  H N N 245 
LYS HG3  H N N 246 
LYS HD2  H N N 247 
LYS HD3  H N N 248 
LYS HE2  H N N 249 
LYS HE3  H N N 250 
LYS HZ1  H N N 251 
LYS HZ2  H N N 252 
LYS HZ3  H N N 253 
LYS HXT  H N N 254 
MET N    N N N 255 
MET CA   C N S 256 
MET C    C N N 257 
MET O    O N N 258 
MET CB   C N N 259 
MET CG   C N N 260 
MET SD   S N N 261 
MET CE   C N N 262 
MET OXT  O N N 263 
MET H    H N N 264 
MET H2   H N N 265 
MET HA   H N N 266 
MET HB2  H N N 267 
MET HB3  H N N 268 
MET HG2  H N N 269 
MET HG3  H N N 270 
MET HE1  H N N 271 
MET HE2  H N N 272 
MET HE3  H N N 273 
MET HXT  H N N 274 
PHE N    N N N 275 
PHE CA   C N S 276 
PHE C    C N N 277 
PHE O    O N N 278 
PHE CB   C N N 279 
PHE CG   C Y N 280 
PHE CD1  C Y N 281 
PHE CD2  C Y N 282 
PHE CE1  C Y N 283 
PHE CE2  C Y N 284 
PHE CZ   C Y N 285 
PHE OXT  O N N 286 
PHE H    H N N 287 
PHE H2   H N N 288 
PHE HA   H N N 289 
PHE HB2  H N N 290 
PHE HB3  H N N 291 
PHE HD1  H N N 292 
PHE HD2  H N N 293 
PHE HE1  H N N 294 
PHE HE2  H N N 295 
PHE HZ   H N N 296 
PHE HXT  H N N 297 
PRO N    N N N 298 
PRO CA   C N S 299 
PRO C    C N N 300 
PRO O    O N N 301 
PRO CB   C N N 302 
PRO CG   C N N 303 
PRO CD   C N N 304 
PRO OXT  O N N 305 
PRO H    H N N 306 
PRO HA   H N N 307 
PRO HB2  H N N 308 
PRO HB3  H N N 309 
PRO HG2  H N N 310 
PRO HG3  H N N 311 
PRO HD2  H N N 312 
PRO HD3  H N N 313 
PRO HXT  H N N 314 
SER N    N N N 315 
SER CA   C N S 316 
SER C    C N N 317 
SER O    O N N 318 
SER CB   C N N 319 
SER OG   O N N 320 
SER OXT  O N N 321 
SER H    H N N 322 
SER H2   H N N 323 
SER HA   H N N 324 
SER HB2  H N N 325 
SER HB3  H N N 326 
SER HG   H N N 327 
SER HXT  H N N 328 
THR N    N N N 329 
THR CA   C N S 330 
THR C    C N N 331 
THR O    O N N 332 
THR CB   C N R 333 
THR OG1  O N N 334 
THR CG2  C N N 335 
THR OXT  O N N 336 
THR H    H N N 337 
THR H2   H N N 338 
THR HA   H N N 339 
THR HB   H N N 340 
THR HG1  H N N 341 
THR HG21 H N N 342 
THR HG22 H N N 343 
THR HG23 H N N 344 
THR HXT  H N N 345 
TYR N    N N N 346 
TYR CA   C N S 347 
TYR C    C N N 348 
TYR O    O N N 349 
TYR CB   C N N 350 
TYR CG   C Y N 351 
TYR CD1  C Y N 352 
TYR CD2  C Y N 353 
TYR CE1  C Y N 354 
TYR CE2  C Y N 355 
TYR CZ   C Y N 356 
TYR OH   O N N 357 
TYR OXT  O N N 358 
TYR H    H N N 359 
TYR H2   H N N 360 
TYR HA   H N N 361 
TYR HB2  H N N 362 
TYR HB3  H N N 363 
TYR HD1  H N N 364 
TYR HD2  H N N 365 
TYR HE1  H N N 366 
TYR HE2  H N N 367 
TYR HH   H N N 368 
TYR HXT  H N N 369 
VAL N    N N N 370 
VAL CA   C N S 371 
VAL C    C N N 372 
VAL O    O N N 373 
VAL CB   C N N 374 
VAL CG1  C N N 375 
VAL CG2  C N N 376 
VAL OXT  O N N 377 
VAL H    H N N 378 
VAL H2   H N N 379 
VAL HA   H N N 380 
VAL HB   H N N 381 
VAL HG11 H N N 382 
VAL HG12 H N N 383 
VAL HG13 H N N 384 
VAL HG21 H N N 385 
VAL HG22 H N N 386 
VAL HG23 H N N 387 
VAL HXT  H N N 388 
# 
loop_
_chem_comp_bond.comp_id 
_chem_comp_bond.atom_id_1 
_chem_comp_bond.atom_id_2 
_chem_comp_bond.value_order 
_chem_comp_bond.pdbx_aromatic_flag 
_chem_comp_bond.pdbx_stereo_config 
_chem_comp_bond.pdbx_ordinal 
5RP C2  C3   sing N N 1   
5RP C2  O1   sing N N 2   
5RP C2  H21  sing N N 3   
5RP C2  H22  sing N N 4   
5RP C3  C5   sing N N 5   
5RP C3  O4   doub N N 6   
5RP C5  O13  sing N N 7   
5RP C5  C6   sing N N 8   
5RP C5  H5   sing N N 9   
5RP O13 H13  sing N N 10  
5RP C6  O14  sing N N 11  
5RP C6  C7   sing N N 12  
5RP C6  H6   sing N N 13  
5RP O14 H14  sing N N 14  
5RP C7  O8   sing N N 15  
5RP C7  H71  sing N N 16  
5RP C7  H72  sing N N 17  
5RP O8  P9   sing N N 18  
5RP P9  O12  doub N N 19  
5RP P9  O11  sing N N 20  
5RP P9  O10  sing N N 21  
5RP O11 H11  sing N N 22  
5RP O10 H10  sing N N 23  
5RP O1  HO1  sing N N 24  
ALA N   CA   sing N N 25  
ALA N   H    sing N N 26  
ALA N   H2   sing N N 27  
ALA CA  C    sing N N 28  
ALA CA  CB   sing N N 29  
ALA CA  HA   sing N N 30  
ALA C   O    doub N N 31  
ALA C   OXT  sing N N 32  
ALA CB  HB1  sing N N 33  
ALA CB  HB2  sing N N 34  
ALA CB  HB3  sing N N 35  
ALA OXT HXT  sing N N 36  
ARG N   CA   sing N N 37  
ARG N   H    sing N N 38  
ARG N   H2   sing N N 39  
ARG CA  C    sing N N 40  
ARG CA  CB   sing N N 41  
ARG CA  HA   sing N N 42  
ARG C   O    doub N N 43  
ARG C   OXT  sing N N 44  
ARG CB  CG   sing N N 45  
ARG CB  HB2  sing N N 46  
ARG CB  HB3  sing N N 47  
ARG CG  CD   sing N N 48  
ARG CG  HG2  sing N N 49  
ARG CG  HG3  sing N N 50  
ARG CD  NE   sing N N 51  
ARG CD  HD2  sing N N 52  
ARG CD  HD3  sing N N 53  
ARG NE  CZ   sing N N 54  
ARG NE  HE   sing N N 55  
ARG CZ  NH1  sing N N 56  
ARG CZ  NH2  doub N N 57  
ARG NH1 HH11 sing N N 58  
ARG NH1 HH12 sing N N 59  
ARG NH2 HH21 sing N N 60  
ARG NH2 HH22 sing N N 61  
ARG OXT HXT  sing N N 62  
ASN N   CA   sing N N 63  
ASN N   H    sing N N 64  
ASN N   H2   sing N N 65  
ASN CA  C    sing N N 66  
ASN CA  CB   sing N N 67  
ASN CA  HA   sing N N 68  
ASN C   O    doub N N 69  
ASN C   OXT  sing N N 70  
ASN CB  CG   sing N N 71  
ASN CB  HB2  sing N N 72  
ASN CB  HB3  sing N N 73  
ASN CG  OD1  doub N N 74  
ASN CG  ND2  sing N N 75  
ASN ND2 HD21 sing N N 76  
ASN ND2 HD22 sing N N 77  
ASN OXT HXT  sing N N 78  
ASP N   CA   sing N N 79  
ASP N   H    sing N N 80  
ASP N   H2   sing N N 81  
ASP CA  C    sing N N 82  
ASP CA  CB   sing N N 83  
ASP CA  HA   sing N N 84  
ASP C   O    doub N N 85  
ASP C   OXT  sing N N 86  
ASP CB  CG   sing N N 87  
ASP CB  HB2  sing N N 88  
ASP CB  HB3  sing N N 89  
ASP CG  OD1  doub N N 90  
ASP CG  OD2  sing N N 91  
ASP OD2 HD2  sing N N 92  
ASP OXT HXT  sing N N 93  
CYS N   CA   sing N N 94  
CYS N   H    sing N N 95  
CYS N   H2   sing N N 96  
CYS CA  C    sing N N 97  
CYS CA  CB   sing N N 98  
CYS CA  HA   sing N N 99  
CYS C   O    doub N N 100 
CYS C   OXT  sing N N 101 
CYS CB  SG   sing N N 102 
CYS CB  HB2  sing N N 103 
CYS CB  HB3  sing N N 104 
CYS SG  HG   sing N N 105 
CYS OXT HXT  sing N N 106 
GLN N   CA   sing N N 107 
GLN N   H    sing N N 108 
GLN N   H2   sing N N 109 
GLN CA  C    sing N N 110 
GLN CA  CB   sing N N 111 
GLN CA  HA   sing N N 112 
GLN C   O    doub N N 113 
GLN C   OXT  sing N N 114 
GLN CB  CG   sing N N 115 
GLN CB  HB2  sing N N 116 
GLN CB  HB3  sing N N 117 
GLN CG  CD   sing N N 118 
GLN CG  HG2  sing N N 119 
GLN CG  HG3  sing N N 120 
GLN CD  OE1  doub N N 121 
GLN CD  NE2  sing N N 122 
GLN NE2 HE21 sing N N 123 
GLN NE2 HE22 sing N N 124 
GLN OXT HXT  sing N N 125 
GLU N   CA   sing N N 126 
GLU N   H    sing N N 127 
GLU N   H2   sing N N 128 
GLU CA  C    sing N N 129 
GLU CA  CB   sing N N 130 
GLU CA  HA   sing N N 131 
GLU C   O    doub N N 132 
GLU C   OXT  sing N N 133 
GLU CB  CG   sing N N 134 
GLU CB  HB2  sing N N 135 
GLU CB  HB3  sing N N 136 
GLU CG  CD   sing N N 137 
GLU CG  HG2  sing N N 138 
GLU CG  HG3  sing N N 139 
GLU CD  OE1  doub N N 140 
GLU CD  OE2  sing N N 141 
GLU OE2 HE2  sing N N 142 
GLU OXT HXT  sing N N 143 
GLY N   CA   sing N N 144 
GLY N   H    sing N N 145 
GLY N   H2   sing N N 146 
GLY CA  C    sing N N 147 
GLY CA  HA2  sing N N 148 
GLY CA  HA3  sing N N 149 
GLY C   O    doub N N 150 
GLY C   OXT  sing N N 151 
GLY OXT HXT  sing N N 152 
HIS N   CA   sing N N 153 
HIS N   H    sing N N 154 
HIS N   H2   sing N N 155 
HIS CA  C    sing N N 156 
HIS CA  CB   sing N N 157 
HIS CA  HA   sing N N 158 
HIS C   O    doub N N 159 
HIS C   OXT  sing N N 160 
HIS CB  CG   sing N N 161 
HIS CB  HB2  sing N N 162 
HIS CB  HB3  sing N N 163 
HIS CG  ND1  sing Y N 164 
HIS CG  CD2  doub Y N 165 
HIS ND1 CE1  doub Y N 166 
HIS ND1 HD1  sing N N 167 
HIS CD2 NE2  sing Y N 168 
HIS CD2 HD2  sing N N 169 
HIS CE1 NE2  sing Y N 170 
HIS CE1 HE1  sing N N 171 
HIS NE2 HE2  sing N N 172 
HIS OXT HXT  sing N N 173 
HOH O   H1   sing N N 174 
HOH O   H2   sing N N 175 
ILE N   CA   sing N N 176 
ILE N   H    sing N N 177 
ILE N   H2   sing N N 178 
ILE CA  C    sing N N 179 
ILE CA  CB   sing N N 180 
ILE CA  HA   sing N N 181 
ILE C   O    doub N N 182 
ILE C   OXT  sing N N 183 
ILE CB  CG1  sing N N 184 
ILE CB  CG2  sing N N 185 
ILE CB  HB   sing N N 186 
ILE CG1 CD1  sing N N 187 
ILE CG1 HG12 sing N N 188 
ILE CG1 HG13 sing N N 189 
ILE CG2 HG21 sing N N 190 
ILE CG2 HG22 sing N N 191 
ILE CG2 HG23 sing N N 192 
ILE CD1 HD11 sing N N 193 
ILE CD1 HD12 sing N N 194 
ILE CD1 HD13 sing N N 195 
ILE OXT HXT  sing N N 196 
LEU N   CA   sing N N 197 
LEU N   H    sing N N 198 
LEU N   H2   sing N N 199 
LEU CA  C    sing N N 200 
LEU CA  CB   sing N N 201 
LEU CA  HA   sing N N 202 
LEU C   O    doub N N 203 
LEU C   OXT  sing N N 204 
LEU CB  CG   sing N N 205 
LEU CB  HB2  sing N N 206 
LEU CB  HB3  sing N N 207 
LEU CG  CD1  sing N N 208 
LEU CG  CD2  sing N N 209 
LEU CG  HG   sing N N 210 
LEU CD1 HD11 sing N N 211 
LEU CD1 HD12 sing N N 212 
LEU CD1 HD13 sing N N 213 
LEU CD2 HD21 sing N N 214 
LEU CD2 HD22 sing N N 215 
LEU CD2 HD23 sing N N 216 
LEU OXT HXT  sing N N 217 
LYS N   CA   sing N N 218 
LYS N   H    sing N N 219 
LYS N   H2   sing N N 220 
LYS CA  C    sing N N 221 
LYS CA  CB   sing N N 222 
LYS CA  HA   sing N N 223 
LYS C   O    doub N N 224 
LYS C   OXT  sing N N 225 
LYS CB  CG   sing N N 226 
LYS CB  HB2  sing N N 227 
LYS CB  HB3  sing N N 228 
LYS CG  CD   sing N N 229 
LYS CG  HG2  sing N N 230 
LYS CG  HG3  sing N N 231 
LYS CD  CE   sing N N 232 
LYS CD  HD2  sing N N 233 
LYS CD  HD3  sing N N 234 
LYS CE  NZ   sing N N 235 
LYS CE  HE2  sing N N 236 
LYS CE  HE3  sing N N 237 
LYS NZ  HZ1  sing N N 238 
LYS NZ  HZ2  sing N N 239 
LYS NZ  HZ3  sing N N 240 
LYS OXT HXT  sing N N 241 
MET N   CA   sing N N 242 
MET N   H    sing N N 243 
MET N   H2   sing N N 244 
MET CA  C    sing N N 245 
MET CA  CB   sing N N 246 
MET CA  HA   sing N N 247 
MET C   O    doub N N 248 
MET C   OXT  sing N N 249 
MET CB  CG   sing N N 250 
MET CB  HB2  sing N N 251 
MET CB  HB3  sing N N 252 
MET CG  SD   sing N N 253 
MET CG  HG2  sing N N 254 
MET CG  HG3  sing N N 255 
MET SD  CE   sing N N 256 
MET CE  HE1  sing N N 257 
MET CE  HE2  sing N N 258 
MET CE  HE3  sing N N 259 
MET OXT HXT  sing N N 260 
PHE N   CA   sing N N 261 
PHE N   H    sing N N 262 
PHE N   H2   sing N N 263 
PHE CA  C    sing N N 264 
PHE CA  CB   sing N N 265 
PHE CA  HA   sing N N 266 
PHE C   O    doub N N 267 
PHE C   OXT  sing N N 268 
PHE CB  CG   sing N N 269 
PHE CB  HB2  sing N N 270 
PHE CB  HB3  sing N N 271 
PHE CG  CD1  doub Y N 272 
PHE CG  CD2  sing Y N 273 
PHE CD1 CE1  sing Y N 274 
PHE CD1 HD1  sing N N 275 
PHE CD2 CE2  doub Y N 276 
PHE CD2 HD2  sing N N 277 
PHE CE1 CZ   doub Y N 278 
PHE CE1 HE1  sing N N 279 
PHE CE2 CZ   sing Y N 280 
PHE CE2 HE2  sing N N 281 
PHE CZ  HZ   sing N N 282 
PHE OXT HXT  sing N N 283 
PRO N   CA   sing N N 284 
PRO N   CD   sing N N 285 
PRO N   H    sing N N 286 
PRO CA  C    sing N N 287 
PRO CA  CB   sing N N 288 
PRO CA  HA   sing N N 289 
PRO C   O    doub N N 290 
PRO C   OXT  sing N N 291 
PRO CB  CG   sing N N 292 
PRO CB  HB2  sing N N 293 
PRO CB  HB3  sing N N 294 
PRO CG  CD   sing N N 295 
PRO CG  HG2  sing N N 296 
PRO CG  HG3  sing N N 297 
PRO CD  HD2  sing N N 298 
PRO CD  HD3  sing N N 299 
PRO OXT HXT  sing N N 300 
SER N   CA   sing N N 301 
SER N   H    sing N N 302 
SER N   H2   sing N N 303 
SER CA  C    sing N N 304 
SER CA  CB   sing N N 305 
SER CA  HA   sing N N 306 
SER C   O    doub N N 307 
SER C   OXT  sing N N 308 
SER CB  OG   sing N N 309 
SER CB  HB2  sing N N 310 
SER CB  HB3  sing N N 311 
SER OG  HG   sing N N 312 
SER OXT HXT  sing N N 313 
THR N   CA   sing N N 314 
THR N   H    sing N N 315 
THR N   H2   sing N N 316 
THR CA  C    sing N N 317 
THR CA  CB   sing N N 318 
THR CA  HA   sing N N 319 
THR C   O    doub N N 320 
THR C   OXT  sing N N 321 
THR CB  OG1  sing N N 322 
THR CB  CG2  sing N N 323 
THR CB  HB   sing N N 324 
THR OG1 HG1  sing N N 325 
THR CG2 HG21 sing N N 326 
THR CG2 HG22 sing N N 327 
THR CG2 HG23 sing N N 328 
THR OXT HXT  sing N N 329 
TYR N   CA   sing N N 330 
TYR N   H    sing N N 331 
TYR N   H2   sing N N 332 
TYR CA  C    sing N N 333 
TYR CA  CB   sing N N 334 
TYR CA  HA   sing N N 335 
TYR C   O    doub N N 336 
TYR C   OXT  sing N N 337 
TYR CB  CG   sing N N 338 
TYR CB  HB2  sing N N 339 
TYR CB  HB3  sing N N 340 
TYR CG  CD1  doub Y N 341 
TYR CG  CD2  sing Y N 342 
TYR CD1 CE1  sing Y N 343 
TYR CD1 HD1  sing N N 344 
TYR CD2 CE2  doub Y N 345 
TYR CD2 HD2  sing N N 346 
TYR CE1 CZ   doub Y N 347 
TYR CE1 HE1  sing N N 348 
TYR CE2 CZ   sing Y N 349 
TYR CE2 HE2  sing N N 350 
TYR CZ  OH   sing N N 351 
TYR OH  HH   sing N N 352 
TYR OXT HXT  sing N N 353 
VAL N   CA   sing N N 354 
VAL N   H    sing N N 355 
VAL N   H2   sing N N 356 
VAL CA  C    sing N N 357 
VAL CA  CB   sing N N 358 
VAL CA  HA   sing N N 359 
VAL C   O    doub N N 360 
VAL C   OXT  sing N N 361 
VAL CB  CG1  sing N N 362 
VAL CB  CG2  sing N N 363 
VAL CB  HB   sing N N 364 
VAL CG1 HG11 sing N N 365 
VAL CG1 HG12 sing N N 366 
VAL CG1 HG13 sing N N 367 
VAL CG2 HG21 sing N N 368 
VAL CG2 HG22 sing N N 369 
VAL CG2 HG23 sing N N 370 
VAL OXT HXT  sing N N 371 
# 
_atom_sites.entry_id                    2RIU 
_atom_sites.fract_transf_matrix[1][1]   0.00602614 
_atom_sites.fract_transf_matrix[1][2]   0.00638198 
_atom_sites.fract_transf_matrix[1][3]   0.00406214 
_atom_sites.fract_transf_matrix[2][1]   -0.00568521 
_atom_sites.fract_transf_matrix[2][2]   0.01432917 
_atom_sites.fract_transf_matrix[2][3]   -0.01407844 
_atom_sites.fract_transf_matrix[3][1]   -0.02369063 
_atom_sites.fract_transf_matrix[3][2]   0.00183361 
_atom_sites.fract_transf_matrix[3][3]   0.01143311 
_atom_sites.fract_transf_vector[1]      -0.124099 
_atom_sites.fract_transf_vector[2]      -0.503976 
_atom_sites.fract_transf_vector[3]      -0.476849 
# 
loop_
_atom_type.symbol 
C 
N 
O 
P 
S 
# 
loop_
_atom_site.group_PDB 
_atom_site.id 
_atom_site.type_symbol 
_atom_site.label_atom_id 
_atom_site.label_alt_id 
_atom_site.label_comp_id 
_atom_site.label_asym_id 
_atom_site.label_entity_id 
_atom_site.label_seq_id 
_atom_site.pdbx_PDB_ins_code 
_atom_site.Cartn_x 
_atom_site.Cartn_y 
_atom_site.Cartn_z 
_atom_site.occupancy 
_atom_site.B_iso_or_equiv 
_atom_site.pdbx_formal_charge 
_atom_site.auth_seq_id 
_atom_site.auth_comp_id 
_atom_site.auth_asym_id 
_atom_site.auth_atom_id 
_atom_site.pdbx_PDB_model_num 
ATOM   1    N N   . ASN A 1 3   ? 11.349  -21.504 -2.414  1.00 22.09 ? 3   ASN A N   1 
ATOM   2    C CA  . ASN A 1 3   ? 11.135  -21.594 -0.943  1.00 21.37 ? 3   ASN A CA  1 
ATOM   3    C C   . ASN A 1 3   ? 11.223  -20.236 -0.237  1.00 20.30 ? 3   ASN A C   1 
ATOM   4    O O   . ASN A 1 3   ? 11.438  -20.168 0.979   1.00 20.78 ? 3   ASN A O   1 
ATOM   5    C CB  . ASN A 1 3   ? 12.104  -22.611 -0.313  1.00 22.28 ? 3   ASN A CB  1 
ATOM   6    C CG  . ASN A 1 3   ? 13.565  -22.362 -0.689  1.00 24.17 ? 3   ASN A CG  1 
ATOM   7    O OD1 . ASN A 1 3   ? 13.871  -21.614 -1.621  1.00 27.18 ? 3   ASN A OD1 1 
ATOM   8    N ND2 . ASN A 1 3   ? 14.477  -23.007 0.040   1.00 26.96 ? 3   ASN A ND2 1 
ATOM   9    N N   . ILE A 1 4   ? 11.065  -19.161 -1.005  1.00 18.01 ? 4   ILE A N   1 
ATOM   10   C CA  . ILE A 1 4   ? 11.094  -17.810 -0.457  1.00 16.31 ? 4   ILE A CA  1 
ATOM   11   C C   . ILE A 1 4   ? 9.786   -17.095 -0.781  1.00 15.16 ? 4   ILE A C   1 
ATOM   12   O O   . ILE A 1 4   ? 9.139   -16.535 0.114   1.00 14.61 ? 4   ILE A O   1 
ATOM   13   C CB  . ILE A 1 4   ? 12.293  -16.989 -1.002  1.00 16.42 ? 4   ILE A CB  1 
ATOM   14   C CG1 . ILE A 1 4   ? 13.623  -17.545 -0.477  1.00 16.32 ? 4   ILE A CG1 1 
ATOM   15   C CG2 . ILE A 1 4   ? 12.151  -15.503 -0.645  1.00 16.13 ? 4   ILE A CG2 1 
ATOM   16   C CD1 . ILE A 1 4   ? 14.865  -16.891 -1.121  1.00 16.65 ? 4   ILE A CD1 1 
ATOM   17   N N   . PHE A 1 5   ? 9.398   -17.143 -2.055  1.00 13.67 ? 5   PHE A N   1 
ATOM   18   C CA  . PHE A 1 5   ? 8.252   -16.376 -2.546  1.00 12.92 ? 5   PHE A CA  1 
ATOM   19   C C   . PHE A 1 5   ? 6.984   -17.206 -2.699  1.00 12.58 ? 5   PHE A C   1 
ATOM   20   O O   . PHE A 1 5   ? 7.023   -18.334 -3.195  1.00 12.93 ? 5   PHE A O   1 
ATOM   21   C CB  . PHE A 1 5   ? 8.611   -15.665 -3.857  1.00 12.81 ? 5   PHE A CB  1 
ATOM   22   C CG  . PHE A 1 5   ? 9.782   -14.733 -3.722  1.00 11.86 ? 5   PHE A CG  1 
ATOM   23   C CD1 . PHE A 1 5   ? 9.625   -13.489 -3.106  1.00 12.18 ? 5   PHE A CD1 1 
ATOM   24   C CD2 . PHE A 1 5   ? 11.042  -15.104 -4.180  1.00 11.43 ? 5   PHE A CD2 1 
ATOM   25   C CE1 . PHE A 1 5   ? 10.696  -12.635 -2.953  1.00 10.89 ? 5   PHE A CE1 1 
ATOM   26   C CE2 . PHE A 1 5   ? 12.131  -14.244 -4.033  1.00 11.14 ? 5   PHE A CE2 1 
ATOM   27   C CZ  . PHE A 1 5   ? 11.957  -13.007 -3.421  1.00 11.88 ? 5   PHE A CZ  1 
ATOM   28   N N   . THR A 1 6   ? 5.868   -16.639 -2.247  1.00 11.51 ? 6   THR A N   1 
ATOM   29   C CA  . THR A 1 6   ? 4.553   -17.287 -2.319  1.00 11.27 ? 6   THR A CA  1 
ATOM   30   C C   . THR A 1 6   ? 3.991   -17.190 -3.744  1.00 11.18 ? 6   THR A C   1 
ATOM   31   O O   . THR A 1 6   ? 4.072   -16.130 -4.365  1.00 10.91 ? 6   THR A O   1 
ATOM   32   C CB  . THR A 1 6   ? 3.579   -16.644 -1.294  1.00 11.01 ? 6   THR A CB  1 
ATOM   33   O OG1 . THR A 1 6   ? 4.041   -16.922 0.030   1.00 11.08 ? 6   THR A OG1 1 
ATOM   34   C CG2 . THR A 1 6   ? 2.153   -17.177 -1.434  1.00 11.27 ? 6   THR A CG2 1 
ATOM   35   N N   . PRO A 1 7   ? 3.415   -18.295 -4.268  1.00 10.99 ? 7   PRO A N   1 
ATOM   36   C CA  . PRO A 1 7   ? 2.794   -18.231 -5.592  1.00 10.98 ? 7   PRO A CA  1 
ATOM   37   C C   . PRO A 1 7   ? 1.692   -17.184 -5.597  1.00 10.62 ? 7   PRO A C   1 
ATOM   38   O O   . PRO A 1 7   ? 0.987   -17.021 -4.599  1.00 10.59 ? 7   PRO A O   1 
ATOM   39   C CB  . PRO A 1 7   ? 2.174   -19.624 -5.768  1.00 11.14 ? 7   PRO A CB  1 
ATOM   40   C CG  . PRO A 1 7   ? 2.904   -20.500 -4.812  1.00 11.52 ? 7   PRO A CG  1 
ATOM   41   C CD  . PRO A 1 7   ? 3.290   -19.632 -3.660  1.00 11.14 ? 7   PRO A CD  1 
ATOM   42   N N   . ILE A 1 8   ? 1.537   -16.487 -6.714  1.00 10.48 ? 8   ILE A N   1 
ATOM   43   C CA  . ILE A 1 8   ? 0.635   -15.345 -6.765  1.00 10.19 ? 8   ILE A CA  1 
ATOM   44   C C   . ILE A 1 8   ? -0.812  -15.648 -6.386  1.00 10.30 ? 8   ILE A C   1 
ATOM   45   O O   . ILE A 1 8   ? -1.416  -14.885 -5.633  1.00 10.01 ? 8   ILE A O   1 
ATOM   46   C CB  . ILE A 1 8   ? 0.714   -14.641 -8.118  1.00 9.97  ? 8   ILE A CB  1 
ATOM   47   C CG1 . ILE A 1 8   ? 2.110   -14.033 -8.282  1.00 9.56  ? 8   ILE A CG1 1 
ATOM   48   C CG2 . ILE A 1 8   ? -0.417  -13.588 -8.282  1.00 10.60 ? 8   ILE A CG2 1 
ATOM   49   C CD1 A ILE A 1 8   ? 2.548   -13.063 -7.180  0.50 7.01  ? 8   ILE A CD1 1 
ATOM   50   C CD1 B ILE A 1 8   ? 2.313   -13.408 -9.570  0.50 11.48 ? 8   ILE A CD1 1 
ATOM   51   N N   . GLU A 1 9   ? -1.363  -16.755 -6.878  1.00 10.12 ? 9   GLU A N   1 
ATOM   52   C CA  . GLU A 1 9   ? -2.765  -17.062 -6.564  1.00 10.39 ? 9   GLU A CA  1 
ATOM   53   C C   . GLU A 1 9   ? -3.013  -17.277 -5.071  1.00 10.51 ? 9   GLU A C   1 
ATOM   54   O O   . GLU A 1 9   ? -4.072  -16.902 -4.553  1.00 10.41 ? 9   GLU A O   1 
ATOM   55   C CB  . GLU A 1 9   ? -3.303  -18.216 -7.412  1.00 10.70 ? 9   GLU A CB  1 
ATOM   56   C CG  . GLU A 1 9   ? -3.408  -17.819 -8.879  1.00 11.23 ? 9   GLU A CG  1 
ATOM   57   C CD  . GLU A 1 9   ? -4.070  -18.853 -9.771  1.00 12.91 ? 9   GLU A CD  1 
ATOM   58   O OE1 . GLU A 1 9   ? -4.390  -19.974 -9.304  1.00 13.02 ? 9   GLU A OE1 1 
ATOM   59   O OE2 . GLU A 1 9   ? -4.282  -18.527 -10.959 1.00 11.93 ? 9   GLU A OE2 1 
ATOM   60   N N   . GLU A 1 10  ? -2.032  -17.850 -4.374  1.00 10.49 ? 10  GLU A N   1 
ATOM   61   C CA  . GLU A 1 10  ? -2.138  -17.999 -2.923  1.00 10.58 ? 10  GLU A CA  1 
ATOM   62   C C   . GLU A 1 10  ? -2.010  -16.643 -2.232  1.00 10.79 ? 10  GLU A C   1 
ATOM   63   O O   . GLU A 1 10  ? -2.721  -16.357 -1.264  1.00 10.89 ? 10  GLU A O   1 
ATOM   64   C CB  . GLU A 1 10  ? -1.085  -18.975 -2.382  1.00 10.72 ? 10  GLU A CB  1 
ATOM   65   C CG  . GLU A 1 10  ? -1.076  -20.343 -3.065  1.00 11.61 ? 10  GLU A CG  1 
ATOM   66   C CD  . GLU A 1 10  ? -2.343  -21.160 -2.866  1.00 13.04 ? 10  GLU A CD  1 
ATOM   67   O OE1 . GLU A 1 10  ? -2.451  -22.213 -3.538  1.00 13.43 ? 10  GLU A OE1 1 
ATOM   68   O OE2 . GLU A 1 10  ? -3.217  -20.778 -2.049  1.00 11.37 ? 10  GLU A OE2 1 
ATOM   69   N N   . ALA A 1 11  ? -1.095  -15.815 -2.733  1.00 10.76 ? 11  ALA A N   1 
ATOM   70   C CA  . ALA A 1 11  ? -0.894  -14.463 -2.211  1.00 10.77 ? 11  ALA A CA  1 
ATOM   71   C C   . ALA A 1 11  ? -2.162  -13.631 -2.357  1.00 11.21 ? 11  ALA A C   1 
ATOM   72   O O   . ALA A 1 11  ? -2.540  -12.892 -1.445  1.00 11.34 ? 11  ALA A O   1 
ATOM   73   C CB  . ALA A 1 11  ? 0.268   -13.780 -2.931  1.00 11.02 ? 11  ALA A CB  1 
ATOM   74   N N   . LEU A 1 12  ? -2.827  -13.764 -3.501  1.00 11.32 ? 12  LEU A N   1 
ATOM   75   C CA  . LEU A 1 12  ? -4.047  -13.004 -3.743  1.00 11.44 ? 12  LEU A CA  1 
ATOM   76   C C   . LEU A 1 12  ? -5.150  -13.359 -2.752  1.00 11.83 ? 12  LEU A C   1 
ATOM   77   O O   . LEU A 1 12  ? -5.893  -12.485 -2.321  1.00 12.02 ? 12  LEU A O   1 
ATOM   78   C CB  . LEU A 1 12  ? -4.537  -13.175 -5.179  1.00 11.63 ? 12  LEU A CB  1 
ATOM   79   C CG  . LEU A 1 12  ? -3.697  -12.515 -6.276  1.00 12.08 ? 12  LEU A CG  1 
ATOM   80   C CD1 . LEU A 1 12  ? -4.260  -12.905 -7.645  1.00 12.68 ? 12  LEU A CD1 1 
ATOM   81   C CD2 . LEU A 1 12  ? -3.668  -10.995 -6.105  1.00 12.15 ? 12  LEU A CD2 1 
ATOM   82   N N   . GLU A 1 13  ? -5.241  -14.634 -2.374  1.00 12.01 ? 13  GLU A N   1 
ATOM   83   C CA  . GLU A 1 13  ? -6.250  -15.055 -1.396  1.00 12.00 ? 13  GLU A CA  1 
ATOM   84   C C   . GLU A 1 13  ? -5.964  -14.451 -0.024  1.00 11.99 ? 13  GLU A C   1 
ATOM   85   O O   . GLU A 1 13  ? -6.882  -14.005 0.661   1.00 12.22 ? 13  GLU A O   1 
ATOM   86   C CB  . GLU A 1 13  ? -6.362  -16.578 -1.310  1.00 12.22 ? 13  GLU A CB  1 
ATOM   87   C CG  . GLU A 1 13  ? -7.054  -17.205 -2.512  1.00 12.60 ? 13  GLU A CG  1 
ATOM   88   C CD  . GLU A 1 13  ? -8.431  -16.628 -2.790  1.00 13.92 ? 13  GLU A CD  1 
ATOM   89   O OE1 . GLU A 1 13  ? -9.214  -16.406 -1.837  1.00 13.45 ? 13  GLU A OE1 1 
ATOM   90   O OE2 . GLU A 1 13  ? -8.724  -16.407 -3.979  1.00 16.13 ? 13  GLU A OE2 1 
ATOM   91   N N   . ALA A 1 14  ? -4.687  -14.432 0.360   1.00 12.10 ? 14  ALA A N   1 
ATOM   92   C CA  . ALA A 1 14  ? -4.271  -13.800 1.606   1.00 12.24 ? 14  ALA A CA  1 
ATOM   93   C C   . ALA A 1 14  ? -4.655  -12.322 1.595   1.00 12.32 ? 14  ALA A C   1 
ATOM   94   O O   . ALA A 1 14  ? -5.206  -11.807 2.571   1.00 12.58 ? 14  ALA A O   1 
ATOM   95   C CB  . ALA A 1 14  ? -2.773  -13.957 1.803   1.00 12.39 ? 14  ALA A CB  1 
ATOM   96   N N   . TYR A 1 15  ? -4.356  -11.662 0.477   1.00 12.34 ? 15  TYR A N   1 
ATOM   97   C CA  . TYR A 1 15  ? -4.630  -10.236 0.277   1.00 12.49 ? 15  TYR A CA  1 
ATOM   98   C C   . TYR A 1 15  ? -6.133  -9.977  0.368   1.00 13.13 ? 15  TYR A C   1 
ATOM   99   O O   . TYR A 1 15  ? -6.572  -9.048  1.043   1.00 13.02 ? 15  TYR A O   1 
ATOM   100  C CB  . TYR A 1 15  ? -4.094  -9.820  -1.095  1.00 11.95 ? 15  TYR A CB  1 
ATOM   101  C CG  . TYR A 1 15  ? -3.967  -8.333  -1.342  1.00 11.66 ? 15  TYR A CG  1 
ATOM   102  C CD1 . TYR A 1 15  ? -2.796  -7.648  -1.015  1.00 11.20 ? 15  TYR A CD1 1 
ATOM   103  C CD2 . TYR A 1 15  ? -5.003  -7.619  -1.938  1.00 11.96 ? 15  TYR A CD2 1 
ATOM   104  C CE1 . TYR A 1 15  ? -2.666  -6.277  -1.267  1.00 11.45 ? 15  TYR A CE1 1 
ATOM   105  C CE2 . TYR A 1 15  ? -4.886  -6.256  -2.191  1.00 11.46 ? 15  TYR A CE2 1 
ATOM   106  C CZ  . TYR A 1 15  ? -3.719  -5.592  -1.852  1.00 11.51 ? 15  TYR A CZ  1 
ATOM   107  O OH  . TYR A 1 15  ? -3.613  -4.236  -2.115  1.00 11.21 ? 15  TYR A OH  1 
ATOM   108  N N   . LYS A 1 16  ? -6.912  -10.824 -0.302  1.00 14.19 ? 16  LYS A N   1 
ATOM   109  C CA  . LYS A 1 16  ? -8.372  -10.768 -0.256  1.00 15.73 ? 16  LYS A CA  1 
ATOM   110  C C   . LYS A 1 16  ? -8.894  -10.852 1.184   1.00 16.14 ? 16  LYS A C   1 
ATOM   111  O O   . LYS A 1 16  ? -9.891  -10.207 1.534   1.00 16.85 ? 16  LYS A O   1 
ATOM   112  C CB  . LYS A 1 16  ? -8.934  -11.930 -1.080  1.00 15.60 ? 16  LYS A CB  1 
ATOM   113  C CG  . LYS A 1 16  ? -10.100 -11.589 -1.978  1.00 16.31 ? 16  LYS A CG  1 
ATOM   114  C CD  . LYS A 1 16  ? -10.623 -12.837 -2.688  1.00 16.59 ? 16  LYS A CD  1 
ATOM   115  C CE  . LYS A 1 16  ? -9.722  -13.231 -3.858  1.00 17.38 ? 16  LYS A CE  1 
ATOM   116  N NZ  A LYS A 1 16  ? -10.065 -12.494 -5.097  0.50 18.33 ? 16  LYS A NZ  1 
ATOM   117  N NZ  B LYS A 1 16  ? -10.339 -14.247 -4.765  0.50 14.87 ? 16  LYS A NZ  1 
ATOM   118  N N   . ASN A 1 17  ? -8.218  -11.646 2.015   1.00 16.38 ? 17  ASN A N   1 
ATOM   119  C CA  . ASN A 1 17  ? -8.618  -11.835 3.405   1.00 16.89 ? 17  ASN A CA  1 
ATOM   120  C C   . ASN A 1 17  ? -7.982  -10.821 4.365   1.00 16.12 ? 17  ASN A C   1 
ATOM   121  O O   . ASN A 1 17  ? -7.916  -11.048 5.581   1.00 16.34 ? 17  ASN A O   1 
ATOM   122  C CB  . ASN A 1 17  ? -8.326  -13.264 3.865   1.00 17.77 ? 17  ASN A CB  1 
ATOM   123  C CG  . ASN A 1 17  ? -9.343  -13.763 4.887   1.00 20.24 ? 17  ASN A CG  1 
ATOM   124  O OD1 . ASN A 1 17  ? -8.999  -14.052 6.029   1.00 22.84 ? 17  ASN A OD1 1 
ATOM   125  N ND2 . ASN A 1 17  ? -10.608 -13.846 4.477   1.00 23.93 ? 17  ASN A ND2 1 
ATOM   126  N N   . GLY A 1 18  ? -7.517  -9.706  3.808   1.00 14.95 ? 18  GLY A N   1 
ATOM   127  C CA  . GLY A 1 18  ? -7.027  -8.584  4.603   1.00 14.15 ? 18  GLY A CA  1 
ATOM   128  C C   . GLY A 1 18  ? -5.654  -8.739  5.228   1.00 13.40 ? 18  GLY A C   1 
ATOM   129  O O   . GLY A 1 18  ? -5.326  -8.034  6.185   1.00 13.51 ? 18  GLY A O   1 
ATOM   130  N N   . GLU A 1 19  ? -4.847  -9.652  4.693   1.00 12.51 ? 19  GLU A N   1 
ATOM   131  C CA  . GLU A 1 19  ? -3.472  -9.800  5.148   1.00 12.39 ? 19  GLU A CA  1 
ATOM   132  C C   . GLU A 1 19  ? -2.579  -8.836  4.381   1.00 11.28 ? 19  GLU A C   1 
ATOM   133  O O   . GLU A 1 19  ? -2.877  -8.471  3.240   1.00 11.31 ? 19  GLU A O   1 
ATOM   134  C CB  . GLU A 1 19  ? -2.959  -11.221 4.906   1.00 11.91 ? 19  GLU A CB  1 
ATOM   135  C CG  . GLU A 1 19  ? -3.673  -12.317 5.686   1.00 12.77 ? 19  GLU A CG  1 
ATOM   136  C CD  . GLU A 1 19  ? -3.099  -13.697 5.395   1.00 13.46 ? 19  GLU A CD  1 
ATOM   137  O OE1 . GLU A 1 19  ? -3.882  -14.638 5.139   1.00 17.18 ? 19  GLU A OE1 1 
ATOM   138  O OE2 . GLU A 1 19  ? -1.867  -13.838 5.405   1.00 13.96 ? 19  GLU A OE2 1 
ATOM   139  N N   . PHE A 1 20  ? -1.486  -8.432  5.018   1.00 10.88 ? 20  PHE A N   1 
ATOM   140  C CA  . PHE A 1 20  ? -0.387  -7.785  4.324   1.00 10.33 ? 20  PHE A CA  1 
ATOM   141  C C   . PHE A 1 20  ? 0.328   -8.810  3.467   1.00 10.68 ? 20  PHE A C   1 
ATOM   142  O O   . PHE A 1 20  ? 0.288   -10.018 3.747   1.00 10.10 ? 20  PHE A O   1 
ATOM   143  C CB  . PHE A 1 20  ? 0.641   -7.239  5.319   1.00 10.49 ? 20  PHE A CB  1 
ATOM   144  C CG  . PHE A 1 20  ? 0.185   -6.032  6.082   1.00 9.84  ? 20  PHE A CG  1 
ATOM   145  C CD1 . PHE A 1 20  ? -0.236  -6.155  7.403   1.00 9.71  ? 20  PHE A CD1 1 
ATOM   146  C CD2 . PHE A 1 20  ? 0.206   -4.769  5.496   1.00 10.51 ? 20  PHE A CD2 1 
ATOM   147  C CE1 . PHE A 1 20  ? -0.643  -5.030  8.125   1.00 9.33  ? 20  PHE A CE1 1 
ATOM   148  C CE2 . PHE A 1 20  ? -0.205  -3.647  6.206   1.00 10.07 ? 20  PHE A CE2 1 
ATOM   149  C CZ  . PHE A 1 20  ? -0.628  -3.780  7.525   1.00 9.15  ? 20  PHE A CZ  1 
ATOM   150  N N   . LEU A 1 21  ? 0.981   -8.312  2.422   1.00 10.12 ? 21  LEU A N   1 
ATOM   151  C CA  . LEU A 1 21  ? 2.041   -9.048  1.749   1.00 10.01 ? 21  LEU A CA  1 
ATOM   152  C C   . LEU A 1 21  ? 3.307   -8.228  1.870   1.00 10.06 ? 21  LEU A C   1 
ATOM   153  O O   . LEU A 1 21  ? 3.247   -6.998  1.907   1.00 10.42 ? 21  LEU A O   1 
ATOM   154  C CB  . LEU A 1 21  ? 1.715   -9.256  0.268   1.00 10.02 ? 21  LEU A CB  1 
ATOM   155  C CG  . LEU A 1 21  ? 0.507   -10.140 -0.058  1.00 9.67  ? 21  LEU A CG  1 
ATOM   156  C CD1 . LEU A 1 21  ? 0.158   -10.041 -1.539  1.00 9.66  ? 21  LEU A CD1 1 
ATOM   157  C CD2 . LEU A 1 21  ? 0.761   -11.589 0.350   1.00 11.13 ? 21  LEU A CD2 1 
ATOM   158  N N   . ILE A 1 22  ? 4.445   -8.909  1.969   1.00 10.10 ? 22  ILE A N   1 
ATOM   159  C CA  . ILE A 1 22  ? 5.742   -8.246  1.856   1.00 10.48 ? 22  ILE A CA  1 
ATOM   160  C C   . ILE A 1 22  ? 6.106   -8.312  0.376   1.00 10.64 ? 22  ILE A C   1 
ATOM   161  O O   . ILE A 1 22  ? 6.106   -9.391  -0.227  1.00 10.38 ? 22  ILE A O   1 
ATOM   162  C CB  . ILE A 1 22  ? 6.818   -8.915  2.736   1.00 10.50 ? 22  ILE A CB  1 
ATOM   163  C CG1 . ILE A 1 22  ? 6.482   -8.717  4.225   1.00 11.44 ? 22  ILE A CG1 1 
ATOM   164  C CG2 . ILE A 1 22  ? 8.219   -8.356  2.412   1.00 11.00 ? 22  ILE A CG2 1 
ATOM   165  C CD1 . ILE A 1 22  ? 7.160   -9.687  5.169   1.00 12.14 ? 22  ILE A CD1 1 
ATOM   166  N N   . VAL A 1 23  ? 6.373   -7.149  -0.210  1.00 10.19 ? 23  VAL A N   1 
ATOM   167  C CA  . VAL A 1 23  ? 6.560   -7.044  -1.654  1.00 10.40 ? 23  VAL A CA  1 
ATOM   168  C C   . VAL A 1 23  ? 7.952   -6.497  -1.986  1.00 10.54 ? 23  VAL A C   1 
ATOM   169  O O   . VAL A 1 23  ? 8.319   -5.398  -1.562  1.00 10.46 ? 23  VAL A O   1 
ATOM   170  C CB  . VAL A 1 23  ? 5.442   -6.191  -2.307  1.00 10.68 ? 23  VAL A CB  1 
ATOM   171  C CG1 . VAL A 1 23  ? 5.628   -6.111  -3.802  1.00 10.78 ? 23  VAL A CG1 1 
ATOM   172  C CG2 . VAL A 1 23  ? 4.053   -6.775  -1.989  1.00 10.53 ? 23  VAL A CG2 1 
ATOM   173  N N   . MET A 1 24  ? 8.714   -7.296  -2.729  1.00 10.32 ? 24  MET A N   1 
ATOM   174  C CA  . MET A 1 24  ? 10.047  -6.938  -3.220  1.00 10.29 ? 24  MET A CA  1 
ATOM   175  C C   . MET A 1 24  ? 9.959   -6.644  -4.715  1.00 10.49 ? 24  MET A C   1 
ATOM   176  O O   . MET A 1 24  ? 8.992   -7.041  -5.368  1.00 10.03 ? 24  MET A O   1 
ATOM   177  C CB  . MET A 1 24  ? 11.019  -8.110  -3.009  1.00 10.44 ? 24  MET A CB  1 
ATOM   178  C CG  . MET A 1 24  ? 10.809  -8.915  -1.721  1.00 10.59 ? 24  MET A CG  1 
ATOM   179  S SD  . MET A 1 24  ? 11.049  -7.969  -0.206  1.00 10.87 ? 24  MET A SD  1 
ATOM   180  C CE  . MET A 1 24  ? 12.756  -7.437  -0.381  1.00 11.32 ? 24  MET A CE  1 
ATOM   181  N N   . ASP A 1 25  ? 10.962  -5.962  -5.270  1.00 10.99 ? 25  ASP A N   1 
ATOM   182  C CA  . ASP A 1 25  ? 10.991  -5.698  -6.723  1.00 11.52 ? 25  ASP A CA  1 
ATOM   183  C C   . ASP A 1 25  ? 11.172  -6.977  -7.549  1.00 11.40 ? 25  ASP A C   1 
ATOM   184  O O   . ASP A 1 25  ? 10.447  -7.226  -8.519  1.00 11.45 ? 25  ASP A O   1 
ATOM   185  C CB  . ASP A 1 25  ? 12.109  -4.718  -7.083  1.00 11.98 ? 25  ASP A CB  1 
ATOM   186  C CG  . ASP A 1 25  ? 11.759  -3.273  -6.776  1.00 14.05 ? 25  ASP A CG  1 
ATOM   187  O OD1 . ASP A 1 25  ? 10.563  -2.916  -6.731  1.00 15.49 ? 25  ASP A OD1 1 
ATOM   188  O OD2 . ASP A 1 25  ? 12.706  -2.473  -6.610  1.00 17.89 ? 25  ASP A OD2 1 
ATOM   189  N N   . ASP A 1 26  ? 12.166  -7.767  -7.164  1.00 11.53 ? 26  ASP A N   1 
ATOM   190  C CA  . ASP A 1 26  ? 12.443  -9.058  -7.791  1.00 11.50 ? 26  ASP A CA  1 
ATOM   191  C C   . ASP A 1 26  ? 13.107  -9.972  -6.752  1.00 12.01 ? 26  ASP A C   1 
ATOM   192  O O   . ASP A 1 26  ? 12.870  -9.809  -5.551  1.00 11.75 ? 26  ASP A O   1 
ATOM   193  C CB  . ASP A 1 26  ? 13.265  -8.902  -9.091  1.00 11.93 ? 26  ASP A CB  1 
ATOM   194  C CG  . ASP A 1 26  ? 14.602  -8.174  -8.892  1.00 11.44 ? 26  ASP A CG  1 
ATOM   195  O OD1 . ASP A 1 26  ? 15.122  -7.626  -9.892  1.00 11.20 ? 26  ASP A OD1 1 
ATOM   196  O OD2 . ASP A 1 26  ? 15.148  -8.171  -7.769  1.00 11.65 ? 26  ASP A OD2 1 
ATOM   197  N N   . GLU A 1 27  ? 13.919  -10.929 -7.198  1.00 12.25 ? 27  GLU A N   1 
ATOM   198  C CA  . GLU A 1 27  ? 14.481  -11.932 -6.289  1.00 13.05 ? 27  GLU A CA  1 
ATOM   199  C C   . GLU A 1 27  ? 15.774  -11.503 -5.603  1.00 12.80 ? 27  GLU A C   1 
ATOM   200  O O   . GLU A 1 27  ? 16.293  -12.224 -4.747  1.00 12.30 ? 27  GLU A O   1 
ATOM   201  C CB  . GLU A 1 27  ? 14.693  -13.260 -7.023  1.00 13.25 ? 27  GLU A CB  1 
ATOM   202  C CG  . GLU A 1 27  ? 13.401  -13.921 -7.485  1.00 14.24 ? 27  GLU A CG  1 
ATOM   203  C CD  . GLU A 1 27  ? 13.587  -15.378 -7.882  1.00 15.45 ? 27  GLU A CD  1 
ATOM   204  O OE1 . GLU A 1 27  ? 14.740  -15.797 -8.140  1.00 19.27 ? 27  GLU A OE1 1 
ATOM   205  O OE2 . GLU A 1 27  ? 12.578  -16.110 -7.937  1.00 18.62 ? 27  GLU A OE2 1 
ATOM   206  N N   . ASP A 1 28  ? 16.283  -10.326 -5.960  1.00 12.57 ? 28  ASP A N   1 
ATOM   207  C CA  . ASP A 1 28  ? 17.597  -9.907  -5.484  1.00 12.82 ? 28  ASP A CA  1 
ATOM   208  C C   . ASP A 1 28  ? 17.637  -9.756  -3.964  1.00 12.76 ? 28  ASP A C   1 
ATOM   209  O O   . ASP A 1 28  ? 16.716  -9.201  -3.366  1.00 12.20 ? 28  ASP A O   1 
ATOM   210  C CB  . ASP A 1 28  ? 18.010  -8.600  -6.148  1.00 12.95 ? 28  ASP A CB  1 
ATOM   211  C CG  . ASP A 1 28  ? 19.494  -8.365  -6.073  1.00 15.01 ? 28  ASP A CG  1 
ATOM   212  O OD1 . ASP A 1 28  ? 20.238  -8.979  -6.873  1.00 17.17 ? 28  ASP A OD1 1 
ATOM   213  O OD2 . ASP A 1 28  ? 19.912  -7.576  -5.210  1.00 16.97 ? 28  ASP A OD2 1 
ATOM   214  N N   . ARG A 1 29  ? 18.718  -10.232 -3.351  1.00 12.89 ? 29  ARG A N   1 
ATOM   215  C CA  . ARG A 1 29  ? 18.849  -10.179 -1.893  1.00 13.62 ? 29  ARG A CA  1 
ATOM   216  C C   . ARG A 1 29  ? 19.000  -8.759  -1.357  1.00 13.06 ? 29  ARG A C   1 
ATOM   217  O O   . ARG A 1 29  ? 18.760  -8.507  -0.173  1.00 13.38 ? 29  ARG A O   1 
ATOM   218  C CB  . ARG A 1 29  ? 19.998  -11.066 -1.406  1.00 13.87 ? 29  ARG A CB  1 
ATOM   219  C CG  . ARG A 1 29  ? 19.851  -12.515 -1.845  1.00 16.42 ? 29  ARG A CG  1 
ATOM   220  C CD  . ARG A 1 29  ? 20.539  -13.492 -0.908  1.00 21.35 ? 29  ARG A CD  1 
ATOM   221  N NE  . ARG A 1 29  ? 19.643  -13.994 0.138   1.00 25.24 ? 29  ARG A NE  1 
ATOM   222  C CZ  . ARG A 1 29  ? 18.648  -14.861 -0.053  1.00 26.14 ? 29  ARG A CZ  1 
ATOM   223  N NH1 . ARG A 1 29  ? 17.912  -15.246 0.979   1.00 26.05 ? 29  ARG A NH1 1 
ATOM   224  N NH2 . ARG A 1 29  ? 18.370  -15.338 -1.267  1.00 26.68 ? 29  ARG A NH2 1 
ATOM   225  N N   . GLU A 1 30  ? 19.389  -7.830  -2.227  1.00 13.05 ? 30  GLU A N   1 
ATOM   226  C CA  . GLU A 1 30  ? 19.616  -6.451  -1.806  1.00 12.83 ? 30  GLU A CA  1 
ATOM   227  C C   . GLU A 1 30  ? 18.360  -5.584  -1.871  1.00 13.25 ? 30  GLU A C   1 
ATOM   228  O O   . GLU A 1 30  ? 18.383  -4.425  -1.439  1.00 13.60 ? 30  GLU A O   1 
ATOM   229  C CB  . GLU A 1 30  ? 20.756  -5.815  -2.608  1.00 13.17 ? 30  GLU A CB  1 
ATOM   230  C CG  . GLU A 1 30  ? 22.100  -6.498  -2.381  1.00 13.31 ? 30  GLU A CG  1 
ATOM   231  C CD  . GLU A 1 30  ? 23.262  -5.586  -2.697  1.00 14.82 ? 30  GLU A CD  1 
ATOM   232  O OE1 . GLU A 1 30  ? 23.409  -5.181  -3.869  1.00 15.41 ? 30  GLU A OE1 1 
ATOM   233  O OE2 . GLU A 1 30  ? 24.027  -5.273  -1.765  1.00 16.83 ? 30  GLU A OE2 1 
ATOM   234  N N   . ASN A 1 31  ? 17.273  -6.137  -2.410  1.00 13.18 ? 31  ASN A N   1 
ATOM   235  C CA  . ASN A 1 31  ? 16.004  -5.411  -2.475  1.00 13.24 ? 31  ASN A CA  1 
ATOM   236  C C   . ASN A 1 31  ? 15.474  -5.113  -1.087  1.00 13.40 ? 31  ASN A C   1 
ATOM   237  O O   . ASN A 1 31  ? 15.625  -5.932  -0.182  1.00 13.27 ? 31  ASN A O   1 
ATOM   238  C CB  . ASN A 1 31  ? 14.947  -6.225  -3.217  1.00 13.55 ? 31  ASN A CB  1 
ATOM   239  C CG  . ASN A 1 31  ? 15.155  -6.236  -4.706  1.00 14.53 ? 31  ASN A CG  1 
ATOM   240  O OD1 . ASN A 1 31  ? 15.684  -5.284  -5.289  1.00 15.41 ? 31  ASN A OD1 1 
ATOM   241  N ND2 . ASN A 1 31  ? 14.721  -7.320  -5.344  1.00 14.64 ? 31  ASN A ND2 1 
ATOM   242  N N   . GLU A 1 32  ? 14.841  -3.950  -0.939  1.00 13.45 ? 32  GLU A N   1 
ATOM   243  C CA  . GLU A 1 32  ? 14.203  -3.562  0.317   1.00 13.92 ? 32  GLU A CA  1 
ATOM   244  C C   . GLU A 1 32  ? 12.701  -3.821  0.215   1.00 13.17 ? 32  GLU A C   1 
ATOM   245  O O   . GLU A 1 32  ? 12.096  -3.573  -0.828  1.00 13.52 ? 32  GLU A O   1 
ATOM   246  C CB  . GLU A 1 32  ? 14.470  -2.081  0.615   1.00 14.02 ? 32  GLU A CB  1 
ATOM   247  C CG  . GLU A 1 32  ? 15.961  -1.728  0.691   1.00 15.01 ? 32  GLU A CG  1 
ATOM   248  C CD  . GLU A 1 32  ? 16.231  -0.234  0.780   1.00 15.87 ? 32  GLU A CD  1 
ATOM   249  O OE1 . GLU A 1 32  ? 15.286  0.575   0.633   1.00 18.99 ? 32  GLU A OE1 1 
ATOM   250  O OE2 . GLU A 1 32  ? 17.410  0.128   0.986   1.00 19.11 ? 32  GLU A OE2 1 
ATOM   251  N N   . GLY A 1 33  ? 12.107  -4.310  1.303   1.00 12.76 ? 33  GLY A N   1 
ATOM   252  C CA  . GLY A 1 33  ? 10.713  -4.752  1.287   1.00 12.15 ? 33  GLY A CA  1 
ATOM   253  C C   . GLY A 1 33  ? 9.704   -3.733  1.790   1.00 11.86 ? 33  GLY A C   1 
ATOM   254  O O   . GLY A 1 33  ? 9.994   -2.949  2.703   1.00 11.71 ? 33  GLY A O   1 
ATOM   255  N N   . ASP A 1 34  ? 8.521   -3.758  1.176   1.00 11.37 ? 34  ASP A N   1 
ATOM   256  C CA  . ASP A 1 34  ? 7.366   -2.956  1.571   1.00 11.45 ? 34  ASP A CA  1 
ATOM   257  C C   . ASP A 1 34  ? 6.269   -3.868  2.087   1.00 11.02 ? 34  ASP A C   1 
ATOM   258  O O   . ASP A 1 34  ? 6.017   -4.926  1.509   1.00 11.21 ? 34  ASP A O   1 
ATOM   259  C CB  . ASP A 1 34  ? 6.766   -2.257  0.347   1.00 11.75 ? 34  ASP A CB  1 
ATOM   260  C CG  . ASP A 1 34  ? 7.329   -0.884  0.095   1.00 14.74 ? 34  ASP A CG  1 
ATOM   261  O OD1 . ASP A 1 34  ? 8.416   -0.540  0.613   1.00 15.39 ? 34  ASP A OD1 1 
ATOM   262  O OD2 . ASP A 1 34  ? 6.650   -0.139  -0.652  1.00 17.61 ? 34  ASP A OD2 1 
ATOM   263  N N   . LEU A 1 35  ? 5.568   -3.432  3.127   1.00 10.24 ? 35  LEU A N   1 
ATOM   264  C CA  . LEU A 1 35  ? 4.284   -4.049  3.463   1.00 9.47  ? 35  LEU A CA  1 
ATOM   265  C C   . LEU A 1 35  ? 3.205   -3.415  2.588   1.00 9.54  ? 35  LEU A C   1 
ATOM   266  O O   . LEU A 1 35  ? 3.161   -2.191  2.452   1.00 9.10  ? 35  LEU A O   1 
ATOM   267  C CB  . LEU A 1 35  ? 3.953   -3.828  4.934   1.00 9.60  ? 35  LEU A CB  1 
ATOM   268  C CG  . LEU A 1 35  ? 4.698   -4.691  5.953   1.00 9.23  ? 35  LEU A CG  1 
ATOM   269  C CD1 . LEU A 1 35  ? 4.412   -4.181  7.362   1.00 9.03  ? 35  LEU A CD1 1 
ATOM   270  C CD2 . LEU A 1 35  ? 4.308   -6.170  5.806   1.00 8.05  ? 35  LEU A CD2 1 
ATOM   271  N N   . ILE A 1 36  ? 2.352   -4.248  1.989   1.00 9.27  ? 36  ILE A N   1 
ATOM   272  C CA  . ILE A 1 36  ? 1.234   -3.764  1.165   1.00 9.31  ? 36  ILE A CA  1 
ATOM   273  C C   . ILE A 1 36  ? -0.031  -4.531  1.535   1.00 9.38  ? 36  ILE A C   1 
ATOM   274  O O   . ILE A 1 36  ? -0.004  -5.751  1.657   1.00 9.80  ? 36  ILE A O   1 
ATOM   275  C CB  . ILE A 1 36  ? 1.513   -3.964  -0.354  1.00 9.31  ? 36  ILE A CB  1 
ATOM   276  C CG1 . ILE A 1 36  ? 2.850   -3.324  -0.762  1.00 9.07  ? 36  ILE A CG1 1 
ATOM   277  C CG2 . ILE A 1 36  ? 0.336   -3.444  -1.209  1.00 9.18  ? 36  ILE A CG2 1 
ATOM   278  C CD1 . ILE A 1 36  ? 3.115   -3.283  -2.265  1.00 9.53  ? 36  ILE A CD1 1 
ATOM   279  N N   . MET A 1 37  ? -1.145  -3.824  1.708   1.00 9.52  ? 37  MET A N   1 
ATOM   280  C CA  . MET A 1 37  ? -2.435  -4.499  1.854   1.00 9.21  ? 37  MET A CA  1 
ATOM   281  C C   . MET A 1 37  ? -3.545  -3.698  1.204   1.00 9.03  ? 37  MET A C   1 
ATOM   282  O O   . MET A 1 37  ? -3.326  -2.558  0.769   1.00 8.69  ? 37  MET A O   1 
ATOM   283  C CB  . MET A 1 37  ? -2.761  -4.805  3.323   1.00 9.68  ? 37  MET A CB  1 
ATOM   284  C CG  . MET A 1 37  ? -3.132  -3.588  4.179   1.00 9.63  ? 37  MET A CG  1 
ATOM   285  S SD  . MET A 1 37  ? -3.878  -4.103  5.745   1.00 9.94  ? 37  MET A SD  1 
ATOM   286  C CE  . MET A 1 37  ? -5.467  -4.699  5.166   1.00 10.14 ? 37  MET A CE  1 
ATOM   287  N N   . ALA A 1 38  ? -4.731  -4.293  1.125   1.00 8.62  ? 38  ALA A N   1 
ATOM   288  C CA  . ALA A 1 38  ? -5.864  -3.625  0.488   1.00 8.66  ? 38  ALA A CA  1 
ATOM   289  C C   . ALA A 1 38  ? -6.306  -2.416  1.307   1.00 8.77  ? 38  ALA A C   1 
ATOM   290  O O   . ALA A 1 38  ? -6.486  -2.518  2.523   1.00 9.05  ? 38  ALA A O   1 
ATOM   291  C CB  . ALA A 1 38  ? -7.015  -4.596  0.296   1.00 8.63  ? 38  ALA A CB  1 
ATOM   292  N N   . ALA A 1 39  ? -6.475  -1.272  0.645   1.00 8.99  ? 39  ALA A N   1 
ATOM   293  C CA  . ALA A 1 39  ? -6.864  -0.047  1.339   1.00 9.06  ? 39  ALA A CA  1 
ATOM   294  C C   . ALA A 1 39  ? -8.189  -0.205  2.078   1.00 9.13  ? 39  ALA A C   1 
ATOM   295  O O   . ALA A 1 39  ? -8.325  0.263   3.210   1.00 9.24  ? 39  ALA A O   1 
ATOM   296  C CB  . ALA A 1 39  ? -6.930  1.133   0.361   1.00 9.13  ? 39  ALA A CB  1 
ATOM   297  N N   . GLU A 1 40  ? -9.158  -0.881  1.454   1.00 9.64  ? 40  GLU A N   1 
ATOM   298  C CA  . GLU A 1 40  ? -10.496 -0.988  2.054   1.00 9.61  ? 40  GLU A CA  1 
ATOM   299  C C   . GLU A 1 40  ? -10.546 -1.883  3.292   1.00 9.58  ? 40  GLU A C   1 
ATOM   300  O O   . GLU A 1 40  ? -11.514 -1.835  4.060   1.00 9.31  ? 40  GLU A O   1 
ATOM   301  C CB  . GLU A 1 40  ? -11.529 -1.442  1.021   1.00 9.59  ? 40  GLU A CB  1 
ATOM   302  C CG  . GLU A 1 40  ? -11.332 -2.865  0.527   1.00 10.72 ? 40  GLU A CG  1 
ATOM   303  C CD  . GLU A 1 40  ? -12.067 -3.105  -0.763  1.00 12.91 ? 40  GLU A CD  1 
ATOM   304  O OE1 . GLU A 1 40  ? -13.221 -3.593  -0.704  1.00 15.49 ? 40  GLU A OE1 1 
ATOM   305  O OE2 . GLU A 1 40  ? -11.507 -2.763  -1.826  1.00 14.41 ? 40  GLU A OE2 1 
ATOM   306  N N   . LEU A 1 41  ? -9.491  -2.667  3.507   1.00 9.05  ? 41  LEU A N   1 
ATOM   307  C CA  . LEU A 1 41  ? -9.474  -3.652  4.594   1.00 9.23  ? 41  LEU A CA  1 
ATOM   308  C C   . LEU A 1 41  ? -8.604  -3.265  5.788   1.00 9.20  ? 41  LEU A C   1 
ATOM   309  O O   . LEU A 1 41  ? -8.581  -3.985  6.786   1.00 9.11  ? 41  LEU A O   1 
ATOM   310  C CB  . LEU A 1 41  ? -9.061  -5.034  4.062   1.00 9.10  ? 41  LEU A CB  1 
ATOM   311  C CG  . LEU A 1 41  ? -9.931  -5.592  2.927   1.00 9.48  ? 41  LEU A CG  1 
ATOM   312  C CD1 . LEU A 1 41  ? -9.374  -6.932  2.464   1.00 9.50  ? 41  LEU A CD1 1 
ATOM   313  C CD2 . LEU A 1 41  ? -11.396 -5.729  3.341   1.00 10.23 ? 41  LEU A CD2 1 
ATOM   314  N N   . ILE A 1 42  ? -7.893  -2.139  5.699   1.00 9.58  ? 42  ILE A N   1 
ATOM   315  C CA  . ILE A 1 42  ? -6.978  -1.774  6.780   1.00 9.39  ? 42  ILE A CA  1 
ATOM   316  C C   . ILE A 1 42  ? -7.711  -1.232  8.019   1.00 9.79  ? 42  ILE A C   1 
ATOM   317  O O   . ILE A 1 42  ? -8.479  -0.269  7.950   1.00 9.89  ? 42  ILE A O   1 
ATOM   318  C CB  . ILE A 1 42  ? -5.776  -0.880  6.302   1.00 9.71  ? 42  ILE A CB  1 
ATOM   319  C CG1 . ILE A 1 42  ? -4.656  -0.881  7.359   1.00 10.04 ? 42  ILE A CG1 1 
ATOM   320  C CG2 . ILE A 1 42  ? -6.247  0.532   5.899   1.00 9.09  ? 42  ILE A CG2 1 
ATOM   321  C CD1 A ILE A 1 42  ? -3.305  -0.383  6.876   0.50 8.22  ? 42  ILE A CD1 1 
ATOM   322  C CD1 B ILE A 1 42  ? -4.833  0.142   8.403   0.50 12.63 ? 42  ILE A CD1 1 
ATOM   323  N N   . THR A 1 43  ? -7.471  -1.898  9.145   1.00 10.02 ? 43  THR A N   1 
ATOM   324  C CA  . THR A 1 43  ? -8.104  -1.564  10.417  1.00 10.21 ? 43  THR A CA  1 
ATOM   325  C C   . THR A 1 43  ? -7.166  -0.695  11.248  1.00 10.59 ? 43  THR A C   1 
ATOM   326  O O   . THR A 1 43  ? -5.999  -0.530  10.895  1.00 10.13 ? 43  THR A O   1 
ATOM   327  C CB  . THR A 1 43  ? -8.389  -2.847  11.224  1.00 10.45 ? 43  THR A CB  1 
ATOM   328  O OG1 . THR A 1 43  ? -7.177  -3.609  11.323  1.00 9.96  ? 43  THR A OG1 1 
ATOM   329  C CG2 . THR A 1 43  ? -9.453  -3.696  10.541  1.00 10.11 ? 43  THR A CG2 1 
ATOM   330  N N   . GLN A 1 44  ? -7.667  -0.153  12.360  1.00 10.65 ? 44  GLN A N   1 
ATOM   331  C CA  . GLN A 1 44  ? -6.823  0.555   13.333  1.00 10.97 ? 44  GLN A CA  1 
ATOM   332  C C   . GLN A 1 44  ? -5.609  -0.289  13.715  1.00 11.11 ? 44  GLN A C   1 
ATOM   333  O O   . GLN A 1 44  ? -4.485  0.200   13.714  1.00 10.70 ? 44  GLN A O   1 
ATOM   334  C CB  . GLN A 1 44  ? -7.627  0.879   14.599  1.00 11.37 ? 44  GLN A CB  1 
ATOM   335  C CG  . GLN A 1 44  ? -6.929  1.842   15.583  1.00 12.00 ? 44  GLN A CG  1 
ATOM   336  C CD  . GLN A 1 44  ? -5.956  1.189   16.558  1.00 14.56 ? 44  GLN A CD  1 
ATOM   337  O OE1 . GLN A 1 44  ? -5.174  1.883   17.218  1.00 17.33 ? 44  GLN A OE1 1 
ATOM   338  N NE2 . GLN A 1 44  ? -5.997  -0.138  16.664  1.00 14.73 ? 44  GLN A NE2 1 
ATOM   339  N N   . GLU A 1 45  ? -5.856  -1.559  14.032  1.00 11.11 ? 45  GLU A N   1 
ATOM   340  C CA  . GLU A 1 45  ? -4.816  -2.465  14.497  1.00 11.30 ? 45  GLU A CA  1 
ATOM   341  C C   . GLU A 1 45  ? -3.787  -2.751  13.411  1.00 11.18 ? 45  GLU A C   1 
ATOM   342  O O   . GLU A 1 45  ? -2.590  -2.774  13.682  1.00 11.04 ? 45  GLU A O   1 
ATOM   343  C CB  . GLU A 1 45  ? -5.439  -3.766  15.001  1.00 11.84 ? 45  GLU A CB  1 
ATOM   344  C CG  . GLU A 1 45  ? -6.238  -3.601  16.297  1.00 13.40 ? 45  GLU A CG  1 
ATOM   345  C CD  . GLU A 1 45  ? -7.684  -3.134  16.108  1.00 16.28 ? 45  GLU A CD  1 
ATOM   346  O OE1 . GLU A 1 45  ? -8.115  -2.820  14.970  1.00 16.06 ? 45  GLU A OE1 1 
ATOM   347  O OE2 . GLU A 1 45  ? -8.405  -3.087  17.133  1.00 18.26 ? 45  GLU A OE2 1 
ATOM   348  N N   . LYS A 1 46  ? -4.255  -2.935  12.177  1.00 10.70 ? 46  LYS A N   1 
ATOM   349  C CA  . LYS A 1 46  ? -3.338  -3.200  11.063  1.00 10.63 ? 46  LYS A CA  1 
ATOM   350  C C   . LYS A 1 46  ? -2.514  -1.968  10.694  1.00 10.33 ? 46  LYS A C   1 
ATOM   351  O O   . LYS A 1 46  ? -1.343  -2.089  10.298  1.00 10.36 ? 46  LYS A O   1 
ATOM   352  C CB  . LYS A 1 46  ? -4.090  -3.780  9.857   1.00 10.33 ? 46  LYS A CB  1 
ATOM   353  C CG  . LYS A 1 46  ? -4.570  -5.210  10.115  1.00 12.04 ? 46  LYS A CG  1 
ATOM   354  C CD  . LYS A 1 46  ? -5.564  -5.708  9.091   1.00 13.22 ? 46  LYS A CD  1 
ATOM   355  C CE  . LYS A 1 46  ? -5.923  -7.165  9.402   1.00 14.43 ? 46  LYS A CE  1 
ATOM   356  N NZ  . LYS A 1 46  ? -6.867  -7.763  8.418   1.00 15.41 ? 46  LYS A NZ  1 
ATOM   357  N N   . MET A 1 47  ? -3.118  -0.787  10.824  1.00 10.03 ? 47  MET A N   1 
ATOM   358  C CA  . MET A 1 47  ? -2.385  0.475   10.630  1.00 9.33  ? 47  MET A CA  1 
ATOM   359  C C   . MET A 1 47  ? -1.340  0.664   11.724  1.00 9.59  ? 47  MET A C   1 
ATOM   360  O O   . MET A 1 47  ? -0.216  1.117   11.461  1.00 9.47  ? 47  MET A O   1 
ATOM   361  C CB  . MET A 1 47  ? -3.345  1.674   10.599  1.00 9.18  ? 47  MET A CB  1 
ATOM   362  C CG  . MET A 1 47  ? -2.676  3.025   10.279  1.00 8.82  ? 47  MET A CG  1 
ATOM   363  S SD  . MET A 1 47  ? -1.795  3.083   8.700   1.00 10.03 ? 47  MET A SD  1 
ATOM   364  C CE  . MET A 1 47  ? -3.130  3.319   7.534   1.00 9.82  ? 47  MET A CE  1 
ATOM   365  N N   . ALA A 1 48  ? -1.708  0.318   12.954  1.00 9.54  ? 48  ALA A N   1 
ATOM   366  C CA  . ALA A 1 48  ? -0.762  0.395   14.063  1.00 9.49  ? 48  ALA A CA  1 
ATOM   367  C C   . ALA A 1 48  ? 0.439   -0.502  13.776  1.00 9.44  ? 48  ALA A C   1 
ATOM   368  O O   . ALA A 1 48  ? 1.577   -0.098  13.994  1.00 9.19  ? 48  ALA A O   1 
ATOM   369  C CB  . ALA A 1 48  ? -1.428  0.010   15.368  1.00 9.34  ? 48  ALA A CB  1 
ATOM   370  N N   . PHE A 1 49  ? 0.163   -1.703  13.267  1.00 9.45  ? 49  PHE A N   1 
ATOM   371  C CA  . PHE A 1 49  ? 1.195   -2.667  12.880  1.00 9.67  ? 49  PHE A CA  1 
ATOM   372  C C   . PHE A 1 49  ? 2.092   -2.107  11.770  1.00 9.61  ? 49  PHE A C   1 
ATOM   373  O O   . PHE A 1 49  ? 3.326   -2.140  11.869  1.00 9.63  ? 49  PHE A O   1 
ATOM   374  C CB  . PHE A 1 49  ? 0.533   -3.979  12.435  1.00 9.89  ? 49  PHE A CB  1 
ATOM   375  C CG  . PHE A 1 49  ? 1.507   -5.078  12.102  1.00 10.18 ? 49  PHE A CG  1 
ATOM   376  C CD1 . PHE A 1 49  ? 1.930   -5.968  13.081  1.00 11.18 ? 49  PHE A CD1 1 
ATOM   377  C CD2 . PHE A 1 49  ? 1.986   -5.232  10.806  1.00 11.18 ? 49  PHE A CD2 1 
ATOM   378  C CE1 . PHE A 1 49  ? 2.834   -6.995  12.772  1.00 12.08 ? 49  PHE A CE1 1 
ATOM   379  C CE2 . PHE A 1 49  ? 2.880   -6.252  10.491  1.00 11.26 ? 49  PHE A CE2 1 
ATOM   380  C CZ  . PHE A 1 49  ? 3.304   -7.131  11.477  1.00 11.41 ? 49  PHE A CZ  1 
ATOM   381  N N   . LEU A 1 50  ? 1.467   -1.580  10.721  1.00 9.27  ? 50  LEU A N   1 
ATOM   382  C CA  . LEU A 1 50  ? 2.198   -0.990  9.605   1.00 9.12  ? 50  LEU A CA  1 
ATOM   383  C C   . LEU A 1 50  ? 3.131   0.124   10.076  1.00 9.62  ? 50  LEU A C   1 
ATOM   384  O O   . LEU A 1 50  ? 4.307   0.132   9.741   1.00 9.47  ? 50  LEU A O   1 
ATOM   385  C CB  . LEU A 1 50  ? 1.224   -0.457  8.549   1.00 8.86  ? 50  LEU A CB  1 
ATOM   386  C CG  . LEU A 1 50  ? 1.861   0.137   7.287   1.00 8.54  ? 50  LEU A CG  1 
ATOM   387  C CD1 . LEU A 1 50  ? 2.722   -0.912  6.576   1.00 8.95  ? 50  LEU A CD1 1 
ATOM   388  C CD2 . LEU A 1 50  ? 0.798   0.677   6.344   1.00 9.00  ? 50  LEU A CD2 1 
ATOM   389  N N   . VAL A 1 51  ? 2.600   1.060   10.858  1.00 9.55  ? 51  VAL A N   1 
ATOM   390  C CA  . VAL A 1 51  ? 3.405   2.166   11.376  1.00 9.59  ? 51  VAL A CA  1 
ATOM   391  C C   . VAL A 1 51  ? 4.539   1.658   12.272  1.00 9.90  ? 51  VAL A C   1 
ATOM   392  O O   . VAL A 1 51  ? 5.685   2.090   12.141  1.00 10.71 ? 51  VAL A O   1 
ATOM   393  C CB  . VAL A 1 51  ? 2.518   3.196   12.103  1.00 9.61  ? 51  VAL A CB  1 
ATOM   394  C CG1 . VAL A 1 51  ? 3.358   4.223   12.862  1.00 9.62  ? 51  VAL A CG1 1 
ATOM   395  C CG2 . VAL A 1 51  ? 1.602   3.880   11.101  1.00 9.47  ? 51  VAL A CG2 1 
ATOM   396  N N   . ARG A 1 52  ? 4.223   0.710   13.149  1.00 9.73  ? 52  ARG A N   1 
ATOM   397  C CA  . ARG A 1 52  ? 5.196   0.172   14.106  1.00 9.75  ? 52  ARG A CA  1 
ATOM   398  C C   . ARG A 1 52  ? 6.474   -0.356  13.443  1.00 9.83  ? 52  ARG A C   1 
ATOM   399  O O   . ARG A 1 52  ? 7.572   -0.161  13.974  1.00 10.16 ? 52  ARG A O   1 
ATOM   400  C CB  . ARG A 1 52  ? 4.537   -0.919  14.962  1.00 10.04 ? 52  ARG A CB  1 
ATOM   401  C CG  . ARG A 1 52  ? 5.489   -1.811  15.758  1.00 10.43 ? 52  ARG A CG  1 
ATOM   402  C CD  . ARG A 1 52  ? 6.252   -1.059  16.851  1.00 12.74 ? 52  ARG A CD  1 
ATOM   403  N NE  . ARG A 1 52  ? 7.175   -1.969  17.527  1.00 12.53 ? 52  ARG A NE  1 
ATOM   404  C CZ  . ARG A 1 52  ? 8.424   -2.217  17.137  1.00 13.16 ? 52  ARG A CZ  1 
ATOM   405  N NH1 . ARG A 1 52  ? 8.941   -1.605  16.074  1.00 12.86 ? 52  ARG A NH1 1 
ATOM   406  N NH2 . ARG A 1 52  ? 9.162   -3.080  17.823  1.00 12.58 ? 52  ARG A NH2 1 
ATOM   407  N N   . TYR A 1 53  ? 6.331   -1.010  12.292  1.00 9.83  ? 53  TYR A N   1 
ATOM   408  C CA  . TYR A 1 53  ? 7.451   -1.719  11.666  1.00 10.03 ? 53  TYR A CA  1 
ATOM   409  C C   . TYR A 1 53  ? 7.963   -1.077  10.377  1.00 10.00 ? 53  TYR A C   1 
ATOM   410  O O   . TYR A 1 53  ? 8.743   -1.686  9.638   1.00 10.17 ? 53  TYR A O   1 
ATOM   411  C CB  . TYR A 1 53  ? 7.055   -3.176  11.396  1.00 10.66 ? 53  TYR A CB  1 
ATOM   412  C CG  . TYR A 1 53  ? 6.810   -3.949  12.668  1.00 11.51 ? 53  TYR A CG  1 
ATOM   413  C CD1 . TYR A 1 53  ? 5.527   -4.359  13.023  1.00 13.11 ? 53  TYR A CD1 1 
ATOM   414  C CD2 . TYR A 1 53  ? 7.864   -4.236  13.539  1.00 11.94 ? 53  TYR A CD2 1 
ATOM   415  C CE1 . TYR A 1 53  ? 5.307   -5.064  14.208  1.00 12.31 ? 53  TYR A CE1 1 
ATOM   416  C CE2 . TYR A 1 53  ? 7.648   -4.925  14.724  1.00 12.68 ? 53  TYR A CE2 1 
ATOM   417  C CZ  . TYR A 1 53  ? 6.372   -5.333  15.049  1.00 13.01 ? 53  TYR A CZ  1 
ATOM   418  O OH  . TYR A 1 53  ? 6.170   -6.023  16.230  1.00 14.09 ? 53  TYR A OH  1 
ATOM   419  N N   . SER A 1 54  ? 7.552   0.155   10.129  1.00 9.75  ? 54  SER A N   1 
ATOM   420  C CA  . SER A 1 54  ? 7.875   0.824   8.879   1.00 9.17  ? 54  SER A CA  1 
ATOM   421  C C   . SER A 1 54  ? 8.394   2.245   9.094   1.00 9.24  ? 54  SER A C   1 
ATOM   422  O O   . SER A 1 54  ? 8.512   2.708   10.229  1.00 9.14  ? 54  SER A O   1 
ATOM   423  C CB  . SER A 1 54  ? 6.643   0.852   7.978   1.00 9.45  ? 54  SER A CB  1 
ATOM   424  O OG  . SER A 1 54  ? 5.740   1.862   8.399   1.00 8.66  ? 54  SER A OG  1 
ATOM   425  N N   . SER A 1 55  ? 8.703   2.922   7.994   1.00 9.19  ? 55  SER A N   1 
ATOM   426  C CA  . SER A 1 55  ? 9.135   4.321   8.006   1.00 9.34  ? 55  SER A CA  1 
ATOM   427  C C   . SER A 1 55  ? 8.044   5.251   8.525   1.00 9.26  ? 55  SER A C   1 
ATOM   428  O O   . SER A 1 55  ? 8.318   6.396   8.887   1.00 8.94  ? 55  SER A O   1 
ATOM   429  C CB  . SER A 1 55  ? 9.511   4.770   6.589   1.00 9.62  ? 55  SER A CB  1 
ATOM   430  O OG  . SER A 1 55  ? 8.336   4.990   5.820   1.00 9.57  ? 55  SER A OG  1 
ATOM   431  N N   . GLY A 1 56  ? 6.803   4.767   8.511   1.00 9.51  ? 56  GLY A N   1 
ATOM   432  C CA  . GLY A 1 56  ? 5.655   5.570   8.942   1.00 9.56  ? 56  GLY A CA  1 
ATOM   433  C C   . GLY A 1 56  ? 5.162   6.578   7.921   1.00 9.91  ? 56  GLY A C   1 
ATOM   434  O O   . GLY A 1 56  ? 4.155   7.247   8.143   1.00 10.04 ? 56  GLY A O   1 
ATOM   435  N N   . TYR A 1 57  ? 5.865   6.687   6.795   1.00 10.18 ? 57  TYR A N   1 
ATOM   436  C CA  . TYR A 1 57  ? 5.464   7.581   5.710   1.00 9.99  ? 57  TYR A CA  1 
ATOM   437  C C   . TYR A 1 57  ? 4.436   6.813   4.879   1.00 10.13 ? 57  TYR A C   1 
ATOM   438  O O   . TYR A 1 57  ? 4.732   6.347   3.773   1.00 10.35 ? 57  TYR A O   1 
ATOM   439  C CB  . TYR A 1 57  ? 6.703   7.969   4.878   1.00 9.99  ? 57  TYR A CB  1 
ATOM   440  C CG  . TYR A 1 57  ? 6.629   9.310   4.158   1.00 10.75 ? 57  TYR A CG  1 
ATOM   441  C CD1 . TYR A 1 57  ? 6.591   10.512  4.871   1.00 10.80 ? 57  TYR A CD1 1 
ATOM   442  C CD2 . TYR A 1 57  ? 6.644   9.376   2.766   1.00 11.12 ? 57  TYR A CD2 1 
ATOM   443  C CE1 . TYR A 1 57  ? 6.548   11.740  4.218   1.00 10.51 ? 57  TYR A CE1 1 
ATOM   444  C CE2 . TYR A 1 57  ? 6.602   10.609  2.097   1.00 10.89 ? 57  TYR A CE2 1 
ATOM   445  C CZ  . TYR A 1 57  ? 6.550   11.783  2.832   1.00 10.82 ? 57  TYR A CZ  1 
ATOM   446  O OH  . TYR A 1 57  ? 6.507   12.998  2.179   1.00 11.54 ? 57  TYR A OH  1 
ATOM   447  N N   . VAL A 1 58  ? 3.230   6.666   5.434   1.00 9.53  ? 58  VAL A N   1 
ATOM   448  C CA  . VAL A 1 58  ? 2.244   5.717   4.911   1.00 9.68  ? 58  VAL A CA  1 
ATOM   449  C C   . VAL A 1 58  ? 1.536   6.293   3.699   1.00 9.78  ? 58  VAL A C   1 
ATOM   450  O O   . VAL A 1 58  ? 0.968   7.399   3.758   1.00 9.84  ? 58  VAL A O   1 
ATOM   451  C CB  . VAL A 1 58  ? 1.214   5.273   6.000   1.00 9.45  ? 58  VAL A CB  1 
ATOM   452  C CG1 . VAL A 1 58  ? 0.149   4.366   5.402   1.00 10.27 ? 58  VAL A CG1 1 
ATOM   453  C CG2 . VAL A 1 58  ? 1.916   4.542   7.142   1.00 9.60  ? 58  VAL A CG2 1 
ATOM   454  N N   . CYS A 1 59  ? 1.589   5.537   2.602   1.00 9.52  ? 59  CYS A N   1 
ATOM   455  C CA  . CYS A 1 59  ? 1.064   5.963   1.309   1.00 9.38  ? 59  CYS A CA  1 
ATOM   456  C C   . CYS A 1 59  ? -0.107  5.108   0.849   1.00 9.03  ? 59  CYS A C   1 
ATOM   457  O O   . CYS A 1 59  ? -0.186  3.928   1.175   1.00 8.66  ? 59  CYS A O   1 
ATOM   458  C CB  . CYS A 1 59  ? 2.163   5.896   0.254   1.00 9.50  ? 59  CYS A CB  1 
ATOM   459  S SG  . CYS A 1 59  ? 3.485   7.090   0.503   1.00 10.57 ? 59  CYS A SG  1 
ATOM   460  N N   . VAL A 1 60  ? -1.004  5.711   0.074   1.00 9.11  ? 60  VAL A N   1 
ATOM   461  C CA  . VAL A 1 60  ? -2.194  5.015   -0.419  1.00 8.86  ? 60  VAL A CA  1 
ATOM   462  C C   . VAL A 1 60  ? -2.284  5.086   -1.955  1.00 9.32  ? 60  VAL A C   1 
ATOM   463  O O   . VAL A 1 60  ? -2.838  6.036   -2.501  1.00 9.05  ? 60  VAL A O   1 
ATOM   464  C CB  . VAL A 1 60  ? -3.488  5.556   0.252   1.00 9.06  ? 60  VAL A CB  1 
ATOM   465  C CG1 . VAL A 1 60  ? -4.723  4.873   -0.299  1.00 8.94  ? 60  VAL A CG1 1 
ATOM   466  C CG2 . VAL A 1 60  ? -3.424  5.361   1.767   1.00 9.24  ? 60  VAL A CG2 1 
ATOM   467  N N   . PRO A 1 61  ? -1.693  4.099   -2.653  1.00 9.68  ? 61  PRO A N   1 
ATOM   468  C CA  . PRO A 1 61  ? -1.855  3.994   -4.104  1.00 10.02 ? 61  PRO A CA  1 
ATOM   469  C C   . PRO A 1 61  ? -3.317  3.926   -4.552  1.00 10.13 ? 61  PRO A C   1 
ATOM   470  O O   . PRO A 1 61  ? -4.102  3.136   -4.016  1.00 10.35 ? 61  PRO A O   1 
ATOM   471  C CB  . PRO A 1 61  ? -1.117  2.693   -4.432  1.00 9.61  ? 61  PRO A CB  1 
ATOM   472  C CG  . PRO A 1 61  ? -0.038  2.640   -3.391  1.00 10.33 ? 61  PRO A CG  1 
ATOM   473  C CD  . PRO A 1 61  ? -0.764  3.074   -2.145  1.00 9.35  ? 61  PRO A CD  1 
ATOM   474  N N   . LEU A 1 62  ? -3.657  4.780   -5.516  1.00 10.32 ? 62  LEU A N   1 
ATOM   475  C CA  . LEU A 1 62  ? -4.971  4.823   -6.151  1.00 11.04 ? 62  LEU A CA  1 
ATOM   476  C C   . LEU A 1 62  ? -4.707  4.883   -7.643  1.00 10.89 ? 62  LEU A C   1 
ATOM   477  O O   . LEU A 1 62  ? -3.632  5.310   -8.065  1.00 10.76 ? 62  LEU A O   1 
ATOM   478  C CB  . LEU A 1 62  ? -5.726  6.093   -5.743  1.00 11.42 ? 62  LEU A CB  1 
ATOM   479  C CG  . LEU A 1 62  ? -6.024  6.371   -4.267  1.00 12.52 ? 62  LEU A CG  1 
ATOM   480  C CD1 . LEU A 1 62  ? -6.553  7.790   -4.114  1.00 13.64 ? 62  LEU A CD1 1 
ATOM   481  C CD2 . LEU A 1 62  ? -7.016  5.349   -3.696  1.00 13.25 ? 62  LEU A CD2 1 
ATOM   482  N N   . SER A 1 63  ? -5.671  4.455   -8.451  1.00 11.30 ? 63  SER A N   1 
ATOM   483  C CA  . SER A 1 63  ? -5.567  4.691   -9.882  1.00 11.42 ? 63  SER A CA  1 
ATOM   484  C C   . SER A 1 63  ? -5.695  6.194   -10.148 1.00 11.86 ? 63  SER A C   1 
ATOM   485  O O   . SER A 1 63  ? -6.298  6.928   -9.353  1.00 11.97 ? 63  SER A O   1 
ATOM   486  C CB  . SER A 1 63  ? -6.671  3.941   -10.619 1.00 11.57 ? 63  SER A CB  1 
ATOM   487  O OG  . SER A 1 63  ? -7.940  4.446   -10.236 1.00 12.34 ? 63  SER A OG  1 
ATOM   488  N N   . GLU A 1 64  ? -5.137  6.656   -11.264 1.00 12.18 ? 64  GLU A N   1 
ATOM   489  C CA  . GLU A 1 64  ? -5.296  8.057   -11.650 1.00 13.17 ? 64  GLU A CA  1 
ATOM   490  C C   . GLU A 1 64  ? -6.766  8.445   -11.763 1.00 13.01 ? 64  GLU A C   1 
ATOM   491  O O   . GLU A 1 64  ? -7.157  9.541   -11.354 1.00 12.80 ? 64  GLU A O   1 
ATOM   492  C CB  . GLU A 1 64  ? -4.546  8.342   -12.951 1.00 13.17 ? 64  GLU A CB  1 
ATOM   493  C CG  . GLU A 1 64  ? -3.035  8.466   -12.747 1.00 13.68 ? 64  GLU A CG  1 
ATOM   494  C CD  . GLU A 1 64  ? -2.256  8.683   -14.036 1.00 14.58 ? 64  GLU A CD  1 
ATOM   495  O OE1 . GLU A 1 64  ? -1.021  8.503   -14.015 1.00 15.75 ? 64  GLU A OE1 1 
ATOM   496  O OE2 . GLU A 1 64  ? -2.865  9.049   -15.064 1.00 15.90 ? 64  GLU A OE2 1 
ATOM   497  N N   . GLU A 1 65  ? -7.577  7.538   -12.302 1.00 13.24 ? 65  GLU A N   1 
ATOM   498  C CA  . GLU A 1 65  ? -8.999  7.791   -12.495 1.00 14.19 ? 65  GLU A CA  1 
ATOM   499  C C   . GLU A 1 65  ? -9.696  8.040   -11.155 1.00 14.00 ? 65  GLU A C   1 
ATOM   500  O O   . GLU A 1 65  ? -10.490 8.978   -11.026 1.00 14.24 ? 65  GLU A O   1 
ATOM   501  C CB  . GLU A 1 65  ? -9.655  6.630   -13.253 1.00 14.27 ? 65  GLU A CB  1 
ATOM   502  C CG  . GLU A 1 65  ? -10.601 7.097   -14.328 1.00 15.21 ? 65  GLU A CG  1 
ATOM   503  C CD  . GLU A 1 65  ? -11.246 5.980   -15.129 1.00 15.15 ? 65  GLU A CD  1 
ATOM   504  O OE1 . GLU A 1 65  ? -10.557 5.004   -15.524 1.00 14.21 ? 65  GLU A OE1 1 
ATOM   505  O OE2 . GLU A 1 65  ? -12.461 6.102   -15.383 1.00 17.31 ? 65  GLU A OE2 1 
ATOM   506  N N   . ARG A 1 66  ? -9.371  7.221   -10.155 1.00 14.05 ? 66  ARG A N   1 
ATOM   507  C CA  . ARG A 1 66  ? -9.956  7.368   -8.826  1.00 14.39 ? 66  ARG A CA  1 
ATOM   508  C C   . ARG A 1 66  ? -9.467  8.642   -8.140  1.00 14.41 ? 66  ARG A C   1 
ATOM   509  O O   . ARG A 1 66  ? -10.263 9.373   -7.556  1.00 14.68 ? 66  ARG A O   1 
ATOM   510  C CB  . ARG A 1 66  ? -9.693  6.128   -7.955  1.00 14.79 ? 66  ARG A CB  1 
ATOM   511  C CG  . ARG A 1 66  ? -10.233 6.225   -6.525  1.00 16.46 ? 66  ARG A CG  1 
ATOM   512  C CD  . ARG A 1 66  ? -11.755 6.312   -6.483  1.00 19.01 ? 66  ARG A CD  1 
ATOM   513  N NE  . ARG A 1 66  ? -12.380 5.018   -6.753  1.00 21.84 ? 66  ARG A NE  1 
ATOM   514  C CZ  . ARG A 1 66  ? -12.536 4.055   -5.843  1.00 23.16 ? 66  ARG A CZ  1 
ATOM   515  N NH1 . ARG A 1 66  ? -13.110 2.913   -6.182  1.00 24.06 ? 66  ARG A NH1 1 
ATOM   516  N NH2 . ARG A 1 66  ? -12.118 4.228   -4.599  1.00 23.80 ? 66  ARG A NH2 1 
ATOM   517  N N   . ALA A 1 67  ? -8.165  8.918   -8.229  1.00 14.33 ? 67  ALA A N   1 
ATOM   518  C CA  . ALA A 1 67  ? -7.621  10.167  -7.692  1.00 14.54 ? 67  ALA A CA  1 
ATOM   519  C C   . ALA A 1 67  ? -8.277  11.387  -8.346  1.00 15.03 ? 67  ALA A C   1 
ATOM   520  O O   . ALA A 1 67  ? -8.557  12.381  -7.672  1.00 15.42 ? 67  ALA A O   1 
ATOM   521  C CB  . ALA A 1 67  ? -6.117  10.205  -7.850  1.00 14.31 ? 67  ALA A CB  1 
ATOM   522  N N   . ASN A 1 68  ? -8.530  11.305  -9.653  1.00 15.51 ? 68  ASN A N   1 
ATOM   523  C CA  . ASN A 1 68  ? -9.249  12.364  -10.368 1.00 16.15 ? 68  ASN A CA  1 
ATOM   524  C C   . ASN A 1 68  ? -10.663 12.565  -9.832  1.00 16.53 ? 68  ASN A C   1 
ATOM   525  O O   . ASN A 1 68  ? -11.090 13.699  -9.619  1.00 17.01 ? 68  ASN A O   1 
ATOM   526  C CB  . ASN A 1 68  ? -9.273  12.088  -11.878 1.00 16.57 ? 68  ASN A CB  1 
ATOM   527  C CG  . ASN A 1 68  ? -7.939  12.372  -12.539 1.00 16.17 ? 68  ASN A CG  1 
ATOM   528  O OD1 . ASN A 1 68  ? -7.091  13.063  -11.975 1.00 16.55 ? 68  ASN A OD1 1 
ATOM   529  N ND2 . ASN A 1 68  ? -7.742  11.836  -13.742 1.00 16.70 ? 68  ASN A ND2 1 
ATOM   530  N N   . GLN A 1 69  ? -11.369 11.457  -9.607  1.00 16.85 ? 69  GLN A N   1 
ATOM   531  C CA  . GLN A 1 69  ? -12.717 11.468  -9.035  1.00 17.51 ? 69  GLN A CA  1 
ATOM   532  C C   . GLN A 1 69  ? -12.739 12.132  -7.655  1.00 16.99 ? 69  GLN A C   1 
ATOM   533  O O   . GLN A 1 69  ? -13.670 12.878  -7.337  1.00 17.11 ? 69  GLN A O   1 
ATOM   534  C CB  . GLN A 1 69  ? -13.279 10.039  -8.975  1.00 17.43 ? 69  GLN A CB  1 
ATOM   535  C CG  . GLN A 1 69  ? -14.661 9.899   -8.337  1.00 19.09 ? 69  GLN A CG  1 
ATOM   536  C CD  . GLN A 1 69  ? -15.273 8.527   -8.572  1.00 19.81 ? 69  GLN A CD  1 
ATOM   537  O OE1 . GLN A 1 69  ? -15.850 8.266   -9.629  1.00 24.02 ? 69  GLN A OE1 1 
ATOM   538  N NE2 . GLN A 1 69  ? -15.150 7.646   -7.586  1.00 22.46 ? 69  GLN A NE2 1 
ATOM   539  N N   . LEU A 1 70  ? -11.702 11.880  -6.855  1.00 16.42 ? 70  LEU A N   1 
ATOM   540  C CA  . LEU A 1 70  ? -11.629 12.397  -5.485  1.00 16.34 ? 70  LEU A CA  1 
ATOM   541  C C   . LEU A 1 70  ? -11.017 13.798  -5.394  1.00 16.16 ? 70  LEU A C   1 
ATOM   542  O O   . LEU A 1 70  ? -10.890 14.360  -4.298  1.00 15.73 ? 70  LEU A O   1 
ATOM   543  C CB  . LEU A 1 70  ? -10.871 11.417  -4.582  1.00 16.54 ? 70  LEU A CB  1 
ATOM   544  C CG  . LEU A 1 70  ? -11.583 10.100  -4.247  1.00 16.99 ? 70  LEU A CG  1 
ATOM   545  C CD1 . LEU A 1 70  ? -10.657 9.159   -3.502  1.00 17.33 ? 70  LEU A CD1 1 
ATOM   546  C CD2 . LEU A 1 70  ? -12.857 10.342  -3.431  1.00 18.96 ? 70  LEU A CD2 1 
ATOM   547  N N   . GLU A 1 71  ? -10.662 14.361  -6.550  1.00 15.98 ? 71  GLU A N   1 
ATOM   548  C CA  . GLU A 1 71  ? -10.022 15.677  -6.620  1.00 16.48 ? 71  GLU A CA  1 
ATOM   549  C C   . GLU A 1 71  ? -8.745  15.718  -5.780  1.00 16.18 ? 71  GLU A C   1 
ATOM   550  O O   . GLU A 1 71  ? -8.567  16.590  -4.919  1.00 16.31 ? 71  GLU A O   1 
ATOM   551  C CB  . GLU A 1 71  ? -11.004 16.793  -6.237  1.00 16.63 ? 71  GLU A CB  1 
ATOM   552  C CG  . GLU A 1 71  ? -12.136 16.988  -7.245  1.00 17.88 ? 71  GLU A CG  1 
ATOM   553  C CD  . GLU A 1 71  ? -13.113 18.093  -6.849  1.00 18.61 ? 71  GLU A CD  1 
ATOM   554  O OE1 . GLU A 1 71  ? -12.742 18.981  -6.057  1.00 22.01 ? 71  GLU A OE1 1 
ATOM   555  O OE2 . GLU A 1 71  ? -14.263 18.067  -7.333  1.00 22.21 ? 71  GLU A OE2 1 
ATOM   556  N N   . LEU A 1 72  ? -7.867  14.751  -6.041  1.00 15.49 ? 72  LEU A N   1 
ATOM   557  C CA  . LEU A 1 72  ? -6.550  14.690  -5.414  1.00 15.47 ? 72  LEU A CA  1 
ATOM   558  C C   . LEU A 1 72  ? -5.481  14.882  -6.483  1.00 15.36 ? 72  LEU A C   1 
ATOM   559  O O   . LEU A 1 72  ? -4.946  13.904  -7.011  1.00 14.85 ? 72  LEU A O   1 
ATOM   560  C CB  . LEU A 1 72  ? -6.355  13.356  -4.684  1.00 15.31 ? 72  LEU A CB  1 
ATOM   561  C CG  . LEU A 1 72  ? -7.267  13.090  -3.487  1.00 15.19 ? 72  LEU A CG  1 
ATOM   562  C CD1 . LEU A 1 72  ? -7.229  11.616  -3.123  1.00 14.01 ? 72  LEU A CD1 1 
ATOM   563  C CD2 . LEU A 1 72  ? -6.885  13.969  -2.299  1.00 15.71 ? 72  LEU A CD2 1 
ATOM   564  N N   . PRO A 1 73  ? -5.171  16.154  -6.809  1.00 15.71 ? 73  PRO A N   1 
ATOM   565  C CA  . PRO A 1 73  ? -4.233  16.457  -7.877  1.00 15.88 ? 73  PRO A CA  1 
ATOM   566  C C   . PRO A 1 73  ? -2.802  16.145  -7.460  1.00 15.85 ? 73  PRO A C   1 
ATOM   567  O O   . PRO A 1 73  ? -2.519  16.094  -6.261  1.00 15.82 ? 73  PRO A O   1 
ATOM   568  C CB  . PRO A 1 73  ? -4.412  17.967  -8.089  1.00 15.94 ? 73  PRO A CB  1 
ATOM   569  C CG  . PRO A 1 73  ? -4.937  18.487  -6.822  1.00 15.94 ? 73  PRO A CG  1 
ATOM   570  C CD  . PRO A 1 73  ? -5.694  17.372  -6.165  1.00 15.92 ? 73  PRO A CD  1 
ATOM   571  N N   . PRO A 1 74  ? -1.901  15.942  -8.438  1.00 16.03 ? 74  PRO A N   1 
ATOM   572  C CA  . PRO A 1 74  ? -0.489  15.770  -8.105  1.00 16.14 ? 74  PRO A CA  1 
ATOM   573  C C   . PRO A 1 74  ? -0.016  16.896  -7.193  1.00 16.45 ? 74  PRO A C   1 
ATOM   574  O O   . PRO A 1 74  ? -0.449  18.041  -7.335  1.00 16.66 ? 74  PRO A O   1 
ATOM   575  C CB  . PRO A 1 74  ? 0.202   15.872  -9.469  1.00 16.03 ? 74  PRO A CB  1 
ATOM   576  C CG  . PRO A 1 74  ? -0.814  15.384  -10.427 1.00 15.74 ? 74  PRO A CG  1 
ATOM   577  C CD  . PRO A 1 74  ? -2.129  15.875  -9.895  1.00 16.03 ? 74  PRO A CD  1 
ATOM   578  N N   . MET A 1 75  ? 0.850   16.568  -6.241  1.00 16.95 ? 75  MET A N   1 
ATOM   579  C CA  . MET A 1 75  ? 1.320   17.568  -5.298  1.00 17.38 ? 75  MET A CA  1 
ATOM   580  C C   . MET A 1 75  ? 2.033   18.693  -6.038  1.00 18.53 ? 75  MET A C   1 
ATOM   581  O O   . MET A 1 75  ? 1.883   19.868  -5.686  1.00 19.00 ? 75  MET A O   1 
ATOM   582  C CB  . MET A 1 75  ? 2.242   16.932  -4.272  1.00 17.33 ? 75  MET A CB  1 
ATOM   583  C CG  . MET A 1 75  ? 2.512   17.808  -3.079  1.00 16.79 ? 75  MET A CG  1 
ATOM   584  S SD  . MET A 1 75  ? 3.726   17.009  -2.035  1.00 15.84 ? 75  MET A SD  1 
ATOM   585  C CE  . MET A 1 75  ? 2.722   15.782  -1.183  1.00 15.15 ? 75  MET A CE  1 
ATOM   586  N N   . LEU A 1 76  ? 2.807   18.314  -7.055  1.00 19.56 ? 76  LEU A N   1 
ATOM   587  C CA  . LEU A 1 76  ? 3.408   19.260  -7.989  1.00 20.80 ? 76  LEU A CA  1 
ATOM   588  C C   . LEU A 1 76  ? 2.920   18.915  -9.393  1.00 21.16 ? 76  LEU A C   1 
ATOM   589  O O   . LEU A 1 76  ? 3.172   17.811  -9.887  1.00 22.15 ? 76  LEU A O   1 
ATOM   590  C CB  . LEU A 1 76  ? 4.935   19.177  -7.935  1.00 21.11 ? 76  LEU A CB  1 
ATOM   591  C CG  . LEU A 1 76  ? 5.783   20.431  -8.187  1.00 22.44 ? 76  LEU A CG  1 
ATOM   592  C CD1 . LEU A 1 76  ? 7.258   20.096  -7.976  1.00 23.41 ? 76  LEU A CD1 1 
ATOM   593  C CD2 . LEU A 1 76  ? 5.564   21.063  -9.562  1.00 23.97 ? 76  LEU A CD2 1 
ATOM   594  N N   . ALA A 1 77  ? 3.109   20.093  -10.385 0.00 21.99 ? 77  ALA A N   1 
ATOM   595  C CA  . ALA A 1 77  ? 2.873   19.994  -11.821 0.00 20.86 ? 77  ALA A CA  1 
ATOM   596  C C   . ALA A 1 77  ? 4.003   20.647  -12.608 0.00 20.25 ? 77  ALA A C   1 
ATOM   597  O O   . ALA A 1 77  ? 4.988   19.995  -12.953 0.00 19.68 ? 77  ALA A O   1 
ATOM   598  C CB  . ALA A 1 77  ? 1.542   20.649  -12.176 0.00 20.35 ? 77  ALA A CB  1 
ATOM   599  N N   . GLY A 1 84  ? 9.410   8.443   -10.957 1.00 20.61 ? 84  GLY A N   1 
ATOM   600  C CA  . GLY A 1 84  ? 9.289   9.086   -9.650  1.00 19.90 ? 84  GLY A CA  1 
ATOM   601  C C   . GLY A 1 84  ? 7.919   8.862   -9.038  1.00 19.40 ? 84  GLY A C   1 
ATOM   602  O O   . GLY A 1 84  ? 6.912   8.830   -9.748  1.00 19.68 ? 84  GLY A O   1 
ATOM   603  N N   . THR A 1 85  ? 7.891   8.711   -7.714  1.00 18.67 ? 85  THR A N   1 
ATOM   604  C CA  . THR A 1 85  ? 6.654   8.453   -6.975  1.00 17.52 ? 85  THR A CA  1 
ATOM   605  C C   . THR A 1 85  ? 5.672   9.619   -7.167  1.00 16.83 ? 85  THR A C   1 
ATOM   606  O O   . THR A 1 85  ? 6.035   10.784  -6.985  1.00 16.92 ? 85  THR A O   1 
ATOM   607  C CB  . THR A 1 85  ? 6.943   8.234   -5.474  1.00 17.65 ? 85  THR A CB  1 
ATOM   608  O OG1 . THR A 1 85  ? 7.939   7.214   -5.318  1.00 17.64 ? 85  THR A OG1 1 
ATOM   609  C CG2 . THR A 1 85  ? 5.677   7.831   -4.721  1.00 17.54 ? 85  THR A CG2 1 
ATOM   610  N N   . ALA A 1 86  ? 4.436   9.292   -7.534  1.00 15.71 ? 86  ALA A N   1 
ATOM   611  C CA  . ALA A 1 86  ? 3.453   10.302  -7.914  1.00 14.81 ? 86  ALA A CA  1 
ATOM   612  C C   . ALA A 1 86  ? 2.549   10.721  -6.755  1.00 14.46 ? 86  ALA A C   1 
ATOM   613  O O   . ALA A 1 86  ? 1.376   10.349  -6.705  1.00 14.11 ? 86  ALA A O   1 
ATOM   614  C CB  . ALA A 1 86  ? 2.622   9.806   -9.107  1.00 14.71 ? 86  ALA A CB  1 
ATOM   615  N N   . TYR A 1 87  ? 3.101   11.501  -5.827  1.00 13.68 ? 87  TYR A N   1 
ATOM   616  C CA  . TYR A 1 87  ? 2.340   11.996  -4.683  1.00 13.39 ? 87  TYR A CA  1 
ATOM   617  C C   . TYR A 1 87  ? 1.250   12.971  -5.105  1.00 12.89 ? 87  TYR A C   1 
ATOM   618  O O   . TYR A 1 87  ? 1.477   13.836  -5.958  1.00 13.52 ? 87  TYR A O   1 
ATOM   619  C CB  . TYR A 1 87  ? 3.265   12.710  -3.692  1.00 13.65 ? 87  TYR A CB  1 
ATOM   620  C CG  . TYR A 1 87  ? 4.353   11.847  -3.124  1.00 13.74 ? 87  TYR A CG  1 
ATOM   621  C CD1 . TYR A 1 87  ? 5.654   11.915  -3.625  1.00 14.76 ? 87  TYR A CD1 1 
ATOM   622  C CD2 . TYR A 1 87  ? 4.089   10.954  -2.081  1.00 13.87 ? 87  TYR A CD2 1 
ATOM   623  C CE1 . TYR A 1 87  ? 6.666   11.116  -3.103  1.00 14.78 ? 87  TYR A CE1 1 
ATOM   624  C CE2 . TYR A 1 87  ? 5.094   10.144  -1.555  1.00 14.16 ? 87  TYR A CE2 1 
ATOM   625  C CZ  . TYR A 1 87  ? 6.380   10.237  -2.072  1.00 14.85 ? 87  TYR A CZ  1 
ATOM   626  O OH  . TYR A 1 87  ? 7.373   9.444   -1.554  1.00 15.52 ? 87  TYR A OH  1 
ATOM   627  N N   . THR A 1 88  ? 0.072   12.822  -4.506  1.00 12.10 ? 88  THR A N   1 
ATOM   628  C CA  . THR A 1 88  ? -0.980  13.827  -4.612  1.00 11.59 ? 88  THR A CA  1 
ATOM   629  C C   . THR A 1 88  ? -0.883  14.751  -3.400  1.00 11.62 ? 88  THR A C   1 
ATOM   630  O O   . THR A 1 88  ? -0.091  14.497  -2.481  1.00 11.21 ? 88  THR A O   1 
ATOM   631  C CB  . THR A 1 88  ? -2.401  13.199  -4.665  1.00 11.85 ? 88  THR A CB  1 
ATOM   632  O OG1 . THR A 1 88  ? -2.810  12.772  -3.357  1.00 10.42 ? 88  THR A OG1 1 
ATOM   633  C CG2 . THR A 1 88  ? -2.455  12.029  -5.638  1.00 11.66 ? 88  THR A CG2 1 
ATOM   634  N N   . ILE A 1 89  ? -1.676  15.822  -3.391  1.00 11.37 ? 89  ILE A N   1 
ATOM   635  C CA  . ILE A 1 89  ? -1.891  16.568  -2.152  1.00 11.69 ? 89  ILE A CA  1 
ATOM   636  C C   . ILE A 1 89  ? -2.322  15.571  -1.069  1.00 11.15 ? 89  ILE A C   1 
ATOM   637  O O   . ILE A 1 89  ? -3.079  14.632  -1.344  1.00 11.13 ? 89  ILE A O   1 
ATOM   638  C CB  . ILE A 1 89  ? -2.936  17.711  -2.323  1.00 11.90 ? 89  ILE A CB  1 
ATOM   639  C CG1 . ILE A 1 89  ? -3.029  18.558  -1.048  1.00 13.24 ? 89  ILE A CG1 1 
ATOM   640  C CG2 . ILE A 1 89  ? -4.313  17.156  -2.709  1.00 13.53 ? 89  ILE A CG2 1 
ATOM   641  C CD1 . ILE A 1 89  ? -3.680  19.910  -1.250  1.00 15.12 ? 89  ILE A CD1 1 
ATOM   642  N N   . THR A 1 90  ? -1.818  15.754  0.149   1.00 10.72 ? 90  THR A N   1 
ATOM   643  C CA  . THR A 1 90  ? -2.159  14.857  1.260   1.00 10.59 ? 90  THR A CA  1 
ATOM   644  C C   . THR A 1 90  ? -3.581  15.110  1.745   1.00 10.77 ? 90  THR A C   1 
ATOM   645  O O   . THR A 1 90  ? -4.176  16.133  1.413   1.00 11.03 ? 90  THR A O   1 
ATOM   646  C CB  . THR A 1 90  ? -1.175  15.014  2.428   1.00 10.49 ? 90  THR A CB  1 
ATOM   647  O OG1 . THR A 1 90  ? -1.188  16.375  2.879   1.00 11.11 ? 90  THR A OG1 1 
ATOM   648  C CG2 . THR A 1 90  ? 0.234   14.636  1.988   1.00 10.04 ? 90  THR A CG2 1 
ATOM   649  N N   . CYS A 1 91  ? -4.139  14.178  2.518   1.00 10.73 ? 91  CYS A N   1 
ATOM   650  C CA  . CYS A 1 91  ? -5.529  14.329  2.956   1.00 10.86 ? 91  CYS A CA  1 
ATOM   651  C C   . CYS A 1 91  ? -5.889  13.541  4.209   1.00 10.99 ? 91  CYS A C   1 
ATOM   652  O O   . CYS A 1 91  ? -5.198  12.597  4.578   1.00 10.80 ? 91  CYS A O   1 
ATOM   653  C CB  . CYS A 1 91  ? -6.481  13.953  1.810   1.00 11.11 ? 91  CYS A CB  1 
ATOM   654  S SG  . CYS A 1 91  ? -6.500  12.189  1.428   1.00 12.88 ? 91  CYS A SG  1 
ATOM   655  N N   . ASP A 1 92  ? -6.973  13.967  4.858   1.00 10.82 ? 92  ASP A N   1 
ATOM   656  C CA  . ASP A 1 92  ? -7.640  13.214  5.916   1.00 11.42 ? 92  ASP A CA  1 
ATOM   657  C C   . ASP A 1 92  ? -9.121  13.137  5.570   1.00 11.54 ? 92  ASP A C   1 
ATOM   658  O O   . ASP A 1 92  ? -9.690  14.096  5.044   1.00 11.80 ? 92  ASP A O   1 
ATOM   659  C CB  . ASP A 1 92  ? -7.528  13.936  7.260   1.00 10.97 ? 92  ASP A CB  1 
ATOM   660  C CG  . ASP A 1 92  ? -6.100  14.017  7.785   1.00 11.78 ? 92  ASP A CG  1 
ATOM   661  O OD1 . ASP A 1 92  ? -5.771  15.043  8.426   1.00 11.99 ? 92  ASP A OD1 1 
ATOM   662  O OD2 . ASP A 1 92  ? -5.318  13.069  7.573   1.00 10.79 ? 92  ASP A OD2 1 
ATOM   663  N N   . PHE A 1 93  ? -9.745  12.002  5.864   1.00 12.03 ? 93  PHE A N   1 
ATOM   664  C CA  . PHE A 1 93  ? -11.201 11.904  5.783   1.00 12.70 ? 93  PHE A CA  1 
ATOM   665  C C   . PHE A 1 93  ? -11.731 12.706  6.965   1.00 13.40 ? 93  PHE A C   1 
ATOM   666  O O   . PHE A 1 93  ? -11.296 12.492  8.095   1.00 13.86 ? 93  PHE A O   1 
ATOM   667  C CB  . PHE A 1 93  ? -11.626 10.442  5.883   1.00 12.81 ? 93  PHE A CB  1 
ATOM   668  C CG  . PHE A 1 93  ? -13.099 10.202  5.661   1.00 12.63 ? 93  PHE A CG  1 
ATOM   669  C CD1 . PHE A 1 93  ? -13.665 10.353  4.398   1.00 12.95 ? 93  PHE A CD1 1 
ATOM   670  C CD2 . PHE A 1 93  ? -13.907 9.785   6.712   1.00 12.82 ? 93  PHE A CD2 1 
ATOM   671  C CE1 . PHE A 1 93  ? -15.020 10.101  4.185   1.00 13.70 ? 93  PHE A CE1 1 
ATOM   672  C CE2 . PHE A 1 93  ? -15.266 9.539   6.509   1.00 14.81 ? 93  PHE A CE2 1 
ATOM   673  C CZ  . PHE A 1 93  ? -15.819 9.695   5.246   1.00 13.46 ? 93  PHE A CZ  1 
ATOM   674  N N   . ALA A 1 94  ? -12.649 13.634  6.716   1.00 14.11 ? 94  ALA A N   1 
ATOM   675  C CA  . ALA A 1 94  ? -13.084 14.579  7.751   1.00 14.75 ? 94  ALA A CA  1 
ATOM   676  C C   . ALA A 1 94  ? -13.894 13.941  8.884   1.00 15.21 ? 94  ALA A C   1 
ATOM   677  O O   . ALA A 1 94  ? -13.589 14.135  10.061  1.00 15.35 ? 94  ALA A O   1 
ATOM   678  C CB  . ALA A 1 94  ? -13.865 15.737  7.116   1.00 14.95 ? 94  ALA A CB  1 
ATOM   679  N N   . GLU A 1 95  ? -14.919 13.175  8.527   1.00 15.73 ? 95  GLU A N   1 
ATOM   680  C CA  . GLU A 1 95  ? -15.845 12.651  9.526   1.00 16.33 ? 95  GLU A CA  1 
ATOM   681  C C   . GLU A 1 95  ? -15.308 11.436  10.261  1.00 16.09 ? 95  GLU A C   1 
ATOM   682  O O   . GLU A 1 95  ? -15.093 10.375  9.672   1.00 16.10 ? 95  GLU A O   1 
ATOM   683  C CB  . GLU A 1 95  ? -17.199 12.334  8.887   1.00 16.78 ? 95  GLU A CB  1 
ATOM   684  C CG  . GLU A 1 95  ? -18.305 12.027  9.893   1.00 18.63 ? 95  GLU A CG  1 
ATOM   685  C CD  . GLU A 1 95  ? -19.682 12.208  9.297   1.00 21.06 ? 95  GLU A CD  1 
ATOM   686  O OE1 . GLU A 1 95  ? -19.972 11.583  8.254   1.00 23.65 ? 95  GLU A OE1 1 
ATOM   687  O OE2 . GLU A 1 95  ? -20.473 12.978  9.876   1.00 22.15 ? 95  GLU A OE2 1 
ATOM   688  N N   . GLY A 1 96  ? -15.107 11.600  11.563  1.00 15.86 ? 96  GLY A N   1 
ATOM   689  C CA  . GLY A 1 96  ? -14.648 10.510  12.405  1.00 15.72 ? 96  GLY A CA  1 
ATOM   690  C C   . GLY A 1 96  ? -13.163 10.575  12.698  1.00 15.65 ? 96  GLY A C   1 
ATOM   691  O O   . GLY A 1 96  ? -12.630 9.691   13.361  1.00 15.50 ? 96  GLY A O   1 
ATOM   692  N N   . THR A 1 97  ? -12.494 11.613  12.191  1.00 15.58 ? 97  THR A N   1 
ATOM   693  C CA  . THR A 1 97  ? -11.084 11.855  12.532  1.00 15.52 ? 97  THR A CA  1 
ATOM   694  C C   . THR A 1 97  ? -10.932 13.098  13.402  1.00 15.78 ? 97  THR A C   1 
ATOM   695  O O   . THR A 1 97  ? -11.794 13.992  13.395  1.00 16.00 ? 97  THR A O   1 
ATOM   696  C CB  . THR A 1 97  ? -10.163 11.977  11.285  1.00 15.45 ? 97  THR A CB  1 
ATOM   697  O OG1 . THR A 1 97  ? -10.513 13.137  10.516  1.00 15.05 ? 97  THR A OG1 1 
ATOM   698  C CG2 . THR A 1 97  ? -10.252 10.722  10.414  1.00 15.61 ? 97  THR A CG2 1 
ATOM   699  N N   . THR A 1 98  ? -9.846  13.128  14.167  1.00 15.83 ? 98  THR A N   1 
ATOM   700  C CA  . THR A 1 98  ? -9.500  14.280  14.986  1.00 16.10 ? 98  THR A CA  1 
ATOM   701  C C   . THR A 1 98  ? -8.106  14.766  14.600  1.00 15.70 ? 98  THR A C   1 
ATOM   702  O O   . THR A 1 98  ? -7.972  15.709  13.812  1.00 15.89 ? 98  THR A O   1 
ATOM   703  C CB  . THR A 1 98  ? -9.584  13.955  16.496  1.00 16.25 ? 98  THR A CB  1 
ATOM   704  O OG1 . THR A 1 98  ? -8.821  12.778  16.790  1.00 16.20 ? 98  THR A OG1 1 
ATOM   705  C CG2 . THR A 1 98  ? -11.039 13.734  16.915  1.00 16.96 ? 98  THR A CG2 1 
ATOM   706  N N   . THR A 1 99  ? -7.083  14.091  15.129  1.00 15.35 ? 99  THR A N   1 
ATOM   707  C CA  . THR A 1 99  ? -5.676  14.428  14.877  1.00 15.23 ? 99  THR A CA  1 
ATOM   708  C C   . THR A 1 99  ? -5.204  14.059  13.469  1.00 14.38 ? 99  THR A C   1 
ATOM   709  O O   . THR A 1 99  ? -4.211  14.609  12.979  1.00 14.53 ? 99  THR A O   1 
ATOM   710  C CB  . THR A 1 99  ? -4.726  13.740  15.897  1.00 15.16 ? 99  THR A CB  1 
ATOM   711  O OG1 . THR A 1 99  ? -4.856  12.311  15.806  1.00 16.61 ? 99  THR A OG1 1 
ATOM   712  C CG2 . THR A 1 99  ? -5.032  14.193  17.326  1.00 16.16 ? 99  THR A CG2 1 
ATOM   713  N N   . GLY A 1 100 ? -5.896  13.114  12.838  1.00 13.07 ? 100 GLY A N   1 
ATOM   714  C CA  . GLY A 1 100 ? -5.552  12.671  11.490  1.00 12.13 ? 100 GLY A CA  1 
ATOM   715  C C   . GLY A 1 100 ? -4.419  11.658  11.454  1.00 11.33 ? 100 GLY A C   1 
ATOM   716  O O   . GLY A 1 100 ? -4.429  10.739  10.639  1.00 11.30 ? 100 GLY A O   1 
ATOM   717  N N   . ILE A 1 101 ? -3.445  11.838  12.343  1.00 10.88 ? 101 ILE A N   1 
ATOM   718  C CA  . ILE A 1 101 ? -2.225  11.018  12.363  1.00 10.45 ? 101 ILE A CA  1 
ATOM   719  C C   . ILE A 1 101 ? -2.363  9.686   13.114  1.00 10.29 ? 101 ILE A C   1 
ATOM   720  O O   . ILE A 1 101 ? -1.573  8.758   12.899  1.00 9.78  ? 101 ILE A O   1 
ATOM   721  C CB  . ILE A 1 101 ? -1.019  11.841  12.908  1.00 10.86 ? 101 ILE A CB  1 
ATOM   722  C CG1 . ILE A 1 101 ? 0.321   11.142  12.619  1.00 9.91  ? 101 ILE A CG1 1 
ATOM   723  C CG2 . ILE A 1 101 ? -1.189  12.144  14.391  1.00 11.42 ? 101 ILE A CG2 1 
ATOM   724  C CD1 . ILE A 1 101 ? 0.635   11.014  11.136  1.00 11.04 ? 101 ILE A CD1 1 
ATOM   725  N N   . SER A 1 102 ? -3.357  9.582   13.994  1.00 9.49  ? 102 SER A N   1 
ATOM   726  C CA  . SER A 1 102 ? -3.545  8.352   14.762  1.00 9.09  ? 102 SER A CA  1 
ATOM   727  C C   . SER A 1 102 ? -3.752  7.146   13.856  1.00 8.99  ? 102 SER A C   1 
ATOM   728  O O   . SER A 1 102 ? -4.198  7.284   12.714  1.00 8.57  ? 102 SER A O   1 
ATOM   729  C CB  . SER A 1 102 ? -4.737  8.495   15.712  1.00 9.17  ? 102 SER A CB  1 
ATOM   730  O OG  . SER A 1 102 ? -5.957  8.546   14.991  1.00 9.43  ? 102 SER A OG  1 
ATOM   731  N N   . ALA A 1 103 ? -3.428  5.961   14.369  1.00 9.19  ? 103 ALA A N   1 
ATOM   732  C CA  . ALA A 1 103 ? -3.687  4.713   13.647  1.00 8.83  ? 103 ALA A CA  1 
ATOM   733  C C   . ALA A 1 103 ? -5.146  4.633   13.193  1.00 8.98  ? 103 ALA A C   1 
ATOM   734  O O   . ALA A 1 103 ? -5.436  4.281   12.049  1.00 8.51  ? 103 ALA A O   1 
ATOM   735  C CB  . ALA A 1 103 ? -3.333  3.527   14.526  1.00 9.23  ? 103 ALA A CB  1 
ATOM   736  N N   . HIS A 1 104 ? -6.054  4.968   14.103  1.00 8.86  ? 104 HIS A N   1 
ATOM   737  C CA  . HIS A 1 104 ? -7.488  4.974   13.810  1.00 8.91  ? 104 HIS A CA  1 
ATOM   738  C C   . HIS A 1 104 ? -7.810  5.895   12.632  1.00 9.12  ? 104 HIS A C   1 
ATOM   739  O O   . HIS A 1 104 ? -8.511  5.504   11.688  1.00 8.83  ? 104 HIS A O   1 
ATOM   740  C CB  . HIS A 1 104 ? -8.272  5.413   15.050  1.00 9.41  ? 104 HIS A CB  1 
ATOM   741  C CG  . HIS A 1 104 ? -9.719  5.688   14.776  1.00 9.65  ? 104 HIS A CG  1 
ATOM   742  N ND1 . HIS A 1 104 ? -10.170 6.907   14.321  1.00 11.20 ? 104 HIS A ND1 1 
ATOM   743  C CD2 . HIS A 1 104 ? -10.812 4.899   14.890  1.00 11.74 ? 104 HIS A CD2 1 
ATOM   744  C CE1 . HIS A 1 104 ? -11.480 6.856   14.160  1.00 10.71 ? 104 HIS A CE1 1 
ATOM   745  N NE2 . HIS A 1 104 ? -11.894 5.649   14.498  1.00 11.35 ? 104 HIS A NE2 1 
ATOM   746  N N   . ASP A 1 105 ? -7.301  7.123   12.697  1.00 9.27  ? 105 ASP A N   1 
ATOM   747  C CA  . ASP A 1 105 ? -7.594  8.127   11.679  1.00 9.32  ? 105 ASP A CA  1 
ATOM   748  C C   . ASP A 1 105 ? -6.952  7.797   10.336  1.00 9.13  ? 105 ASP A C   1 
ATOM   749  O O   . ASP A 1 105 ? -7.611  7.861   9.295   1.00 9.22  ? 105 ASP A O   1 
ATOM   750  C CB  . ASP A 1 105 ? -7.163  9.513   12.156  1.00 9.64  ? 105 ASP A CB  1 
ATOM   751  C CG  . ASP A 1 105 ? -8.046  10.052  13.272  1.00 10.90 ? 105 ASP A CG  1 
ATOM   752  O OD1 . ASP A 1 105 ? -8.938  9.318   13.766  1.00 10.62 ? 105 ASP A OD1 1 
ATOM   753  O OD2 . ASP A 1 105 ? -7.839  11.219  13.662  1.00 11.92 ? 105 ASP A OD2 1 
ATOM   754  N N   . ARG A 1 106 ? -5.671  7.430   10.358  1.00 8.76  ? 106 ARG A N   1 
ATOM   755  C CA  . ARG A 1 106 ? -5.009  7.008   9.127   1.00 8.51  ? 106 ARG A CA  1 
ATOM   756  C C   . ARG A 1 106 ? -5.689  5.810   8.476   1.00 8.80  ? 106 ARG A C   1 
ATOM   757  O O   . ARG A 1 106 ? -5.836  5.773   7.259   1.00 8.35  ? 106 ARG A O   1 
ATOM   758  C CB  . ARG A 1 106 ? -3.505  6.781   9.327   1.00 8.66  ? 106 ARG A CB  1 
ATOM   759  C CG  . ARG A 1 106 ? -2.756  8.100   9.437   1.00 9.26  ? 106 ARG A CG  1 
ATOM   760  C CD  . ARG A 1 106 ? -1.299  7.977   9.042   1.00 9.95  ? 106 ARG A CD  1 
ATOM   761  N NE  . ARG A 1 106 ? -0.455  7.640   10.187  1.00 9.95  ? 106 ARG A NE  1 
ATOM   762  C CZ  . ARG A 1 106 ? 0.875   7.560   10.126  1.00 10.36 ? 106 ARG A CZ  1 
ATOM   763  N NH1 . ARG A 1 106 ? 1.505   7.797   8.980   1.00 9.85  ? 106 ARG A NH1 1 
ATOM   764  N NH2 . ARG A 1 106 ? 1.578   7.258   11.212  1.00 10.10 ? 106 ARG A NH2 1 
ATOM   765  N N   . ALA A 1 107 ? -6.131  4.852   9.288   1.00 8.44  ? 107 ALA A N   1 
ATOM   766  C CA  . ALA A 1 107 ? -6.860  3.696   8.757   1.00 8.99  ? 107 ALA A CA  1 
ATOM   767  C C   . ALA A 1 107 ? -8.183  4.124   8.136   1.00 9.03  ? 107 ALA A C   1 
ATOM   768  O O   . ALA A 1 107 ? -8.528  3.695   7.036   1.00 9.52  ? 107 ALA A O   1 
ATOM   769  C CB  . ALA A 1 107 ? -7.094  2.653   9.849   1.00 9.26  ? 107 ALA A CB  1 
ATOM   770  N N   . LEU A 1 108 ? -8.913  4.988   8.837   1.00 9.50  ? 108 LEU A N   1 
ATOM   771  C CA  . LEU A 1 108 ? -10.217 5.445   8.358   1.00 9.79  ? 108 LEU A CA  1 
ATOM   772  C C   . LEU A 1 108 ? -10.075 6.194   7.037   1.00 9.80  ? 108 LEU A C   1 
ATOM   773  O O   . LEU A 1 108 ? -10.835 5.948   6.098   1.00 9.58  ? 108 LEU A O   1 
ATOM   774  C CB  . LEU A 1 108 ? -10.923 6.297   9.421   1.00 9.98  ? 108 LEU A CB  1 
ATOM   775  C CG  . LEU A 1 108 ? -12.197 7.065   9.037   1.00 10.61 ? 108 LEU A CG  1 
ATOM   776  C CD1 . LEU A 1 108 ? -13.250 6.151   8.408   1.00 12.35 ? 108 LEU A CD1 1 
ATOM   777  C CD2 . LEU A 1 108 ? -12.766 7.801   10.254  1.00 10.46 ? 108 LEU A CD2 1 
ATOM   778  N N   . THR A 1 109 ? -9.098  7.097   6.966   1.00 9.56  ? 109 THR A N   1 
ATOM   779  C CA  . THR A 1 109 ? -8.826  7.836   5.734   1.00 9.34  ? 109 THR A CA  1 
ATOM   780  C C   . THR A 1 109 ? -8.500  6.880   4.593   1.00 9.24  ? 109 THR A C   1 
ATOM   781  O O   . THR A 1 109 ? -9.043  7.006   3.487   1.00 9.40  ? 109 THR A O   1 
ATOM   782  C CB  . THR A 1 109 ? -7.695  8.843   5.958   1.00 9.45  ? 109 THR A CB  1 
ATOM   783  O OG1 . THR A 1 109 ? -8.126  9.799   6.938   1.00 8.67  ? 109 THR A OG1 1 
ATOM   784  C CG2 . THR A 1 109 ? -7.338  9.579   4.665   1.00 9.26  ? 109 THR A CG2 1 
ATOM   785  N N   . THR A 1 110 ? -7.640  5.901   4.871   1.00 9.34  ? 110 THR A N   1 
ATOM   786  C CA  . THR A 1 110 ? -7.263  4.918   3.864   1.00 9.54  ? 110 THR A CA  1 
ATOM   787  C C   . THR A 1 110 ? -8.473  4.121   3.354   1.00 9.63  ? 110 THR A C   1 
ATOM   788  O O   . THR A 1 110 ? -8.659  3.991   2.140   1.00 9.58  ? 110 THR A O   1 
ATOM   789  C CB  . THR A 1 110 ? -6.168  3.970   4.379   1.00 9.35  ? 110 THR A CB  1 
ATOM   790  O OG1 . THR A 1 110 ? -5.005  4.732   4.725   1.00 9.26  ? 110 THR A OG1 1 
ATOM   791  C CG2 . THR A 1 110 ? -5.803  2.955   3.316   1.00 9.90  ? 110 THR A CG2 1 
ATOM   792  N N   . ARG A 1 111 ? -9.307  3.614   4.265   1.00 9.72  ? 111 ARG A N   1 
ATOM   793  C CA  . ARG A 1 111 ? -10.517 2.886   3.849   1.00 9.93  ? 111 ARG A CA  1 
ATOM   794  C C   . ARG A 1 111 ? -11.443 3.790   3.038   1.00 10.11 ? 111 ARG A C   1 
ATOM   795  O O   . ARG A 1 111 ? -12.022 3.366   2.033   1.00 10.63 ? 111 ARG A O   1 
ATOM   796  C CB  . ARG A 1 111 ? -11.270 2.309   5.051   1.00 9.65  ? 111 ARG A CB  1 
ATOM   797  C CG  . ARG A 1 111 ? -10.509 1.210   5.792   1.00 10.00 ? 111 ARG A CG  1 
ATOM   798  C CD  . ARG A 1 111 ? -11.431 0.451   6.749   1.00 11.28 ? 111 ARG A CD  1 
ATOM   799  N NE  . ARG A 1 111 ? -12.124 1.337   7.691   1.00 11.45 ? 111 ARG A NE  1 
ATOM   800  C CZ  . ARG A 1 111 ? -11.585 1.817   8.812   1.00 12.21 ? 111 ARG A CZ  1 
ATOM   801  N NH1 . ARG A 1 111 ? -10.330 1.520   9.144   1.00 12.45 ? 111 ARG A NH1 1 
ATOM   802  N NH2 . ARG A 1 111 ? -12.305 2.607   9.602   1.00 12.35 ? 111 ARG A NH2 1 
ATOM   803  N N   . SER A 1 112 ? -11.554 5.043   3.465   1.00 10.00 ? 112 SER A N   1 
ATOM   804  C CA  . SER A 1 112 ? -12.400 6.026   2.777   1.00 10.70 ? 112 SER A CA  1 
ATOM   805  C C   . SER A 1 112 ? -11.936 6.320   1.352   1.00 10.79 ? 112 SER A C   1 
ATOM   806  O O   . SER A 1 112 ? -12.757 6.550   0.469   1.00 10.89 ? 112 SER A O   1 
ATOM   807  C CB  . SER A 1 112 ? -12.470 7.315   3.587   1.00 10.61 ? 112 SER A CB  1 
ATOM   808  O OG  . SER A 1 112 ? -12.995 7.042   4.886   1.00 12.11 ? 112 SER A OG  1 
ATOM   809  N N   . LEU A 1 113 ? -10.623 6.327   1.130   1.00 10.94 ? 113 LEU A N   1 
ATOM   810  C CA  . LEU A 1 113 ? -10.090 6.556   -0.218  1.00 10.98 ? 113 LEU A CA  1 
ATOM   811  C C   . LEU A 1 113 ? -10.470 5.413   -1.160  1.00 11.67 ? 113 LEU A C   1 
ATOM   812  O O   . LEU A 1 113 ? -10.651 5.621   -2.358  1.00 11.74 ? 113 LEU A O   1 
ATOM   813  C CB  . LEU A 1 113 ? -8.570  6.753   -0.180  1.00 10.94 ? 113 LEU A CB  1 
ATOM   814  C CG  . LEU A 1 113 ? -8.075  8.085   0.403   1.00 9.63  ? 113 LEU A CG  1 
ATOM   815  C CD1 . LEU A 1 113 ? -6.585  8.030   0.743   1.00 8.98  ? 113 LEU A CD1 1 
ATOM   816  C CD2 . LEU A 1 113 ? -8.361  9.248   -0.552  1.00 9.47  ? 113 LEU A CD2 1 
ATOM   817  N N   . ALA A 1 114 ? -10.605 4.213   -0.604  1.00 12.01 ? 114 ALA A N   1 
ATOM   818  C CA  . ALA A 1 114 ? -11.003 3.037   -1.377  1.00 12.62 ? 114 ALA A CA  1 
ATOM   819  C C   . ALA A 1 114 ? -12.510 2.995   -1.635  1.00 13.58 ? 114 ALA A C   1 
ATOM   820  O O   . ALA A 1 114 ? -12.946 2.488   -2.670  1.00 13.83 ? 114 ALA A O   1 
ATOM   821  C CB  . ALA A 1 114 ? -10.559 1.767   -0.669  1.00 12.43 ? 114 ALA A CB  1 
ATOM   822  N N   . ASN A 1 115 ? -13.290 3.523   -0.692  1.00 14.56 ? 115 ASN A N   1 
ATOM   823  C CA  . ASN A 1 115 ? -14.758 3.443   -0.725  1.00 15.82 ? 115 ASN A CA  1 
ATOM   824  C C   . ASN A 1 115 ? -15.327 4.164   -1.958  1.00 16.46 ? 115 ASN A C   1 
ATOM   825  O O   . ASN A 1 115 ? -15.163 5.374   -2.085  1.00 16.41 ? 115 ASN A O   1 
ATOM   826  C CB  . ASN A 1 115 ? -15.328 4.048   0.563   1.00 15.92 ? 115 ASN A CB  1 
ATOM   827  C CG  . ASN A 1 115 ? -16.757 3.607   0.853   1.00 16.81 ? 115 ASN A CG  1 
ATOM   828  O OD1 . ASN A 1 115 ? -17.073 3.205   1.977   1.00 20.04 ? 115 ASN A OD1 1 
ATOM   829  N ND2 . ASN A 1 115 ? -17.625 3.685   -0.146  1.00 15.04 ? 115 ASN A ND2 1 
ATOM   830  N N   . PRO A 1 116 ? -16.005 3.421   -2.867  1.00 17.57 ? 116 PRO A N   1 
ATOM   831  C CA  . PRO A 1 116 ? -16.451 4.041   -4.128  1.00 18.30 ? 116 PRO A CA  1 
ATOM   832  C C   . PRO A 1 116 ? -17.527 5.108   -3.924  1.00 18.86 ? 116 PRO A C   1 
ATOM   833  O O   . PRO A 1 116 ? -17.805 5.897   -4.838  1.00 19.51 ? 116 PRO A O   1 
ATOM   834  C CB  . PRO A 1 116 ? -17.002 2.855   -4.936  1.00 18.30 ? 116 PRO A CB  1 
ATOM   835  C CG  . PRO A 1 116 ? -17.369 1.839   -3.930  1.00 18.07 ? 116 PRO A CG  1 
ATOM   836  C CD  . PRO A 1 116 ? -16.403 2.005   -2.779  1.00 17.54 ? 116 PRO A CD  1 
ATOM   837  N N   . ASN A 1 117 ? -18.107 5.137   -2.728  1.00 19.29 ? 117 ASN A N   1 
ATOM   838  C CA  . ASN A 1 117 ? -19.127 6.126   -2.378  1.00 19.62 ? 117 ASN A CA  1 
ATOM   839  C C   . ASN A 1 117 ? -18.570 7.427   -1.797  1.00 19.08 ? 117 ASN A C   1 
ATOM   840  O O   . ASN A 1 117 ? -19.319 8.390   -1.608  1.00 18.47 ? 117 ASN A O   1 
ATOM   841  C CB  . ASN A 1 117 ? -20.151 5.519   -1.422  1.00 20.29 ? 117 ASN A CB  1 
ATOM   842  C CG  . ASN A 1 117 ? -20.896 4.341   -2.032  1.00 21.73 ? 117 ASN A CG  1 
ATOM   843  O OD1 . ASN A 1 117 ? -21.239 3.387   -1.335  1.00 25.35 ? 117 ASN A OD1 1 
ATOM   844  N ND2 . ASN A 1 117 ? -21.143 4.401   -3.338  1.00 23.32 ? 117 ASN A ND2 1 
ATOM   845  N N   . SER A 1 118 ? -17.264 7.458   -1.517  1.00 18.31 ? 118 SER A N   1 
ATOM   846  C CA  . SER A 1 118 ? -16.628 8.673   -1.002  1.00 17.50 ? 118 SER A CA  1 
ATOM   847  C C   . SER A 1 118 ? -16.648 9.781   -2.048  1.00 17.50 ? 118 SER A C   1 
ATOM   848  O O   . SER A 1 118 ? -16.576 9.513   -3.246  1.00 17.32 ? 118 SER A O   1 
ATOM   849  C CB  . SER A 1 118 ? -15.193 8.392   -0.545  1.00 17.50 ? 118 SER A CB  1 
ATOM   850  O OG  . SER A 1 118 ? -15.184 7.541   0.591   1.00 15.99 ? 118 SER A OG  1 
ATOM   851  N N   . LYS A 1 119 ? -16.753 11.021  -1.576  1.00 17.60 ? 119 LYS A N   1 
ATOM   852  C CA  . LYS A 1 119 ? -16.823 12.197  -2.440  1.00 17.78 ? 119 LYS A CA  1 
ATOM   853  C C   . LYS A 1 119 ? -15.657 13.148  -2.141  1.00 17.31 ? 119 LYS A C   1 
ATOM   854  O O   . LYS A 1 119 ? -15.142 13.144  -1.027  1.00 16.56 ? 119 LYS A O   1 
ATOM   855  C CB  . LYS A 1 119 ? -18.162 12.915  -2.231  1.00 17.95 ? 119 LYS A CB  1 
ATOM   856  C CG  . LYS A 1 119 ? -19.375 12.048  -2.531  1.00 20.50 ? 119 LYS A CG  1 
ATOM   857  C CD  . LYS A 1 119 ? -20.672 12.741  -2.137  1.00 23.64 ? 119 LYS A CD  1 
ATOM   858  C CE  . LYS A 1 119 ? -21.855 11.772  -2.156  1.00 26.20 ? 119 LYS A CE  1 
ATOM   859  N NZ  . LYS A 1 119 ? -22.274 11.387  -3.538  1.00 27.90 ? 119 LYS A NZ  1 
ATOM   860  N N   . PRO A 1 120 ? -15.251 13.981  -3.125  1.00 17.20 ? 120 PRO A N   1 
ATOM   861  C CA  . PRO A 1 120 ? -14.118 14.895  -2.908  1.00 17.12 ? 120 PRO A CA  1 
ATOM   862  C C   . PRO A 1 120 ? -14.251 15.742  -1.640  1.00 16.95 ? 120 PRO A C   1 
ATOM   863  O O   . PRO A 1 120 ? -13.271 15.924  -0.912  1.00 16.70 ? 120 PRO A O   1 
ATOM   864  C CB  . PRO A 1 120 ? -14.153 15.814  -4.136  1.00 17.38 ? 120 PRO A CB  1 
ATOM   865  C CG  . PRO A 1 120 ? -14.919 15.079  -5.161  1.00 17.59 ? 120 PRO A CG  1 
ATOM   866  C CD  . PRO A 1 120 ? -15.824 14.114  -4.480  1.00 17.26 ? 120 PRO A CD  1 
ATOM   867  N N   . GLN A 1 121 ? -15.462 16.233  -1.381  1.00 16.85 ? 121 GLN A N   1 
ATOM   868  C CA  . GLN A 1 121 ? -15.732 17.127  -0.250  1.00 16.42 ? 121 GLN A CA  1 
ATOM   869  C C   . GLN A 1 121 ? -15.662 16.441  1.122   1.00 15.96 ? 121 GLN A C   1 
ATOM   870  O O   . GLN A 1 121 ? -15.723 17.110  2.154   1.00 16.18 ? 121 GLN A O   1 
ATOM   871  C CB  . GLN A 1 121 ? -17.092 17.826  -0.432  1.00 16.73 ? 121 GLN A CB  1 
ATOM   872  C CG  . GLN A 1 121 ? -18.308 16.895  -0.421  1.00 18.02 ? 121 GLN A CG  1 
ATOM   873  C CD  . GLN A 1 121 ? -18.846 16.549  -1.809  1.00 20.73 ? 121 GLN A CD  1 
ATOM   874  O OE1 . GLN A 1 121 ? -20.062 16.433  -1.993  1.00 22.57 ? 121 GLN A OE1 1 
ATOM   875  N NE2 . GLN A 1 121 ? -17.955 16.384  -2.784  1.00 19.62 ? 121 GLN A NE2 1 
ATOM   876  N N   . ASP A 1 122 ? -15.527 15.116  1.124   1.00 14.98 ? 122 ASP A N   1 
ATOM   877  C CA  . ASP A 1 122 ? -15.456 14.333  2.355   1.00 14.43 ? 122 ASP A CA  1 
ATOM   878  C C   . ASP A 1 122 ? -14.072 14.391  2.985   1.00 13.90 ? 122 ASP A C   1 
ATOM   879  O O   . ASP A 1 122 ? -13.880 13.937  4.111   1.00 13.68 ? 122 ASP A O   1 
ATOM   880  C CB  . ASP A 1 122 ? -15.786 12.865  2.075   1.00 14.40 ? 122 ASP A CB  1 
ATOM   881  C CG  . ASP A 1 122 ? -17.215 12.654  1.619   1.00 15.25 ? 122 ASP A CG  1 
ATOM   882  O OD1 . ASP A 1 122 ? -18.057 13.561  1.805   1.00 15.84 ? 122 ASP A OD1 1 
ATOM   883  O OD2 . ASP A 1 122 ? -17.489 11.556  1.087   1.00 15.04 ? 122 ASP A OD2 1 
ATOM   884  N N   . PHE A 1 123 ? -13.113 14.938  2.243   1.00 13.60 ? 123 PHE A N   1 
ATOM   885  C CA  . PHE A 1 123 ? -11.719 14.973  2.677   1.00 13.75 ? 123 PHE A CA  1 
ATOM   886  C C   . PHE A 1 123 ? -11.224 16.383  2.949   1.00 13.80 ? 123 PHE A C   1 
ATOM   887  O O   . PHE A 1 123 ? -11.606 17.339  2.257   1.00 14.12 ? 123 PHE A O   1 
ATOM   888  C CB  . PHE A 1 123 ? -10.821 14.326  1.622   1.00 13.63 ? 123 PHE A CB  1 
ATOM   889  C CG  . PHE A 1 123 ? -11.130 12.879  1.381   1.00 13.39 ? 123 PHE A CG  1 
ATOM   890  C CD1 . PHE A 1 123 ? -12.077 12.507  0.436   1.00 14.63 ? 123 PHE A CD1 1 
ATOM   891  C CD2 . PHE A 1 123 ? -10.482 11.883  2.112   1.00 14.23 ? 123 PHE A CD2 1 
ATOM   892  C CE1 . PHE A 1 123 ? -12.376 11.168  0.213   1.00 13.91 ? 123 PHE A CE1 1 
ATOM   893  C CE2 . PHE A 1 123 ? -10.772 10.544  1.897   1.00 13.58 ? 123 PHE A CE2 1 
ATOM   894  C CZ  . PHE A 1 123 ? -11.724 10.185  0.948   1.00 13.98 ? 123 PHE A CZ  1 
ATOM   895  N N   . ILE A 1 124 ? -10.365 16.497  3.954   1.00 13.81 ? 124 ILE A N   1 
ATOM   896  C CA  . ILE A 1 124 ? -9.660  17.741  4.245   1.00 14.20 ? 124 ILE A CA  1 
ATOM   897  C C   . ILE A 1 124 ? -8.274  17.640  3.629   1.00 13.93 ? 124 ILE A C   1 
ATOM   898  O O   . ILE A 1 124 ? -7.608  16.612  3.754   1.00 13.70 ? 124 ILE A O   1 
ATOM   899  C CB  . ILE A 1 124 ? -9.525  17.996  5.765   1.00 14.72 ? 124 ILE A CB  1 
ATOM   900  C CG1 . ILE A 1 124 ? -10.902 17.999  6.440   1.00 16.16 ? 124 ILE A CG1 1 
ATOM   901  C CG2 . ILE A 1 124 ? -8.786  19.319  6.030   1.00 15.03 ? 124 ILE A CG2 1 
ATOM   902  C CD1 . ILE A 1 124 ? -10.858 17.736  7.939   1.00 18.61 ? 124 ILE A CD1 1 
ATOM   903  N N   . LYS A 1 125 ? -7.850  18.707  2.962   1.00 14.03 ? 125 LYS A N   1 
ATOM   904  C CA  . LYS A 1 125 ? -6.514  18.779  2.383   1.00 13.83 ? 125 LYS A CA  1 
ATOM   905  C C   . LYS A 1 125 ? -5.854  20.084  2.829   1.00 13.58 ? 125 LYS A C   1 
ATOM   906  O O   . LYS A 1 125 ? -6.513  21.132  2.855   1.00 13.68 ? 125 LYS A O   1 
ATOM   907  C CB  . LYS A 1 125 ? -6.587  18.705  0.854   1.00 13.95 ? 125 LYS A CB  1 
ATOM   908  C CG  . LYS A 1 125 ? -7.212  17.407  0.318   1.00 15.89 ? 125 LYS A CG  1 
ATOM   909  C CD  . LYS A 1 125 ? -7.685  17.547  -1.119  1.00 19.59 ? 125 LYS A CD  1 
ATOM   910  C CE  . LYS A 1 125 ? -8.890  18.470  -1.230  1.00 21.26 ? 125 LYS A CE  1 
ATOM   911  N NZ  . LYS A 1 125 ? -9.575  18.316  -2.535  1.00 23.11 ? 125 LYS A NZ  1 
ATOM   912  N N   . PRO A 1 126 ? -4.568  20.025  3.212   1.00 13.17 ? 126 PRO A N   1 
ATOM   913  C CA  . PRO A 1 126 ? -3.729  18.825  3.350   1.00 12.76 ? 126 PRO A CA  1 
ATOM   914  C C   . PRO A 1 126 ? -4.115  17.964  4.556   1.00 12.31 ? 126 PRO A C   1 
ATOM   915  O O   . PRO A 1 126 ? -4.996  18.334  5.341   1.00 12.41 ? 126 PRO A O   1 
ATOM   916  C CB  . PRO A 1 126 ? -2.327  19.410  3.543   1.00 12.83 ? 126 PRO A CB  1 
ATOM   917  C CG  . PRO A 1 126 ? -2.571  20.715  4.195   1.00 13.88 ? 126 PRO A CG  1 
ATOM   918  C CD  . PRO A 1 126 ? -3.805  21.249  3.524   1.00 13.22 ? 126 PRO A CD  1 
ATOM   919  N N   . GLY A 1 127 ? -3.454  16.822  4.697   1.00 11.84 ? 127 GLY A N   1 
ATOM   920  C CA  . GLY A 1 127 ? -3.753  15.912  5.790   1.00 11.08 ? 127 GLY A CA  1 
ATOM   921  C C   . GLY A 1 127 ? -2.579  15.032  6.142   1.00 10.87 ? 127 GLY A C   1 
ATOM   922  O O   . GLY A 1 127 ? -1.429  15.438  5.997   1.00 10.52 ? 127 GLY A O   1 
ATOM   923  N N   . HIS A 1 128 ? -2.877  13.816  6.587   1.00 10.32 ? 128 HIS A N   1 
ATOM   924  C CA  . HIS A 1 128 ? -1.847  12.948  7.149   1.00 10.51 ? 128 HIS A CA  1 
ATOM   925  C C   . HIS A 1 128 ? -1.663  11.632  6.411   1.00 10.36 ? 128 HIS A C   1 
ATOM   926  O O   . HIS A 1 128 ? -0.852  10.799  6.828   1.00 10.53 ? 128 HIS A O   1 
ATOM   927  C CB  . HIS A 1 128 ? -2.122  12.717  8.633   1.00 10.52 ? 128 HIS A CB  1 
ATOM   928  C CG  . HIS A 1 128 ? -2.096  13.976  9.442   1.00 10.97 ? 128 HIS A CG  1 
ATOM   929  N ND1 . HIS A 1 128 ? -3.176  14.828  9.522   1.00 10.54 ? 128 HIS A ND1 1 
ATOM   930  C CD2 . HIS A 1 128 ? -1.115  14.536  10.189  1.00 11.01 ? 128 HIS A CD2 1 
ATOM   931  C CE1 . HIS A 1 128 ? -2.863  15.858  10.289  1.00 10.64 ? 128 HIS A CE1 1 
ATOM   932  N NE2 . HIS A 1 128 ? -1.619  15.706  10.704  1.00 11.16 ? 128 HIS A NE2 1 
ATOM   933  N N   . ILE A 1 129 ? -2.419  11.449  5.328   1.00 9.79  ? 129 ILE A N   1 
ATOM   934  C CA  . ILE A 1 129 ? -2.212  10.328  4.410   1.00 9.66  ? 129 ILE A CA  1 
ATOM   935  C C   . ILE A 1 129 ? -1.676  10.831  3.075   1.00 9.21  ? 129 ILE A C   1 
ATOM   936  O O   . ILE A 1 129 ? -2.082  11.901  2.597   1.00 9.38  ? 129 ILE A O   1 
ATOM   937  C CB  . ILE A 1 129 ? -3.519  9.492   4.207   1.00 9.72  ? 129 ILE A CB  1 
ATOM   938  C CG1 . ILE A 1 129 ? -3.717  8.489   5.351   1.00 10.01 ? 129 ILE A CG1 1 
ATOM   939  C CG2 . ILE A 1 129 ? -3.534  8.760   2.866   1.00 10.59 ? 129 ILE A CG2 1 
ATOM   940  C CD1 A ILE A 1 129 ? -2.698  7.363   5.442   0.50 7.90  ? 129 ILE A CD1 1 
ATOM   941  C CD1 B ILE A 1 129 ? -4.158  9.123   6.613   0.50 11.97 ? 129 ILE A CD1 1 
ATOM   942  N N   . LEU A 1 130 ? -0.761  10.056  2.489   1.00 8.95  ? 130 LEU A N   1 
ATOM   943  C CA  . LEU A 1 130 ? -0.136  10.381  1.198   1.00 9.04  ? 130 LEU A CA  1 
ATOM   944  C C   . LEU A 1 130 ? -0.687  9.504   0.056   1.00 8.94  ? 130 LEU A C   1 
ATOM   945  O O   . LEU A 1 130 ? -0.176  8.409   -0.180  1.00 9.39  ? 130 LEU A O   1 
ATOM   946  C CB  . LEU A 1 130 ? 1.383   10.188  1.298   1.00 9.09  ? 130 LEU A CB  1 
ATOM   947  C CG  . LEU A 1 130 ? 2.160   11.092  2.262   1.00 8.40  ? 130 LEU A CG  1 
ATOM   948  C CD1 . LEU A 1 130 ? 3.081   10.249  3.137   1.00 7.92  ? 130 LEU A CD1 1 
ATOM   949  C CD2 . LEU A 1 130 ? 2.938   12.168  1.513   1.00 8.37  ? 130 LEU A CD2 1 
ATOM   950  N N   . PRO A 1 131 ? -1.734  9.973   -0.659  1.00 9.28  ? 131 PRO A N   1 
ATOM   951  C CA  . PRO A 1 131 ? -2.219  9.178   -1.786  1.00 9.28  ? 131 PRO A CA  1 
ATOM   952  C C   . PRO A 1 131 ? -1.223  9.233   -2.939  1.00 9.88  ? 131 PRO A C   1 
ATOM   953  O O   . PRO A 1 131 ? -0.526  10.237  -3.106  1.00 10.26 ? 131 PRO A O   1 
ATOM   954  C CB  . PRO A 1 131 ? -3.538  9.881   -2.189  1.00 9.11  ? 131 PRO A CB  1 
ATOM   955  C CG  . PRO A 1 131 ? -3.865  10.811  -1.038  1.00 9.35  ? 131 PRO A CG  1 
ATOM   956  C CD  . PRO A 1 131 ? -2.516  11.210  -0.498  1.00 8.98  ? 131 PRO A CD  1 
ATOM   957  N N   . LEU A 1 132 ? -1.163  8.151   -3.715  1.00 10.26 ? 132 LEU A N   1 
ATOM   958  C CA  . LEU A 1 132 ? -0.260  8.048   -4.855  1.00 10.68 ? 132 LEU A CA  1 
ATOM   959  C C   . LEU A 1 132 ? -1.065  7.693   -6.090  1.00 10.89 ? 132 LEU A C   1 
ATOM   960  O O   . LEU A 1 132 ? -2.027  6.928   -6.015  1.00 11.27 ? 132 LEU A O   1 
ATOM   961  C CB  . LEU A 1 132 ? 0.788   6.961   -4.620  1.00 10.62 ? 132 LEU A CB  1 
ATOM   962  C CG  . LEU A 1 132 ? 1.603   7.006   -3.329  1.00 11.08 ? 132 LEU A CG  1 
ATOM   963  C CD1 . LEU A 1 132 ? 2.584   5.839   -3.300  1.00 9.46  ? 132 LEU A CD1 1 
ATOM   964  C CD2 . LEU A 1 132 ? 2.330   8.334   -3.206  1.00 11.22 ? 132 LEU A CD2 1 
ATOM   965  N N   . ARG A 1 133 ? -0.667  8.256   -7.223  1.00 10.69 ? 133 ARG A N   1 
ATOM   966  C CA  . ARG A 1 133 ? -1.369  8.017   -8.481  1.00 11.11 ? 133 ARG A CA  1 
ATOM   967  C C   . ARG A 1 133 ? -0.665  6.939   -9.306  1.00 10.92 ? 133 ARG A C   1 
ATOM   968  O O   . ARG A 1 133 ? 0.412   7.176   -9.867  1.00 11.14 ? 133 ARG A O   1 
ATOM   969  C CB  . ARG A 1 133 ? -1.463  9.317   -9.283  1.00 11.06 ? 133 ARG A CB  1 
ATOM   970  C CG  . ARG A 1 133 ? -2.575  10.250  -8.839  1.00 11.75 ? 133 ARG A CG  1 
ATOM   971  C CD  . ARG A 1 133 ? -2.346  11.711  -9.287  1.00 12.03 ? 133 ARG A CD  1 
ATOM   972  N NE  A ARG A 1 133 ? -3.536  12.536  -9.071  0.50 10.51 ? 133 ARG A NE  1 
ATOM   973  N NE  B ARG A 1 133 ? -1.902  11.839  -10.674 0.50 14.77 ? 133 ARG A NE  1 
ATOM   974  C CZ  A ARG A 1 133 ? -4.556  12.634  -9.924  0.50 9.89  ? 133 ARG A CZ  1 
ATOM   975  C CZ  B ARG A 1 133 ? -2.688  12.118  -11.712 0.50 15.97 ? 133 ARG A CZ  1 
ATOM   976  N NH1 A ARG A 1 133 ? -4.555  11.954  -11.058 0.50 10.68 ? 133 ARG A NH1 1 
ATOM   977  N NH1 B ARG A 1 133 ? -3.994  12.302  -11.541 0.50 17.08 ? 133 ARG A NH1 1 
ATOM   978  N NH2 A ARG A 1 133 ? -5.587  13.415  -9.635  0.50 9.86  ? 133 ARG A NH2 1 
ATOM   979  N NH2 B ARG A 1 133 ? -2.163  12.214  -12.928 0.50 15.75 ? 133 ARG A NH2 1 
ATOM   980  N N   . ALA A 1 134 ? -1.279  5.758   -9.381  1.00 10.72 ? 134 ALA A N   1 
ATOM   981  C CA  . ALA A 1 134 ? -0.763  4.657   -10.199 1.00 10.80 ? 134 ALA A CA  1 
ATOM   982  C C   . ALA A 1 134 ? -1.091  4.899   -11.667 1.00 11.02 ? 134 ALA A C   1 
ATOM   983  O O   . ALA A 1 134 ? -2.216  5.268   -12.001 1.00 10.92 ? 134 ALA A O   1 
ATOM   984  C CB  . ALA A 1 134 ? -1.363  3.346   -9.752  1.00 10.59 ? 134 ALA A CB  1 
ATOM   985  N N   . VAL A 1 135 ? -0.117  4.666   -12.539 1.00 11.19 ? 135 VAL A N   1 
ATOM   986  C CA  . VAL A 1 135 ? -0.323  4.916   -13.965 1.00 10.95 ? 135 VAL A CA  1 
ATOM   987  C C   . VAL A 1 135 ? -1.291  3.899   -14.589 1.00 11.14 ? 135 VAL A C   1 
ATOM   988  O O   . VAL A 1 135 ? -1.305  2.727   -14.187 1.00 11.01 ? 135 VAL A O   1 
ATOM   989  C CB  . VAL A 1 135 ? 1.019   4.974   -14.756 1.00 11.09 ? 135 VAL A CB  1 
ATOM   990  C CG1 . VAL A 1 135 ? 1.950   6.016   -14.149 1.00 11.18 ? 135 VAL A CG1 1 
ATOM   991  C CG2 . VAL A 1 135 ? 1.702   3.613   -14.815 1.00 10.88 ? 135 VAL A CG2 1 
ATOM   992  N N   . PRO A 1 136 ? -2.110  4.346   -15.567 1.00 11.14 ? 136 PRO A N   1 
ATOM   993  C CA  . PRO A 1 136 ? -2.959  3.399   -16.290 1.00 11.16 ? 136 PRO A CA  1 
ATOM   994  C C   . PRO A 1 136 ? -2.103  2.299   -16.908 1.00 11.11 ? 136 PRO A C   1 
ATOM   995  O O   . PRO A 1 136 ? -1.020  2.581   -17.433 1.00 11.40 ? 136 PRO A O   1 
ATOM   996  C CB  . PRO A 1 136 ? -3.607  4.268   -17.376 1.00 11.55 ? 136 PRO A CB  1 
ATOM   997  C CG  . PRO A 1 136 ? -3.594  5.642   -16.810 1.00 11.20 ? 136 PRO A CG  1 
ATOM   998  C CD  . PRO A 1 136 ? -2.301  5.727   -16.051 1.00 11.46 ? 136 PRO A CD  1 
ATOM   999  N N   . GLY A 1 137 ? -2.580  1.058   -16.832 1.00 11.03 ? 137 GLY A N   1 
ATOM   1000 C CA  . GLY A 1 137 ? -1.803  -0.098  -17.285 1.00 11.04 ? 137 GLY A CA  1 
ATOM   1001 C C   . GLY A 1 137 ? -1.016  -0.745  -16.164 1.00 11.30 ? 137 GLY A C   1 
ATOM   1002 O O   . GLY A 1 137 ? -0.492  -1.854  -16.322 1.00 11.45 ? 137 GLY A O   1 
ATOM   1003 N N   . LEU A 1 138 ? -0.933  -0.040  -15.032 1.00 10.85 ? 138 LEU A N   1 
ATOM   1004 C CA  . LEU A 1 138 ? -0.309  -0.560  -13.814 1.00 10.85 ? 138 LEU A CA  1 
ATOM   1005 C C   . LEU A 1 138 ? 1.072   -1.162  -14.098 1.00 11.00 ? 138 LEU A C   1 
ATOM   1006 O O   . LEU A 1 138 ? 1.908   -0.485  -14.709 1.00 10.89 ? 138 LEU A O   1 
ATOM   1007 C CB  . LEU A 1 138 ? -1.273  -1.500  -13.061 1.00 10.51 ? 138 LEU A CB  1 
ATOM   1008 C CG  . LEU A 1 138 ? -2.617  -0.830  -12.722 1.00 11.12 ? 138 LEU A CG  1 
ATOM   1009 C CD1 . LEU A 1 138 ? -3.645  -1.822  -12.191 1.00 10.59 ? 138 LEU A CD1 1 
ATOM   1010 C CD2 . LEU A 1 138 ? -2.439  0.330   -11.745 1.00 12.58 ? 138 LEU A CD2 1 
ATOM   1011 N N   . LEU A 1 139 ? 1.300   -2.415  -13.707 1.00 11.57 ? 139 LEU A N   1 
ATOM   1012 C CA  . LEU A 1 139 ? 2.638   -3.017  -13.777 1.00 12.36 ? 139 LEU A CA  1 
ATOM   1013 C C   . LEU A 1 139 ? 3.156   -3.282  -15.189 1.00 13.19 ? 139 LEU A C   1 
ATOM   1014 O O   . LEU A 1 139 ? 4.347   -3.546  -15.376 1.00 13.61 ? 139 LEU A O   1 
ATOM   1015 C CB  . LEU A 1 139 ? 2.707   -4.304  -12.945 1.00 12.12 ? 139 LEU A CB  1 
ATOM   1016 C CG  . LEU A 1 139 ? 2.665   -4.134  -11.427 1.00 12.03 ? 139 LEU A CG  1 
ATOM   1017 C CD1 . LEU A 1 139 ? 2.697   -5.507  -10.769 1.00 12.57 ? 139 LEU A CD1 1 
ATOM   1018 C CD2 . LEU A 1 139 ? 3.819   -3.264  -10.917 1.00 12.20 ? 139 LEU A CD2 1 
ATOM   1019 N N   . LYS A 1 140 ? 2.268   -3.222  -16.175 1.00 13.85 ? 140 LYS A N   1 
ATOM   1020 C CA  . LYS A 1 140 ? 2.696   -3.355  -17.567 1.00 14.87 ? 140 LYS A CA  1 
ATOM   1021 C C   . LYS A 1 140 ? 3.298   -2.056  -18.091 1.00 15.00 ? 140 LYS A C   1 
ATOM   1022 O O   . LYS A 1 140 ? 3.974   -2.050  -19.127 1.00 15.42 ? 140 LYS A O   1 
ATOM   1023 C CB  . LYS A 1 140 ? 1.551   -3.843  -18.457 1.00 14.99 ? 140 LYS A CB  1 
ATOM   1024 C CG  . LYS A 1 140 ? 1.223   -5.309  -18.224 1.00 17.47 ? 140 LYS A CG  1 
ATOM   1025 C CD  . LYS A 1 140 ? 0.146   -5.830  -19.142 1.00 19.76 ? 140 LYS A CD  1 
ATOM   1026 C CE  . LYS A 1 140 ? -0.156  -7.282  -18.805 1.00 21.25 ? 140 LYS A CE  1 
ATOM   1027 N NZ  . LYS A 1 140 ? -1.216  -7.839  -19.683 1.00 21.85 ? 140 LYS A NZ  1 
ATOM   1028 N N   . LYS A 1 141 ? 3.067   -0.962  -17.363 1.00 14.93 ? 141 LYS A N   1 
ATOM   1029 C CA  . LYS A 1 141 ? 3.546   0.357   -17.768 1.00 15.16 ? 141 LYS A CA  1 
ATOM   1030 C C   . LYS A 1 141 ? 4.605   0.942   -16.832 1.00 14.93 ? 141 LYS A C   1 
ATOM   1031 O O   . LYS A 1 141 ? 5.492   1.672   -17.272 1.00 15.15 ? 141 LYS A O   1 
ATOM   1032 C CB  . LYS A 1 141 ? 2.378   1.332   -17.916 1.00 15.72 ? 141 LYS A CB  1 
ATOM   1033 C CG  . LYS A 1 141 ? 1.540   1.122   -19.180 1.00 17.83 ? 141 LYS A CG  1 
ATOM   1034 C CD  . LYS A 1 141 ? 2.300   1.503   -20.456 1.00 21.78 ? 141 LYS A CD  1 
ATOM   1035 C CE  . LYS A 1 141 ? 2.512   3.006   -20.558 1.00 23.73 ? 141 LYS A CE  1 
ATOM   1036 N NZ  . LYS A 1 141 ? 3.102   3.410   -21.866 1.00 26.10 ? 141 LYS A NZ  1 
ATOM   1037 N N   . ARG A 1 142 ? 4.495   0.641   -15.540 1.00 14.20 ? 142 ARG A N   1 
ATOM   1038 C CA  . ARG A 1 142 ? 5.485   1.078   -14.553 1.00 13.85 ? 142 ARG A CA  1 
ATOM   1039 C C   . ARG A 1 142 ? 5.550   0.037   -13.453 1.00 13.53 ? 142 ARG A C   1 
ATOM   1040 O O   . ARG A 1 142 ? 4.533   -0.282  -12.847 1.00 12.68 ? 142 ARG A O   1 
ATOM   1041 C CB  . ARG A 1 142 ? 5.118   2.444   -13.961 1.00 13.69 ? 142 ARG A CB  1 
ATOM   1042 C CG  . ARG A 1 142 ? 6.118   2.977   -12.935 1.00 14.30 ? 142 ARG A CG  1 
ATOM   1043 C CD  . ARG A 1 142 ? 5.696   4.332   -12.376 1.00 14.25 ? 142 ARG A CD  1 
ATOM   1044 N NE  . ARG A 1 142 ? 6.700   4.871   -11.455 1.00 15.85 ? 142 ARG A NE  1 
ATOM   1045 C CZ  . ARG A 1 142 ? 6.658   4.749   -10.130 1.00 16.83 ? 142 ARG A CZ  1 
ATOM   1046 N NH1 . ARG A 1 142 ? 5.652   4.109   -9.541  1.00 14.06 ? 142 ARG A NH1 1 
ATOM   1047 N NH2 . ARG A 1 142 ? 7.630   5.270   -9.389  1.00 17.75 ? 142 ARG A NH2 1 
ATOM   1048 N N   . ARG A 1 143 ? 6.748   -0.490  -13.209 1.00 13.50 ? 143 ARG A N   1 
ATOM   1049 C CA  . ARG A 1 143 ? 6.930   -1.564  -12.226 1.00 13.74 ? 143 ARG A CA  1 
ATOM   1050 C C   . ARG A 1 143 ? 7.178   -1.019  -10.820 1.00 13.77 ? 143 ARG A C   1 
ATOM   1051 O O   . ARG A 1 143 ? 8.093   -1.460  -10.118 1.00 14.38 ? 143 ARG A O   1 
ATOM   1052 C CB  . ARG A 1 143 ? 8.059   -2.503  -12.659 1.00 14.25 ? 143 ARG A CB  1 
ATOM   1053 C CG  . ARG A 1 143 ? 7.739   -3.308  -13.910 1.00 14.75 ? 143 ARG A CG  1 
ATOM   1054 C CD  . ARG A 1 143 ? 8.661   -4.496  -14.038 1.00 18.62 ? 143 ARG A CD  1 
ATOM   1055 N NE  . ARG A 1 143 ? 8.514   -5.169  -15.324 1.00 20.86 ? 143 ARG A NE  1 
ATOM   1056 C CZ  . ARG A 1 143 ? 8.971   -6.392  -15.584 1.00 22.75 ? 143 ARG A CZ  1 
ATOM   1057 N NH1 . ARG A 1 143 ? 8.798   -6.918  -16.788 1.00 25.07 ? 143 ARG A NH1 1 
ATOM   1058 N NH2 . ARG A 1 143 ? 9.590   -7.094  -14.642 1.00 24.34 ? 143 ARG A NH2 1 
ATOM   1059 N N   . GLY A 1 144 ? 6.351   -0.062  -10.411 1.00 13.58 ? 144 GLY A N   1 
ATOM   1060 C CA  . GLY A 1 144 ? 6.496   0.566   -9.100  1.00 13.14 ? 144 GLY A CA  1 
ATOM   1061 C C   . GLY A 1 144 ? 5.673   -0.119  -8.028  1.00 12.74 ? 144 GLY A C   1 
ATOM   1062 O O   . GLY A 1 144 ? 4.750   -0.887  -8.330  1.00 12.41 ? 144 GLY A O   1 
ATOM   1063 N N   . HIS A 1 145 ? 5.997   0.157   -6.764  1.00 12.71 ? 145 HIS A N   1 
ATOM   1064 C CA  . HIS A 1 145 ? 5.191   -0.376  -5.664  1.00 12.53 ? 145 HIS A CA  1 
ATOM   1065 C C   . HIS A 1 145 ? 3.777   0.215   -5.685  1.00 12.03 ? 145 HIS A C   1 
ATOM   1066 O O   . HIS A 1 145 ? 2.819   -0.430  -5.245  1.00 11.83 ? 145 HIS A O   1 
ATOM   1067 C CB  . HIS A 1 145 ? 5.880   -0.144  -4.313  1.00 13.32 ? 145 HIS A CB  1 
ATOM   1068 C CG  . HIS A 1 145 ? 7.091   -1.001  -4.105  1.00 15.54 ? 145 HIS A CG  1 
ATOM   1069 N ND1 . HIS A 1 145 ? 7.150   -1.991  -3.148  1.00 19.39 ? 145 HIS A ND1 1 
ATOM   1070 C CD2 . HIS A 1 145 ? 8.284   -1.026  -4.745  1.00 18.87 ? 145 HIS A CD2 1 
ATOM   1071 C CE1 . HIS A 1 145 ? 8.329   -2.585  -3.203  1.00 19.09 ? 145 HIS A CE1 1 
ATOM   1072 N NE2 . HIS A 1 145 ? 9.036   -2.017  -4.162  1.00 18.64 ? 145 HIS A NE2 1 
ATOM   1073 N N   . THR A 1 146 ? 3.649   1.430   -6.220  1.00 11.05 ? 146 THR A N   1 
ATOM   1074 C CA  . THR A 1 146 ? 2.342   2.064   -6.389  1.00 11.16 ? 146 THR A CA  1 
ATOM   1075 C C   . THR A 1 146 ? 1.466   1.205   -7.298  1.00 10.74 ? 146 THR A C   1 
ATOM   1076 O O   . THR A 1 146 ? 0.345   0.831   -6.936  1.00 10.75 ? 146 THR A O   1 
ATOM   1077 C CB  . THR A 1 146 ? 2.470   3.481   -6.984  1.00 11.05 ? 146 THR A CB  1 
ATOM   1078 O OG1 . THR A 1 146 ? 3.289   4.290   -6.131  1.00 12.24 ? 146 THR A OG1 1 
ATOM   1079 C CG2 . THR A 1 146 ? 1.103   4.136   -7.129  1.00 11.53 ? 146 THR A CG2 1 
ATOM   1080 N N   . GLU A 1 147 ? 1.993   0.887   -8.475  1.00 10.38 ? 147 GLU A N   1 
ATOM   1081 C CA  . GLU A 1 147 ? 1.281   0.059   -9.444  1.00 10.36 ? 147 GLU A CA  1 
ATOM   1082 C C   . GLU A 1 147 ? 1.035   -1.358  -8.923  1.00 10.25 ? 147 GLU A C   1 
ATOM   1083 O O   . GLU A 1 147 ? -0.015  -1.952  -9.185  1.00 9.93  ? 147 GLU A O   1 
ATOM   1084 C CB  . GLU A 1 147 ? 2.030   0.036   -10.781 1.00 10.54 ? 147 GLU A CB  1 
ATOM   1085 C CG  . GLU A 1 147 ? 1.936   1.340   -11.595 1.00 10.19 ? 147 GLU A CG  1 
ATOM   1086 C CD  . GLU A 1 147 ? 2.740   2.487   -11.016 1.00 10.45 ? 147 GLU A CD  1 
ATOM   1087 O OE1 . GLU A 1 147 ? 3.782   2.220   -10.380 1.00 10.35 ? 147 GLU A OE1 1 
ATOM   1088 O OE2 . GLU A 1 147 ? 2.337   3.658   -11.212 1.00 9.70  ? 147 GLU A OE2 1 
ATOM   1089 N N   . ALA A 1 148 ? 1.995   -1.896  -8.174  1.00 9.81  ? 148 ALA A N   1 
ATOM   1090 C CA  . ALA A 1 148 ? 1.837   -3.221  -7.570  1.00 9.82  ? 148 ALA A CA  1 
ATOM   1091 C C   . ALA A 1 148 ? 0.642   -3.279  -6.620  1.00 9.40  ? 148 ALA A C   1 
ATOM   1092 O O   . ALA A 1 148 ? -0.116  -4.256  -6.628  1.00 9.66  ? 148 ALA A O   1 
ATOM   1093 C CB  . ALA A 1 148 ? 3.096   -3.620  -6.839  1.00 9.88  ? 148 ALA A CB  1 
ATOM   1094 N N   . ALA A 1 149 ? 0.476   -2.231  -5.812  1.00 8.88  ? 149 ALA A N   1 
ATOM   1095 C CA  . ALA A 1 149 ? -0.599  -2.188  -4.817  1.00 8.74  ? 149 ALA A CA  1 
ATOM   1096 C C   . ALA A 1 149 ? -1.965  -2.176  -5.488  1.00 8.84  ? 149 ALA A C   1 
ATOM   1097 O O   . ALA A 1 149 ? -2.860  -2.942  -5.117  1.00 8.71  ? 149 ALA A O   1 
ATOM   1098 C CB  . ALA A 1 149 ? -0.431  -0.980  -3.895  1.00 9.29  ? 149 ALA A CB  1 
ATOM   1099 N N   . VAL A 1 150 ? -2.114  -1.318  -6.494  1.00 8.98  ? 150 VAL A N   1 
ATOM   1100 C CA  . VAL A 1 150 ? -3.371  -1.227  -7.229  1.00 9.12  ? 150 VAL A CA  1 
ATOM   1101 C C   . VAL A 1 150 ? -3.607  -2.512  -8.026  1.00 9.43  ? 150 VAL A C   1 
ATOM   1102 O O   . VAL A 1 150 ? -4.736  -2.994  -8.100  1.00 10.00 ? 150 VAL A O   1 
ATOM   1103 C CB  . VAL A 1 150 ? -3.420  0.034   -8.118  1.00 9.15  ? 150 VAL A CB  1 
ATOM   1104 C CG1 . VAL A 1 150 ? -4.734  0.088   -8.916  1.00 8.91  ? 150 VAL A CG1 1 
ATOM   1105 C CG2 . VAL A 1 150 ? -3.265  1.275   -7.251  1.00 9.43  ? 150 VAL A CG2 1 
ATOM   1106 N N   . GLN A 1 151 ? -2.536  -3.089  -8.574  1.00 9.66  ? 151 GLN A N   1 
ATOM   1107 C CA  . GLN A 1 151 ? -2.648  -4.354  -9.300  1.00 9.83  ? 151 GLN A CA  1 
ATOM   1108 C C   . GLN A 1 151 ? -3.148  -5.478  -8.390  1.00 10.07 ? 151 GLN A C   1 
ATOM   1109 O O   . GLN A 1 151 ? -4.062  -6.220  -8.757  1.00 10.23 ? 151 GLN A O   1 
ATOM   1110 C CB  . GLN A 1 151 ? -1.317  -4.755  -9.952  1.00 9.86  ? 151 GLN A CB  1 
ATOM   1111 C CG  . GLN A 1 151 ? -1.475  -5.842  -11.024 1.00 10.34 ? 151 GLN A CG  1 
ATOM   1112 C CD  . GLN A 1 151 ? -1.499  -5.272  -12.426 1.00 11.63 ? 151 GLN A CD  1 
ATOM   1113 O OE1 . GLN A 1 151 ? -2.462  -5.450  -13.181 1.00 13.65 ? 151 GLN A OE1 1 
ATOM   1114 N NE2 . GLN A 1 151 ? -0.434  -4.596  -12.786 1.00 9.98  ? 151 GLN A NE2 1 
ATOM   1115 N N   . LEU A 1 152 ? -2.548  -5.603  -7.206  1.00 10.00 ? 152 LEU A N   1 
ATOM   1116 C CA  . LEU A 1 152 ? -2.950  -6.628  -6.248  1.00 9.79  ? 152 LEU A CA  1 
ATOM   1117 C C   . LEU A 1 152 ? -4.428  -6.490  -5.893  1.00 9.77  ? 152 LEU A C   1 
ATOM   1118 O O   . LEU A 1 152 ? -5.176  -7.469  -5.914  1.00 10.09 ? 152 LEU A O   1 
ATOM   1119 C CB  . LEU A 1 152 ? -2.089  -6.551  -4.983  1.00 9.81  ? 152 LEU A CB  1 
ATOM   1120 C CG  . LEU A 1 152 ? -0.667  -7.103  -5.125  1.00 9.41  ? 152 LEU A CG  1 
ATOM   1121 C CD1 . LEU A 1 152 ? 0.228   -6.609  -3.987  1.00 9.85  ? 152 LEU A CD1 1 
ATOM   1122 C CD2 . LEU A 1 152 ? -0.685  -8.637  -5.173  1.00 10.14 ? 152 LEU A CD2 1 
ATOM   1123 N N   . SER A 1 153 ? -4.850  -5.266  -5.586  1.00 9.71  ? 153 SER A N   1 
ATOM   1124 C CA  . SER A 1 153 ? -6.260  -5.021  -5.261  1.00 9.84  ? 153 SER A CA  1 
ATOM   1125 C C   . SER A 1 153 ? -7.183  -5.399  -6.417  1.00 10.18 ? 153 SER A C   1 
ATOM   1126 O O   . SER A 1 153 ? -8.220  -6.031  -6.205  1.00 10.45 ? 153 SER A O   1 
ATOM   1127 C CB  . SER A 1 153 ? -6.472  -3.572  -4.829  1.00 10.19 ? 153 SER A CB  1 
ATOM   1128 O OG  . SER A 1 153 ? -5.880  -3.349  -3.555  1.00 8.61  ? 153 SER A OG  1 
ATOM   1129 N N   . THR A 1 154 ? -6.789  -5.025  -7.630  1.00 10.25 ? 154 THR A N   1 
ATOM   1130 C CA  . THR A 1 154 ? -7.556  -5.338  -8.834  1.00 10.48 ? 154 THR A CA  1 
ATOM   1131 C C   . THR A 1 154 ? -7.676  -6.852  -9.035  1.00 10.56 ? 154 THR A C   1 
ATOM   1132 O O   . THR A 1 154 ? -8.780  -7.380  -9.238  1.00 10.78 ? 154 THR A O   1 
ATOM   1133 C CB  . THR A 1 154 ? -6.930  -4.651  -10.067 1.00 10.82 ? 154 THR A CB  1 
ATOM   1134 O OG1 . THR A 1 154 ? -6.939  -3.227  -9.872  1.00 11.11 ? 154 THR A OG1 1 
ATOM   1135 C CG2 . THR A 1 154 ? -7.702  -4.989  -11.342 1.00 10.60 ? 154 THR A CG2 1 
ATOM   1136 N N   . LEU A 1 155 ? -6.544  -7.546  -8.948  1.00 10.67 ? 155 LEU A N   1 
ATOM   1137 C CA  . LEU A 1 155 ? -6.516  -9.000  -9.123  1.00 10.60 ? 155 LEU A CA  1 
ATOM   1138 C C   . LEU A 1 155 ? -7.318  -9.735  -8.059  1.00 10.55 ? 155 LEU A C   1 
ATOM   1139 O O   . LEU A 1 155 ? -7.837  -10.836 -8.305  1.00 10.73 ? 155 LEU A O   1 
ATOM   1140 C CB  . LEU A 1 155 ? -5.078  -9.507  -9.137  1.00 10.76 ? 155 LEU A CB  1 
ATOM   1141 C CG  . LEU A 1 155 ? -4.236  -9.127  -10.356 1.00 10.52 ? 155 LEU A CG  1 
ATOM   1142 C CD1 . LEU A 1 155 ? -2.769  -9.310  -10.032 1.00 9.92  ? 155 LEU A CD1 1 
ATOM   1143 C CD2 . LEU A 1 155 ? -4.634  -9.962  -11.577 1.00 11.66 ? 155 LEU A CD2 1 
ATOM   1144 N N   . ALA A 1 156 ? -7.425  -9.115  -6.885  1.00 10.80 ? 156 ALA A N   1 
ATOM   1145 C CA  . ALA A 1 156 ? -8.176  -9.655  -5.753  1.00 11.32 ? 156 ALA A CA  1 
ATOM   1146 C C   . ALA A 1 156 ? -9.673  -9.338  -5.830  1.00 11.61 ? 156 ALA A C   1 
ATOM   1147 O O   . ALA A 1 156 ? -10.442 -9.762  -4.971  1.00 12.12 ? 156 ALA A O   1 
ATOM   1148 C CB  . ALA A 1 156 ? -7.587  -9.130  -4.444  1.00 11.21 ? 156 ALA A CB  1 
ATOM   1149 N N   . GLY A 1 157 ? -10.080 -8.612  -6.869  1.00 11.68 ? 157 GLY A N   1 
ATOM   1150 C CA  . GLY A 1 157 ? -11.484 -8.230  -7.058  1.00 12.09 ? 157 GLY A CA  1 
ATOM   1151 C C   . GLY A 1 157 ? -11.951 -7.127  -6.119  1.00 12.18 ? 157 GLY A C   1 
ATOM   1152 O O   . GLY A 1 157 ? -13.159 -6.936  -5.916  1.00 12.91 ? 157 GLY A O   1 
ATOM   1153 N N   . LEU A 1 158 ? -10.990 -6.403  -5.551  1.00 12.06 ? 158 LEU A N   1 
ATOM   1154 C CA  . LEU A 1 158 ? -11.260 -5.314  -4.618  1.00 12.20 ? 158 LEU A CA  1 
ATOM   1155 C C   . LEU A 1 158 ? -11.177 -3.956  -5.307  1.00 12.56 ? 158 LEU A C   1 
ATOM   1156 O O   . LEU A 1 158 ? -10.859 -3.871  -6.500  1.00 12.59 ? 158 LEU A O   1 
ATOM   1157 C CB  . LEU A 1 158 ? -10.284 -5.385  -3.431  1.00 12.01 ? 158 LEU A CB  1 
ATOM   1158 C CG  . LEU A 1 158 ? -10.256 -6.705  -2.642  1.00 12.73 ? 158 LEU A CG  1 
ATOM   1159 C CD1 . LEU A 1 158 ? -9.169  -6.703  -1.594  1.00 12.30 ? 158 LEU A CD1 1 
ATOM   1160 C CD2 . LEU A 1 158 ? -11.610 -7.002  -2.000  1.00 14.24 ? 158 LEU A CD2 1 
ATOM   1161 N N   . GLN A 1 159 ? -11.496 -2.892  -4.570  1.00 12.86 ? 159 GLN A N   1 
ATOM   1162 C CA  . GLN A 1 159 ? -11.378 -1.533  -5.107  1.00 13.21 ? 159 GLN A CA  1 
ATOM   1163 C C   . GLN A 1 159 ? -9.921  -1.274  -5.480  1.00 13.32 ? 159 GLN A C   1 
ATOM   1164 O O   . GLN A 1 159 ? -9.027  -1.743  -4.778  1.00 13.43 ? 159 GLN A O   1 
ATOM   1165 C CB  . GLN A 1 159 ? -11.848 -0.490  -4.086  1.00 13.31 ? 159 GLN A CB  1 
ATOM   1166 C CG  . GLN A 1 159 ? -13.314 -0.640  -3.672  1.00 13.71 ? 159 GLN A CG  1 
ATOM   1167 C CD  . GLN A 1 159 ? -14.267 -0.420  -4.823  1.00 15.06 ? 159 GLN A CD  1 
ATOM   1168 O OE1 . GLN A 1 159 ? -14.028 0.423   -5.687  1.00 15.61 ? 159 GLN A OE1 1 
ATOM   1169 N NE2 . GLN A 1 159 ? -15.361 -1.177  -4.837  1.00 16.41 ? 159 GLN A NE2 1 
ATOM   1170 N N   . PRO A 1 160 ? -9.681  -0.530  -6.575  1.00 13.44 ? 160 PRO A N   1 
ATOM   1171 C CA  . PRO A 1 160 ? -8.312  -0.278  -7.051  1.00 13.31 ? 160 PRO A CA  1 
ATOM   1172 C C   . PRO A 1 160 ? -7.558  0.701   -6.148  1.00 12.78 ? 160 PRO A C   1 
ATOM   1173 O O   . PRO A 1 160 ? -7.240  1.821   -6.547  1.00 13.12 ? 160 PRO A O   1 
ATOM   1174 C CB  . PRO A 1 160 ? -8.530  0.297   -8.455  1.00 14.02 ? 160 PRO A CB  1 
ATOM   1175 C CG  . PRO A 1 160 ? -9.872  0.950   -8.389  1.00 13.99 ? 160 PRO A CG  1 
ATOM   1176 C CD  . PRO A 1 160 ? -10.692 0.102   -7.445  1.00 13.64 ? 160 PRO A CD  1 
ATOM   1177 N N   . ALA A 1 161 ? -7.284  0.255   -4.925  1.00 11.82 ? 161 ALA A N   1 
ATOM   1178 C CA  . ALA A 1 161 ? -6.648  1.081   -3.908  1.00 11.16 ? 161 ALA A CA  1 
ATOM   1179 C C   . ALA A 1 161 ? -5.887  0.179   -2.956  1.00 10.55 ? 161 ALA A C   1 
ATOM   1180 O O   . ALA A 1 161 ? -6.393  -0.862  -2.530  1.00 10.65 ? 161 ALA A O   1 
ATOM   1181 C CB  . ALA A 1 161 ? -7.697  1.871   -3.141  1.00 11.21 ? 161 ALA A CB  1 
ATOM   1182 N N   . GLY A 1 162 ? -4.669  0.585   -2.626  1.00 9.98  ? 162 GLY A N   1 
ATOM   1183 C CA  . GLY A 1 162 ? -3.836  -0.174  -1.686  1.00 9.29  ? 162 GLY A CA  1 
ATOM   1184 C C   . GLY A 1 162 ? -3.230  0.764   -0.669  1.00 9.04  ? 162 GLY A C   1 
ATOM   1185 O O   . GLY A 1 162 ? -3.434  1.975   -0.743  1.00 9.27  ? 162 GLY A O   1 
ATOM   1186 N N   . VAL A 1 163 ? -2.478  0.206   0.277   1.00 8.72  ? 163 VAL A N   1 
ATOM   1187 C CA  . VAL A 1 163 ? -1.783  1.012   1.285   1.00 8.47  ? 163 VAL A CA  1 
ATOM   1188 C C   . VAL A 1 163 ? -0.427  0.366   1.553   1.00 8.95  ? 163 VAL A C   1 
ATOM   1189 O O   . VAL A 1 163 ? -0.333  -0.854  1.676   1.00 9.01  ? 163 VAL A O   1 
ATOM   1190 C CB  . VAL A 1 163 ? -2.640  1.215   2.571   1.00 8.29  ? 163 VAL A CB  1 
ATOM   1191 C CG1 . VAL A 1 163 ? -3.073  -0.115  3.178   1.00 7.92  ? 163 VAL A CG1 1 
ATOM   1192 C CG2 . VAL A 1 163 ? -1.914  2.093   3.609   1.00 8.85  ? 163 VAL A CG2 1 
ATOM   1193 N N   . ILE A 1 164 ? 0.618   1.191   1.605   1.00 9.04  ? 164 ILE A N   1 
ATOM   1194 C CA  . ILE A 1 164 ? 1.993   0.696   1.580   1.00 9.78  ? 164 ILE A CA  1 
ATOM   1195 C C   . ILE A 1 164 ? 2.916   1.468   2.512   1.00 9.69  ? 164 ILE A C   1 
ATOM   1196 O O   . ILE A 1 164 ? 2.686   2.645   2.787   1.00 9.70  ? 164 ILE A O   1 
ATOM   1197 C CB  . ILE A 1 164 ? 2.594   0.737   0.143   1.00 10.09 ? 164 ILE A CB  1 
ATOM   1198 C CG1 . ILE A 1 164 ? 2.835   2.178   -0.336  1.00 10.55 ? 164 ILE A CG1 1 
ATOM   1199 C CG2 . ILE A 1 164 ? 1.707   -0.022  -0.851  1.00 10.20 ? 164 ILE A CG2 1 
ATOM   1200 C CD1 . ILE A 1 164 ? 3.421   2.272   -1.754  1.00 11.67 ? 164 ILE A CD1 1 
ATOM   1201 N N   . CYS A 1 165 ? 3.964   0.799   2.984   1.00 9.71  ? 165 CYS A N   1 
ATOM   1202 C CA  . CYS A 1 165 ? 5.047   1.483   3.690   1.00 9.95  ? 165 CYS A CA  1 
ATOM   1203 C C   . CYS A 1 165 ? 6.269   0.583   3.746   1.00 10.23 ? 165 CYS A C   1 
ATOM   1204 O O   . CYS A 1 165 ? 6.142   -0.642  3.690   1.00 10.16 ? 165 CYS A O   1 
ATOM   1205 C CB  . CYS A 1 165 ? 4.623   1.906   5.103   1.00 9.91  ? 165 CYS A CB  1 
ATOM   1206 S SG  . CYS A 1 165 ? 5.532   3.367   5.694   1.00 10.53 ? 165 CYS A SG  1 
ATOM   1207 N N   . GLU A 1 166 ? 7.441   1.203   3.861   1.00 10.04 ? 166 GLU A N   1 
ATOM   1208 C CA  . GLU A 1 166 ? 8.728   0.499   3.816   1.00 10.45 ? 166 GLU A CA  1 
ATOM   1209 C C   . GLU A 1 166 ? 9.106   -0.103  5.158   1.00 10.12 ? 166 GLU A C   1 
ATOM   1210 O O   . GLU A 1 166 ? 9.133   0.604   6.166   1.00 10.27 ? 166 GLU A O   1 
ATOM   1211 C CB  . GLU A 1 166 ? 9.843   1.469   3.413   1.00 10.58 ? 166 GLU A CB  1 
ATOM   1212 C CG  . GLU A 1 166 ? 9.626   2.220   2.119   1.00 12.38 ? 166 GLU A CG  1 
ATOM   1213 C CD  . GLU A 1 166 ? 8.989   3.593   2.302   1.00 13.03 ? 166 GLU A CD  1 
ATOM   1214 O OE1 . GLU A 1 166 ? 8.359   3.870   3.352   1.00 10.60 ? 166 GLU A OE1 1 
ATOM   1215 O OE2 . GLU A 1 166 ? 9.121   4.399   1.363   1.00 15.23 ? 166 GLU A OE2 1 
ATOM   1216 N N   . LEU A 1 167 ? 9.424   -1.395  5.169   1.00 10.14 ? 167 LEU A N   1 
ATOM   1217 C CA  . LEU A 1 167 ? 9.869   -2.069  6.392   1.00 10.13 ? 167 LEU A CA  1 
ATOM   1218 C C   . LEU A 1 167 ? 11.198  -1.510  6.875   1.00 10.33 ? 167 LEU A C   1 
ATOM   1219 O O   . LEU A 1 167 ? 12.101  -1.274  6.067   1.00 10.13 ? 167 LEU A O   1 
ATOM   1220 C CB  . LEU A 1 167 ? 9.997   -3.577  6.149   1.00 10.23 ? 167 LEU A CB  1 
ATOM   1221 C CG  . LEU A 1 167 ? 8.684   -4.354  6.144   1.00 10.66 ? 167 LEU A CG  1 
ATOM   1222 C CD1 . LEU A 1 167 ? 8.896   -5.724  5.541   1.00 11.03 ? 167 LEU A CD1 1 
ATOM   1223 C CD2 . LEU A 1 167 ? 8.141   -4.476  7.561   1.00 10.15 ? 167 LEU A CD2 1 
ATOM   1224 N N   . VAL A 1 168 ? 11.307  -1.280  8.185   1.00 10.46 ? 168 VAL A N   1 
ATOM   1225 C CA  . VAL A 1 168 ? 12.559  -0.783  8.777   1.00 10.59 ? 168 VAL A CA  1 
ATOM   1226 C C   . VAL A 1 168 ? 12.982  -1.625  9.976   1.00 10.75 ? 168 VAL A C   1 
ATOM   1227 O O   . VAL A 1 168 ? 12.137  -2.102  10.743  1.00 10.64 ? 168 VAL A O   1 
ATOM   1228 C CB  . VAL A 1 168 ? 12.490  0.721   9.169   1.00 10.75 ? 168 VAL A CB  1 
ATOM   1229 C CG1 . VAL A 1 168 ? 12.032  1.573   7.997   1.00 10.06 ? 168 VAL A CG1 1 
ATOM   1230 C CG2 . VAL A 1 168 ? 11.566  0.947   10.344  1.00 12.81 ? 168 VAL A CG2 1 
ATOM   1231 N N   . ARG A 1 169 ? 14.293  -1.800  10.121  1.00 11.22 ? 169 ARG A N   1 
ATOM   1232 C CA  . ARG A 1 169 ? 14.873  -2.576  11.211  1.00 11.53 ? 169 ARG A CA  1 
ATOM   1233 C C   . ARG A 1 169 ? 14.768  -1.836  12.536  1.00 11.91 ? 169 ARG A C   1 
ATOM   1234 O O   . ARG A 1 169 ? 15.048  -0.642  12.597  1.00 11.38 ? 169 ARG A O   1 
ATOM   1235 C CB  . ARG A 1 169 ? 16.344  -2.882  10.914  1.00 11.68 ? 169 ARG A CB  1 
ATOM   1236 C CG  . ARG A 1 169 ? 16.546  -3.869  9.775   1.00 12.50 ? 169 ARG A CG  1 
ATOM   1237 C CD  . ARG A 1 169 ? 17.973  -3.833  9.241   1.00 15.16 ? 169 ARG A CD  1 
ATOM   1238 N NE  . ARG A 1 169 ? 18.955  -3.782  10.314  1.00 16.72 ? 169 ARG A NE  1 
ATOM   1239 C CZ  . ARG A 1 169 ? 19.445  -4.842  10.952  1.00 18.78 ? 169 ARG A CZ  1 
ATOM   1240 N NH1 . ARG A 1 169 ? 20.332  -4.670  11.924  1.00 18.53 ? 169 ARG A NH1 1 
ATOM   1241 N NH2 . ARG A 1 169 ? 19.057  -6.072  10.629  1.00 18.91 ? 169 ARG A NH2 1 
ATOM   1242 N N   . ASP A 1 170 ? 14.366  -2.546  13.592  1.00 13.06 ? 170 ASP A N   1 
ATOM   1243 C CA  . ASP A 1 170 ? 14.294  -1.963  14.941  1.00 13.93 ? 170 ASP A CA  1 
ATOM   1244 C C   . ASP A 1 170 ? 15.660  -1.519  15.466  1.00 14.45 ? 170 ASP A C   1 
ATOM   1245 O O   . ASP A 1 170 ? 15.772  -0.504  16.167  1.00 14.74 ? 170 ASP A O   1 
ATOM   1246 C CB  . ASP A 1 170 ? 13.711  -2.972  15.934  1.00 14.20 ? 170 ASP A CB  1 
ATOM   1247 C CG  . ASP A 1 170 ? 12.193  -3.024  15.915  1.00 15.44 ? 170 ASP A CG  1 
ATOM   1248 O OD1 . ASP A 1 170 ? 11.557  -2.315  15.101  1.00 15.10 ? 170 ASP A OD1 1 
ATOM   1249 O OD2 . ASP A 1 170 ? 11.636  -3.784  16.740  1.00 17.45 ? 170 ASP A OD2 1 
ATOM   1250 N N   . GLU A 1 171 ? 16.687  -2.295  15.132  1.00 14.52 ? 171 GLU A N   1 
ATOM   1251 C CA  . GLU A 1 171 ? 18.025  -2.112  15.684  1.00 15.18 ? 171 GLU A CA  1 
ATOM   1252 C C   . GLU A 1 171 ? 18.655  -0.768  15.328  1.00 15.08 ? 171 GLU A C   1 
ATOM   1253 O O   . GLU A 1 171 ? 19.274  -0.116  16.177  1.00 15.43 ? 171 GLU A O   1 
ATOM   1254 C CB  . GLU A 1 171 ? 18.945  -3.240  15.208  1.00 15.50 ? 171 GLU A CB  1 
ATOM   1255 C CG  . GLU A 1 171 ? 18.597  -4.619  15.767  1.00 17.40 ? 171 GLU A CG  1 
ATOM   1256 C CD  . GLU A 1 171 ? 17.609  -5.397  14.917  1.00 19.92 ? 171 GLU A CD  1 
ATOM   1257 O OE1 . GLU A 1 171 ? 16.993  -4.818  13.988  1.00 18.58 ? 171 GLU A OE1 1 
ATOM   1258 O OE2 . GLU A 1 171 ? 17.450  -6.611  15.183  1.00 21.41 ? 171 GLU A OE2 1 
ATOM   1259 N N   . ASP A 1 172 ? 18.498  -0.357  14.072  1.00 14.28 ? 172 ASP A N   1 
ATOM   1260 C CA  . ASP A 1 172 ? 19.270  0.769   13.545  1.00 14.05 ? 172 ASP A CA  1 
ATOM   1261 C C   . ASP A 1 172 ? 18.530  1.630   12.520  1.00 13.41 ? 172 ASP A C   1 
ATOM   1262 O O   . ASP A 1 172 ? 19.107  2.577   11.975  1.00 13.57 ? 172 ASP A O   1 
ATOM   1263 C CB  . ASP A 1 172 ? 20.592  0.271   12.940  1.00 14.23 ? 172 ASP A CB  1 
ATOM   1264 C CG  . ASP A 1 172 ? 20.409  -0.908  11.984  1.00 15.41 ? 172 ASP A CG  1 
ATOM   1265 O OD1 . ASP A 1 172 ? 19.298  -1.105  11.442  1.00 15.05 ? 172 ASP A OD1 1 
ATOM   1266 O OD2 . ASP A 1 172 ? 21.401  -1.641  11.767  1.00 17.18 ? 172 ASP A OD2 1 
ATOM   1267 N N   . GLY A 1 173 ? 17.277  1.285   12.241  1.00 12.36 ? 173 GLY A N   1 
ATOM   1268 C CA  . GLY A 1 173 ? 16.452  2.064   11.317  1.00 12.08 ? 173 GLY A CA  1 
ATOM   1269 C C   . GLY A 1 173 ? 16.772  1.867   9.845   1.00 11.73 ? 173 GLY A C   1 
ATOM   1270 O O   . GLY A 1 173 ? 16.217  2.555   8.995   1.00 11.57 ? 173 GLY A O   1 
ATOM   1271 N N   . LEU A 1 174 ? 17.669  0.931   9.534   1.00 11.60 ? 174 LEU A N   1 
ATOM   1272 C CA  . LEU A 1 174 ? 17.983  0.630   8.135   1.00 11.47 ? 174 LEU A CA  1 
ATOM   1273 C C   . LEU A 1 174 ? 16.811  -0.123  7.521   1.00 11.82 ? 174 LEU A C   1 
ATOM   1274 O O   . LEU A 1 174 ? 16.132  -0.881  8.213   1.00 11.45 ? 174 LEU A O   1 
ATOM   1275 C CB  . LEU A 1 174 ? 19.283  -0.180  8.027   1.00 11.65 ? 174 LEU A CB  1 
ATOM   1276 C CG  . LEU A 1 174 ? 20.547  0.452   8.636   1.00 11.95 ? 174 LEU A CG  1 
ATOM   1277 C CD1 . LEU A 1 174 ? 21.786  -0.369  8.255   1.00 13.56 ? 174 LEU A CD1 1 
ATOM   1278 C CD2 . LEU A 1 174 ? 20.743  1.909   8.225   1.00 11.85 ? 174 LEU A CD2 1 
ATOM   1279 N N   . MET A 1 175 ? 16.548  0.112   6.236   1.00 11.91 ? 175 MET A N   1 
ATOM   1280 C CA  . MET A 1 175 ? 15.461  -0.603  5.563   1.00 12.86 ? 175 MET A CA  1 
ATOM   1281 C C   . MET A 1 175 ? 15.766  -2.095  5.484   1.00 12.81 ? 175 MET A C   1 
ATOM   1282 O O   . MET A 1 175 ? 16.921  -2.490  5.314   1.00 13.43 ? 175 MET A O   1 
ATOM   1283 C CB  . MET A 1 175 ? 15.172  -0.019  4.179   1.00 12.88 ? 175 MET A CB  1 
ATOM   1284 C CG  . MET A 1 175 ? 14.084  1.060   4.186   1.00 14.92 ? 175 MET A CG  1 
ATOM   1285 S SD  . MET A 1 175 ? 14.538  2.537   5.112   1.00 17.91 ? 175 MET A SD  1 
ATOM   1286 C CE  . MET A 1 175 ? 12.996  3.443   5.038   1.00 15.35 ? 175 MET A CE  1 
ATOM   1287 N N   . MET A 1 176 ? 14.726  -2.916  5.632   1.00 12.66 ? 176 MET A N   1 
ATOM   1288 C CA  . MET A 1 176 ? 14.886  -4.369  5.627   1.00 12.72 ? 176 MET A CA  1 
ATOM   1289 C C   . MET A 1 176 ? 15.126  -4.872  4.219   1.00 12.79 ? 176 MET A C   1 
ATOM   1290 O O   . MET A 1 176 ? 14.262  -4.726  3.353   1.00 12.79 ? 176 MET A O   1 
ATOM   1291 C CB  . MET A 1 176 ? 13.637  -5.061  6.177   1.00 12.87 ? 176 MET A CB  1 
ATOM   1292 C CG  . MET A 1 176 ? 13.423  -4.918  7.652   1.00 13.38 ? 176 MET A CG  1 
ATOM   1293 S SD  . MET A 1 176 ? 12.215  -6.122  8.221   1.00 12.97 ? 176 MET A SD  1 
ATOM   1294 C CE  . MET A 1 176 ? 11.839  -5.405  9.817   1.00 13.96 ? 176 MET A CE  1 
ATOM   1295 N N   . ARG A 1 177 ? 16.291  -5.477  3.996   1.00 12.62 ? 177 ARG A N   1 
ATOM   1296 C CA  . ARG A 1 177 ? 16.551  -6.174  2.738   1.00 13.02 ? 177 ARG A CA  1 
ATOM   1297 C C   . ARG A 1 177 ? 15.954  -7.583  2.786   1.00 12.63 ? 177 ARG A C   1 
ATOM   1298 O O   . ARG A 1 177 ? 15.251  -7.920  3.745   1.00 12.29 ? 177 ARG A O   1 
ATOM   1299 C CB  . ARG A 1 177 ? 18.048  -6.139  2.395   1.00 13.32 ? 177 ARG A CB  1 
ATOM   1300 C CG  . ARG A 1 177 ? 18.474  -4.708  2.054   1.00 15.71 ? 177 ARG A CG  1 
ATOM   1301 C CD  . ARG A 1 177 ? 19.964  -4.505  1.888   1.00 19.91 ? 177 ARG A CD  1 
ATOM   1302 N NE  . ARG A 1 177 ? 20.278  -3.087  2.064   1.00 22.45 ? 177 ARG A NE  1 
ATOM   1303 C CZ  . ARG A 1 177 ? 20.213  -2.163  1.108   1.00 24.29 ? 177 ARG A CZ  1 
ATOM   1304 N NH1 . ARG A 1 177 ? 19.870  -2.489  -0.135  1.00 23.78 ? 177 ARG A NH1 1 
ATOM   1305 N NH2 . ARG A 1 177 ? 20.509  -0.901  1.394   1.00 25.95 ? 177 ARG A NH2 1 
ATOM   1306 N N   . LEU A 1 178 ? 16.197  -8.395  1.759   1.00 12.35 ? 178 LEU A N   1 
ATOM   1307 C CA  . LEU A 1 178 ? 15.479  -9.670  1.636   1.00 12.01 ? 178 LEU A CA  1 
ATOM   1308 C C   . LEU A 1 178 ? 15.596  -10.580 2.861   1.00 12.25 ? 178 LEU A C   1 
ATOM   1309 O O   . LEU A 1 178 ? 14.586  -11.079 3.358   1.00 11.58 ? 178 LEU A O   1 
ATOM   1310 C CB  . LEU A 1 178 ? 15.868  -10.431 0.355   1.00 11.97 ? 178 LEU A CB  1 
ATOM   1311 C CG  . LEU A 1 178 ? 15.101  -11.738 0.104   1.00 12.30 ? 178 LEU A CG  1 
ATOM   1312 C CD1 . LEU A 1 178 ? 13.607  -11.465 -0.117  1.00 12.96 ? 178 LEU A CD1 1 
ATOM   1313 C CD2 . LEU A 1 178 ? 15.677  -12.505 -1.063  1.00 12.15 ? 178 LEU A CD2 1 
ATOM   1314 N N   . ASP A 1 179 ? 16.816  -10.803 3.346   1.00 12.40 ? 179 ASP A N   1 
ATOM   1315 C CA  . ASP A 1 179 ? 16.998  -11.725 4.470   1.00 13.14 ? 179 ASP A CA  1 
ATOM   1316 C C   . ASP A 1 179 ? 16.148  -11.318 5.668   1.00 12.57 ? 179 ASP A C   1 
ATOM   1317 O O   . ASP A 1 179 ? 15.456  -12.156 6.257   1.00 12.68 ? 179 ASP A O   1 
ATOM   1318 C CB  . ASP A 1 179 ? 18.468  -11.842 4.863   1.00 13.60 ? 179 ASP A CB  1 
ATOM   1319 C CG  . ASP A 1 179 ? 19.281  -12.644 3.861   1.00 16.45 ? 179 ASP A CG  1 
ATOM   1320 O OD1 . ASP A 1 179 ? 20.515  -12.746 4.050   1.00 18.89 ? 179 ASP A OD1 1 
ATOM   1321 O OD2 . ASP A 1 179 ? 18.697  -13.180 2.895   1.00 19.75 ? 179 ASP A OD2 1 
ATOM   1322 N N   . ASP A 1 180 ? 16.182  -10.033 6.012   1.00 12.20 ? 180 ASP A N   1 
ATOM   1323 C CA  . ASP A 1 180 ? 15.381  -9.535  7.133   1.00 12.29 ? 180 ASP A CA  1 
ATOM   1324 C C   . ASP A 1 180 ? 13.884  -9.620  6.843   1.00 11.90 ? 180 ASP A C   1 
ATOM   1325 O O   . ASP A 1 180 ? 13.094  -9.872  7.748   1.00 11.58 ? 180 ASP A O   1 
ATOM   1326 C CB  . ASP A 1 180 ? 15.779  -8.109  7.520   1.00 12.74 ? 180 ASP A CB  1 
ATOM   1327 C CG  . ASP A 1 180 ? 17.064  -8.059  8.347   1.00 14.14 ? 180 ASP A CG  1 
ATOM   1328 O OD1 . ASP A 1 180 ? 17.690  -6.987  8.384   1.00 15.79 ? 180 ASP A OD1 1 
ATOM   1329 O OD2 . ASP A 1 180 ? 17.455  -9.078  8.968   1.00 17.15 ? 180 ASP A OD2 1 
ATOM   1330 N N   . CYS A 1 181 ? 13.495  -9.427  5.585   1.00 11.69 ? 181 CYS A N   1 
ATOM   1331 C CA  . CYS A 1 181 ? 12.082  -9.545  5.212   1.00 11.36 ? 181 CYS A CA  1 
ATOM   1332 C C   . CYS A 1 181 ? 11.587  -10.978 5.370   1.00 11.74 ? 181 CYS A C   1 
ATOM   1333 O O   . CYS A 1 181 ? 10.464  -11.198 5.815   1.00 12.24 ? 181 CYS A O   1 
ATOM   1334 C CB  . CYS A 1 181 ? 11.839  -9.064  3.781   1.00 11.55 ? 181 CYS A CB  1 
ATOM   1335 S SG  . CYS A 1 181 ? 11.934  -7.280  3.571   1.00 11.12 ? 181 CYS A SG  1 
ATOM   1336 N N   . ILE A 1 182 ? 12.430  -11.944 5.002   1.00 11.61 ? 182 ILE A N   1 
ATOM   1337 C CA  . ILE A 1 182 ? 12.122  -13.365 5.191   1.00 12.19 ? 182 ILE A CA  1 
ATOM   1338 C C   . ILE A 1 182 ? 11.921  -13.673 6.671   1.00 12.40 ? 182 ILE A C   1 
ATOM   1339 O O   . ILE A 1 182 ? 10.997  -14.397 7.046   1.00 12.31 ? 182 ILE A O   1 
ATOM   1340 C CB  . ILE A 1 182 ? 13.242  -14.279 4.600   1.00 12.08 ? 182 ILE A CB  1 
ATOM   1341 C CG1 . ILE A 1 182 ? 13.328  -14.111 3.075   1.00 12.79 ? 182 ILE A CG1 1 
ATOM   1342 C CG2 . ILE A 1 182 ? 13.031  -15.759 4.997   1.00 13.58 ? 182 ILE A CG2 1 
ATOM   1343 C CD1 A ILE A 1 182 ? 14.558  -14.760 2.436   0.50 11.68 ? 182 ILE A CD1 1 
ATOM   1344 C CD1 B ILE A 1 182 ? 11.998  -14.247 2.356   0.50 13.60 ? 182 ILE A CD1 1 
ATOM   1345 N N   . GLN A 1 183 ? 12.793  -13.119 7.506   1.00 12.82 ? 183 GLN A N   1 
ATOM   1346 C CA  . GLN A 1 183 ? 12.696  -13.284 8.958   1.00 13.89 ? 183 GLN A CA  1 
ATOM   1347 C C   . GLN A 1 183 ? 11.409  -12.652 9.495   1.00 13.28 ? 183 GLN A C   1 
ATOM   1348 O O   . GLN A 1 183 ? 10.726  -13.234 10.347  1.00 13.11 ? 183 GLN A O   1 
ATOM   1349 C CB  . GLN A 1 183 ? 13.926  -12.662 9.624   1.00 13.85 ? 183 GLN A CB  1 
ATOM   1350 C CG  . GLN A 1 183 ? 14.005  -12.819 11.142  1.00 16.08 ? 183 GLN A CG  1 
ATOM   1351 C CD  . GLN A 1 183 ? 15.221  -12.115 11.738  1.00 16.62 ? 183 GLN A CD  1 
ATOM   1352 O OE1 . GLN A 1 183 ? 16.015  -12.727 12.456  1.00 21.87 ? 183 GLN A OE1 1 
ATOM   1353 N NE2 . GLN A 1 183 ? 15.376  -10.825 11.436  1.00 18.75 ? 183 GLN A NE2 1 
ATOM   1354 N N   . PHE A 1 184 ? 11.084  -11.468 8.984   1.00 12.95 ? 184 PHE A N   1 
ATOM   1355 C CA  . PHE A 1 184 ? 9.886   -10.735 9.401   1.00 12.90 ? 184 PHE A CA  1 
ATOM   1356 C C   . PHE A 1 184 ? 8.616   -11.496 9.012   1.00 13.12 ? 184 PHE A C   1 
ATOM   1357 O O   . PHE A 1 184 ? 7.673   -11.620 9.808   1.00 13.18 ? 184 PHE A O   1 
ATOM   1358 C CB  . PHE A 1 184 ? 9.886   -9.328  8.790   1.00 12.54 ? 184 PHE A CB  1 
ATOM   1359 C CG  . PHE A 1 184 ? 8.824   -8.426  9.343   1.00 11.86 ? 184 PHE A CG  1 
ATOM   1360 C CD1 . PHE A 1 184 ? 9.066   -7.665  10.488  1.00 12.28 ? 184 PHE A CD1 1 
ATOM   1361 C CD2 . PHE A 1 184 ? 7.585   -8.322  8.713   1.00 11.52 ? 184 PHE A CD2 1 
ATOM   1362 C CE1 . PHE A 1 184 ? 8.086   -6.826  11.000  1.00 12.80 ? 184 PHE A CE1 1 
ATOM   1363 C CE2 . PHE A 1 184 ? 6.594   -7.487  9.218   1.00 12.01 ? 184 PHE A CE2 1 
ATOM   1364 C CZ  . PHE A 1 184 ? 6.845   -6.738  10.362  1.00 11.89 ? 184 PHE A CZ  1 
ATOM   1365 N N   . GLY A 1 185 ? 8.608   -12.023 7.790   1.00 13.53 ? 185 GLY A N   1 
ATOM   1366 C CA  . GLY A 1 185 ? 7.491   -12.830 7.302   1.00 14.26 ? 185 GLY A CA  1 
ATOM   1367 C C   . GLY A 1 185 ? 7.259   -14.086 8.118   1.00 14.65 ? 185 GLY A C   1 
ATOM   1368 O O   . GLY A 1 185 ? 6.116   -14.453 8.397   1.00 14.73 ? 185 GLY A O   1 
ATOM   1369 N N   . LYS A 1 186 ? 8.348   -14.754 8.489   1.00 15.00 ? 186 LYS A N   1 
ATOM   1370 C CA  . LYS A 1 186 ? 8.286   -15.953 9.327   1.00 15.63 ? 186 LYS A CA  1 
ATOM   1371 C C   . LYS A 1 186 ? 7.772   -15.623 10.731  1.00 15.51 ? 186 LYS A C   1 
ATOM   1372 O O   . LYS A 1 186 ? 6.901   -16.317 11.259  1.00 15.66 ? 186 LYS A O   1 
ATOM   1373 C CB  . LYS A 1 186 ? 9.664   -16.608 9.418   1.00 15.98 ? 186 LYS A CB  1 
ATOM   1374 C CG  . LYS A 1 186 ? 10.141  -17.299 8.155   1.00 18.53 ? 186 LYS A CG  1 
ATOM   1375 C CD  . LYS A 1 186 ? 11.651  -17.533 8.244   1.00 21.59 ? 186 LYS A CD  1 
ATOM   1376 C CE  . LYS A 1 186 ? 12.141  -18.619 7.301   1.00 24.43 ? 186 LYS A CE  1 
ATOM   1377 N NZ  . LYS A 1 186 ? 13.640  -18.692 7.322   1.00 25.73 ? 186 LYS A NZ  1 
ATOM   1378 N N   . LYS A 1 187 ? 8.303   -14.553 11.321  1.00 15.75 ? 187 LYS A N   1 
ATOM   1379 C CA  . LYS A 1 187 ? 7.930   -14.140 12.676  1.00 16.35 ? 187 LYS A CA  1 
ATOM   1380 C C   . LYS A 1 187 ? 6.455   -13.747 12.765  1.00 15.74 ? 187 LYS A C   1 
ATOM   1381 O O   . LYS A 1 187 ? 5.773   -14.079 13.738  1.00 15.78 ? 187 LYS A O   1 
ATOM   1382 C CB  . LYS A 1 187 ? 8.817   -12.984 13.153  1.00 16.45 ? 187 LYS A CB  1 
ATOM   1383 C CG  . LYS A 1 187 ? 8.638   -12.618 14.624  1.00 17.95 ? 187 LYS A CG  1 
ATOM   1384 C CD  . LYS A 1 187 ? 9.568   -11.489 15.051  1.00 18.57 ? 187 LYS A CD  1 
ATOM   1385 C CE  . LYS A 1 187 ? 9.443   -11.190 16.543  1.00 23.28 ? 187 LYS A CE  1 
ATOM   1386 N NZ  . LYS A 1 187 ? 8.083   -10.712 16.934  1.00 25.34 ? 187 LYS A NZ  1 
ATOM   1387 N N   . HIS A 1 188 ? 5.966   -13.052 11.742  1.00 15.22 ? 188 HIS A N   1 
ATOM   1388 C CA  . HIS A 1 188 ? 4.619   -12.481 11.784  1.00 14.77 ? 188 HIS A CA  1 
ATOM   1389 C C   . HIS A 1 188 ? 3.582   -13.204 10.919  1.00 14.68 ? 188 HIS A C   1 
ATOM   1390 O O   . HIS A 1 188 ? 2.412   -12.805 10.883  1.00 15.11 ? 188 HIS A O   1 
ATOM   1391 C CB  . HIS A 1 188 ? 4.680   -10.994 11.429  1.00 15.05 ? 188 HIS A CB  1 
ATOM   1392 C CG  . HIS A 1 188 ? 5.382   -10.166 12.460  1.00 14.57 ? 188 HIS A CG  1 
ATOM   1393 N ND1 . HIS A 1 188 ? 6.668   -9.702  12.292  1.00 15.76 ? 188 HIS A ND1 1 
ATOM   1394 C CD2 . HIS A 1 188 ? 4.985   -9.743  13.683  1.00 13.48 ? 188 HIS A CD2 1 
ATOM   1395 C CE1 . HIS A 1 188 ? 7.029   -9.016  13.363  1.00 13.96 ? 188 HIS A CE1 1 
ATOM   1396 N NE2 . HIS A 1 188 ? 6.026   -9.029  14.222  1.00 15.82 ? 188 HIS A NE2 1 
ATOM   1397 N N   . GLY A 1 189 ? 4.013   -14.261 10.238  1.00 14.16 ? 189 GLY A N   1 
ATOM   1398 C CA  . GLY A 1 189 ? 3.132   -15.056 9.383   1.00 13.68 ? 189 GLY A CA  1 
ATOM   1399 C C   . GLY A 1 189 ? 2.600   -14.266 8.204   1.00 13.07 ? 189 GLY A C   1 
ATOM   1400 O O   . GLY A 1 189 ? 1.401   -14.306 7.906   1.00 13.38 ? 189 GLY A O   1 
ATOM   1401 N N   . ILE A 1 190 ? 3.506   -13.557 7.531   1.00 12.36 ? 190 ILE A N   1 
ATOM   1402 C CA  . ILE A 1 190 ? 3.168   -12.752 6.355   1.00 11.61 ? 190 ILE A CA  1 
ATOM   1403 C C   . ILE A 1 190 ? 3.903   -13.302 5.125   1.00 11.42 ? 190 ILE A C   1 
ATOM   1404 O O   . ILE A 1 190 ? 5.118   -13.503 5.169   1.00 11.50 ? 190 ILE A O   1 
ATOM   1405 C CB  . ILE A 1 190 ? 3.516   -11.258 6.589   1.00 11.55 ? 190 ILE A CB  1 
ATOM   1406 C CG1 . ILE A 1 190 ? 2.717   -10.708 7.783   1.00 11.33 ? 190 ILE A CG1 1 
ATOM   1407 C CG2 . ILE A 1 190 ? 3.262   -10.439 5.321   1.00 12.16 ? 190 ILE A CG2 1 
ATOM   1408 C CD1 . ILE A 1 190 ? 3.199   -9.353  8.309   1.00 12.01 ? 190 ILE A CD1 1 
ATOM   1409 N N   . LYS A 1 191 ? 3.155   -13.554 4.049   1.00 11.13 ? 191 LYS A N   1 
ATOM   1410 C CA  . LYS A 1 191 ? 3.706   -14.087 2.798   1.00 11.04 ? 191 LYS A CA  1 
ATOM   1411 C C   . LYS A 1 191 ? 4.512   -13.022 2.052   1.00 10.72 ? 191 LYS A C   1 
ATOM   1412 O O   . LYS A 1 191 ? 4.246   -11.828 2.194   1.00 10.70 ? 191 LYS A O   1 
ATOM   1413 C CB  . LYS A 1 191 ? 2.588   -14.614 1.897   1.00 11.25 ? 191 LYS A CB  1 
ATOM   1414 C CG  . LYS A 1 191 ? 1.869   -15.861 2.439   1.00 11.79 ? 191 LYS A CG  1 
ATOM   1415 C CD  . LYS A 1 191 ? 0.502   -16.014 1.773   1.00 13.38 ? 191 LYS A CD  1 
ATOM   1416 C CE  . LYS A 1 191 ? -0.022  -17.440 1.829   1.00 15.35 ? 191 LYS A CE  1 
ATOM   1417 N NZ  . LYS A 1 191 ? -0.121  -17.989 3.219   1.00 16.89 ? 191 LYS A NZ  1 
ATOM   1418 N N   . ILE A 1 192 ? 5.479   -13.470 1.252   1.00 10.42 ? 192 ILE A N   1 
ATOM   1419 C CA  . ILE A 1 192 ? 6.342   -12.574 0.477   1.00 10.59 ? 192 ILE A CA  1 
ATOM   1420 C C   . ILE A 1 192 ? 6.183   -12.872 -1.000  1.00 10.39 ? 192 ILE A C   1 
ATOM   1421 O O   . ILE A 1 192 ? 6.141   -14.042 -1.413  1.00 10.59 ? 192 ILE A O   1 
ATOM   1422 C CB  . ILE A 1 192 ? 7.858   -12.757 0.815   1.00 10.84 ? 192 ILE A CB  1 
ATOM   1423 C CG1 . ILE A 1 192 ? 8.087   -13.145 2.287   1.00 12.44 ? 192 ILE A CG1 1 
ATOM   1424 C CG2 . ILE A 1 192 ? 8.683   -11.553 0.345   1.00 11.10 ? 192 ILE A CG2 1 
ATOM   1425 C CD1 A ILE A 1 192 ? 9.535   -13.114 2.741   0.50 10.40 ? 192 ILE A CD1 1 
ATOM   1426 C CD1 B ILE A 1 192 ? 7.641   -12.167 3.310   0.50 13.41 ? 192 ILE A CD1 1 
ATOM   1427 N N   . ILE A 1 193 ? 6.066   -11.812 -1.786  1.00 9.83  ? 193 ILE A N   1 
ATOM   1428 C CA  . ILE A 1 193 ? 6.049   -11.920 -3.247  1.00 9.49  ? 193 ILE A CA  1 
ATOM   1429 C C   . ILE A 1 193 ? 7.000   -10.888 -3.833  1.00 9.68  ? 193 ILE A C   1 
ATOM   1430 O O   . ILE A 1 193 ? 7.539   -10.050 -3.105  1.00 9.55  ? 193 ILE A O   1 
ATOM   1431 C CB  . ILE A 1 193 ? 4.633   -11.703 -3.847  1.00 9.39  ? 193 ILE A CB  1 
ATOM   1432 C CG1 . ILE A 1 193 ? 4.107   -10.294 -3.526  1.00 9.47  ? 193 ILE A CG1 1 
ATOM   1433 C CG2 . ILE A 1 193 ? 3.658   -12.774 -3.357  1.00 8.72  ? 193 ILE A CG2 1 
ATOM   1434 C CD1 . ILE A 1 193 ? 2.958   -9.848  -4.416  1.00 8.91  ? 193 ILE A CD1 1 
ATOM   1435 N N   . ASN A 1 194 ? 7.222   -10.955 -5.144  1.00 9.75  ? 194 ASN A N   1 
ATOM   1436 C CA  . ASN A 1 194 ? 7.978   -9.901  -5.815  1.00 10.25 ? 194 ASN A CA  1 
ATOM   1437 C C   . ASN A 1 194 ? 7.282   -9.418  -7.085  1.00 10.69 ? 194 ASN A C   1 
ATOM   1438 O O   . ASN A 1 194 ? 6.444   -10.122 -7.651  1.00 10.88 ? 194 ASN A O   1 
ATOM   1439 C CB  . ASN A 1 194 ? 9.454   -10.297 -6.041  1.00 10.50 ? 194 ASN A CB  1 
ATOM   1440 C CG  . ASN A 1 194 ? 9.620   -11.493 -6.961  1.00 10.22 ? 194 ASN A CG  1 
ATOM   1441 O OD1 . ASN A 1 194 ? 9.929   -12.608 -6.511  1.00 12.29 ? 194 ASN A OD1 1 
ATOM   1442 N ND2 . ASN A 1 194 ? 9.440   -11.271 -8.254  1.00 10.28 ? 194 ASN A ND2 1 
ATOM   1443 N N   . ILE A 1 195 ? 7.605   -8.197  -7.499  1.00 11.15 ? 195 ILE A N   1 
ATOM   1444 C CA  . ILE A 1 195 ? 6.925   -7.566  -8.625  1.00 11.81 ? 195 ILE A CA  1 
ATOM   1445 C C   . ILE A 1 195 ? 7.128   -8.314  -9.947  1.00 12.69 ? 195 ILE A C   1 
ATOM   1446 O O   . ILE A 1 195 ? 6.187   -8.449  -10.730 1.00 12.51 ? 195 ILE A O   1 
ATOM   1447 C CB  . ILE A 1 195 ? 7.273   -6.052  -8.721  1.00 11.96 ? 195 ILE A CB  1 
ATOM   1448 C CG1 . ILE A 1 195 ? 6.720   -5.324  -7.484  1.00 12.16 ? 195 ILE A CG1 1 
ATOM   1449 C CG2 . ILE A 1 195 ? 6.736   -5.438  -10.015 1.00 11.52 ? 195 ILE A CG2 1 
ATOM   1450 C CD1 A ILE A 1 195 ? 7.190   -3.896  -7.318  0.50 11.28 ? 195 ILE A CD1 1 
ATOM   1451 C CD1 B ILE A 1 195 ? 5.271   -5.640  -7.186  0.50 14.15 ? 195 ILE A CD1 1 
ATOM   1452 N N   . ASN A 1 196 ? 8.339   -8.818  -10.181 1.00 13.29 ? 196 ASN A N   1 
ATOM   1453 C CA  . ASN A 1 196 ? 8.609   -9.640  -11.369 1.00 14.68 ? 196 ASN A CA  1 
ATOM   1454 C C   . ASN A 1 196 ? 7.668   -10.835 -11.464 1.00 15.14 ? 196 ASN A C   1 
ATOM   1455 O O   . ASN A 1 196 ? 7.203   -11.203 -12.544 1.00 14.93 ? 196 ASN A O   1 
ATOM   1456 C CB  . ASN A 1 196 ? 10.062  -10.128 -11.373 1.00 14.97 ? 196 ASN A CB  1 
ATOM   1457 C CG  A ASN A 1 196 ? 11.022  -9.118  -11.977 0.50 15.38 ? 196 ASN A CG  1 
ATOM   1458 C CG  B ASN A 1 196 ? 10.510  -10.619 -12.739 0.50 15.56 ? 196 ASN A CG  1 
ATOM   1459 O OD1 A ASN A 1 196 ? 10.686  -7.949  -12.167 0.50 17.59 ? 196 ASN A OD1 1 
ATOM   1460 O OD1 B ASN A 1 196 ? 10.502  -9.868  -13.716 0.50 16.59 ? 196 ASN A OD1 1 
ATOM   1461 N ND2 A ASN A 1 196 ? 12.230  -9.573  -12.286 0.50 17.05 ? 196 ASN A ND2 1 
ATOM   1462 N ND2 B ASN A 1 196 ? 10.904  -11.885 -12.812 0.50 16.06 ? 196 ASN A ND2 1 
ATOM   1463 N N   . GLN A 1 197 ? 7.399   -11.433 -10.308 1.00 15.47 ? 197 GLN A N   1 
ATOM   1464 C CA  . GLN A 1 197 ? 6.462   -12.536 -10.168 1.00 15.56 ? 197 GLN A CA  1 
ATOM   1465 C C   . GLN A 1 197 ? 5.068   -12.126 -10.628 1.00 15.50 ? 197 GLN A C   1 
ATOM   1466 O O   . GLN A 1 197 ? 4.395   -12.862 -11.356 1.00 15.74 ? 197 GLN A O   1 
ATOM   1467 C CB  . GLN A 1 197 ? 6.403   -12.890 -8.696  1.00 16.23 ? 197 GLN A CB  1 
ATOM   1468 C CG  . GLN A 1 197 ? 6.337   -14.325 -8.381  1.00 15.35 ? 197 GLN A CG  1 
ATOM   1469 C CD  . GLN A 1 197 ? 6.114   -14.535 -6.900  1.00 14.01 ? 197 GLN A CD  1 
ATOM   1470 O OE1 . GLN A 1 197 ? 6.386   -13.649 -6.081  1.00 12.92 ? 197 GLN A OE1 1 
ATOM   1471 N NE2 . GLN A 1 197 ? 5.601   -15.697 -6.550  1.00 13.56 ? 197 GLN A NE2 1 
ATOM   1472 N N   . LEU A 1 198 ? 4.639   -10.946 -10.188 1.00 14.91 ? 198 LEU A N   1 
ATOM   1473 C CA  . LEU A 1 198 ? 3.330   -10.406 -10.501 1.00 14.98 ? 198 LEU A CA  1 
ATOM   1474 C C   . LEU A 1 198 ? 3.238   -10.081 -11.991 1.00 14.54 ? 198 LEU A C   1 
ATOM   1475 O O   . LEU A 1 198 ? 2.239   -10.385 -12.639 1.00 14.09 ? 198 LEU A O   1 
ATOM   1476 C CB  . LEU A 1 198 ? 3.091   -9.157  -9.647  1.00 15.25 ? 198 LEU A CB  1 
ATOM   1477 C CG  . LEU A 1 198 ? 1.743   -8.769  -9.029  1.00 16.55 ? 198 LEU A CG  1 
ATOM   1478 C CD1 . LEU A 1 198 ? 0.934   -9.957  -8.516  1.00 16.87 ? 198 LEU A CD1 1 
ATOM   1479 C CD2 . LEU A 1 198 ? 2.008   -7.772  -7.901  1.00 15.61 ? 198 LEU A CD2 1 
ATOM   1480 N N   . VAL A 1 199 ? 4.292   -9.482  -12.539 1.00 13.85 ? 199 VAL A N   1 
ATOM   1481 C CA  . VAL A 1 199 ? 4.309   -9.187  -13.973 1.00 14.08 ? 199 VAL A CA  1 
ATOM   1482 C C   . VAL A 1 199 ? 4.166   -10.476 -14.788 1.00 14.54 ? 199 VAL A C   1 
ATOM   1483 O O   . VAL A 1 199 ? 3.371   -10.536 -15.734 1.00 14.50 ? 199 VAL A O   1 
ATOM   1484 C CB  . VAL A 1 199 ? 5.578   -8.410  -14.397 1.00 13.60 ? 199 VAL A CB  1 
ATOM   1485 C CG1 . VAL A 1 199 ? 5.648   -8.281  -15.922 1.00 14.18 ? 199 VAL A CG1 1 
ATOM   1486 C CG2 . VAL A 1 199 ? 5.598   -7.035  -13.748 1.00 13.29 ? 199 VAL A CG2 1 
ATOM   1487 N N   . GLU A 1 200 ? 4.920   -11.507 -14.410 1.00 15.11 ? 200 GLU A N   1 
ATOM   1488 C CA  . GLU A 1 200 ? 4.854   -12.797 -15.105 1.00 16.58 ? 200 GLU A CA  1 
ATOM   1489 C C   . GLU A 1 200 ? 3.426   -13.359 -15.100 1.00 16.15 ? 200 GLU A C   1 
ATOM   1490 O O   . GLU A 1 200 ? 2.934   -13.847 -16.123 1.00 16.12 ? 200 GLU A O   1 
ATOM   1491 C CB  . GLU A 1 200 ? 5.864   -13.791 -14.511 1.00 16.12 ? 200 GLU A CB  1 
ATOM   1492 C CG  . GLU A 1 200 ? 7.315   -13.485 -14.918 1.00 18.45 ? 200 GLU A CG  1 
ATOM   1493 C CD  . GLU A 1 200 ? 8.380   -14.180 -14.069 1.00 19.44 ? 200 GLU A CD  1 
ATOM   1494 O OE1 . GLU A 1 200 ? 8.047   -14.900 -13.098 1.00 24.02 ? 200 GLU A OE1 1 
ATOM   1495 O OE2 . GLU A 1 200 ? 9.579   -13.992 -14.379 1.00 23.20 ? 200 GLU A OE2 1 
ATOM   1496 N N   . TYR A 1 201 ? 2.754   -13.241 -13.958 1.00 16.16 ? 201 TYR A N   1 
ATOM   1497 C CA  . TYR A 1 201 ? 1.389   -13.748 -13.804 1.00 16.09 ? 201 TYR A CA  1 
ATOM   1498 C C   . TYR A 1 201 ? 0.385   -13.043 -14.718 1.00 16.26 ? 201 TYR A C   1 
ATOM   1499 O O   . TYR A 1 201 ? -0.449  -13.700 -15.350 1.00 16.35 ? 201 TYR A O   1 
ATOM   1500 C CB  . TYR A 1 201 ? 0.939   -13.652 -12.341 1.00 16.10 ? 201 TYR A CB  1 
ATOM   1501 C CG  . TYR A 1 201 ? -0.429  -14.255 -12.085 1.00 15.41 ? 201 TYR A CG  1 
ATOM   1502 C CD1 . TYR A 1 201 ? -0.586  -15.631 -11.934 1.00 15.49 ? 201 TYR A CD1 1 
ATOM   1503 C CD2 . TYR A 1 201 ? -1.567  -13.446 -12.008 1.00 15.03 ? 201 TYR A CD2 1 
ATOM   1504 C CE1 . TYR A 1 201 ? -1.839  -16.189 -11.716 1.00 14.97 ? 201 TYR A CE1 1 
ATOM   1505 C CE2 . TYR A 1 201 ? -2.830  -13.995 -11.788 1.00 14.86 ? 201 TYR A CE2 1 
ATOM   1506 C CZ  . TYR A 1 201 ? -2.958  -15.369 -11.646 1.00 15.46 ? 201 TYR A CZ  1 
ATOM   1507 O OH  . TYR A 1 201 ? -4.199  -15.922 -11.429 1.00 15.49 ? 201 TYR A OH  1 
ATOM   1508 N N   . ILE A 1 202 ? 0.461   -11.713 -14.794 1.00 16.34 ? 202 ILE A N   1 
ATOM   1509 C CA  . ILE A 1 202 ? -0.499  -10.941 -15.590 1.00 16.81 ? 202 ILE A CA  1 
ATOM   1510 C C   . ILE A 1 202 ? -0.157  -10.909 -17.077 1.00 17.70 ? 202 ILE A C   1 
ATOM   1511 O O   . ILE A 1 202 ? -0.963  -10.453 -17.879 1.00 18.01 ? 202 ILE A O   1 
ATOM   1512 C CB  . ILE A 1 202 ? -0.675  -9.483  -15.068 1.00 16.68 ? 202 ILE A CB  1 
ATOM   1513 C CG1 . ILE A 1 202 ? 0.637   -8.693  -15.193 1.00 16.26 ? 202 ILE A CG1 1 
ATOM   1514 C CG2 . ILE A 1 202 ? -1.190  -9.484  -13.621 1.00 15.71 ? 202 ILE A CG2 1 
ATOM   1515 C CD1 . ILE A 1 202 ? 0.476   -7.183  -15.018 1.00 16.68 ? 202 ILE A CD1 1 
ATOM   1516 N N   . SER A 1 203 ? 1.034   -11.381 -17.435 1.00 18.78 ? 203 SER A N   1 
ATOM   1517 C CA  . SER A 1 203 ? 1.503   -11.313 -18.823 1.00 19.87 ? 203 SER A CA  1 
ATOM   1518 C C   . SER A 1 203 ? 1.350   -12.646 -19.552 1.00 20.66 ? 203 SER A C   1 
ATOM   1519 O O   . SER A 1 203 ? 0.865   -13.622 -18.981 1.00 21.46 ? 203 SER A O   1 
ATOM   1520 C CB  . SER A 1 203 ? 2.957   -10.827 -18.870 1.00 19.71 ? 203 SER A CB  1 
ATOM   1521 O OG  . SER A 1 203 ? 3.083   -9.566  -18.225 1.00 19.82 ? 203 SER A OG  1 
HETATM 1522 C C2  . 5RP B 2 .   ? 9.616   3.216   -2.971  1.00 34.28 ? 701 5RP A C2  1 
HETATM 1523 C C3  . 5RP B 2 .   ? 8.356   2.807   -2.245  1.00 33.27 ? 701 5RP A C3  1 
HETATM 1524 C C5  . 5RP B 2 .   ? 7.446   3.826   -1.609  1.00 31.91 ? 701 5RP A C5  1 
HETATM 1525 O O13 . 5RP B 2 .   ? 6.446   3.132   -0.851  1.00 32.94 ? 701 5RP A O13 1 
HETATM 1526 C C6  . 5RP B 2 .   ? 6.773   4.788   -2.600  1.00 28.79 ? 701 5RP A C6  1 
HETATM 1527 O O14 . 5RP B 2 .   ? 5.847   5.590   -1.858  1.00 29.79 ? 701 5RP A O14 1 
HETATM 1528 C C7  . 5RP B 2 .   ? 6.004   4.133   -3.749  1.00 26.05 ? 701 5RP A C7  1 
HETATM 1529 O O8  . 5RP B 2 .   ? 6.894   3.338   -4.525  1.00 22.53 ? 701 5RP A O8  1 
HETATM 1530 P P9  . 5RP B 2 .   ? 7.040   3.471   -6.117  1.00 18.62 ? 701 5RP A P9  1 
HETATM 1531 O O12 . 5RP B 2 .   ? 7.671   4.821   -6.366  1.00 19.01 ? 701 5RP A O12 1 
HETATM 1532 O O11 . 5RP B 2 .   ? 5.649   3.340   -6.695  1.00 18.84 ? 701 5RP A O11 1 
HETATM 1533 O O10 . 5RP B 2 .   ? 7.925   2.278   -6.390  1.00 18.67 ? 701 5RP A O10 1 
HETATM 1534 O O4  . 5RP B 2 .   ? 8.079   1.624   -2.163  1.00 34.81 ? 701 5RP A O4  1 
HETATM 1535 O O1  . 5RP B 2 .   ? 10.631  2.249   -2.673  1.00 34.98 ? 701 5RP A O1  1 
HETATM 1536 O O   . HOH C 3 .   ? -2.929  6.083   17.271  1.00 10.03 ? 702 HOH A O   1 
HETATM 1537 O O   . HOH C 3 .   ? 12.179  -1.444  3.302   1.00 11.73 ? 703 HOH A O   1 
HETATM 1538 O O   . HOH C 3 .   ? -5.439  4.976   16.923  1.00 11.12 ? 704 HOH A O   1 
HETATM 1539 O O   . HOH C 3 .   ? 20.957  2.589   1.898   1.00 36.22 ? 705 HOH A O   1 
HETATM 1540 O O   . HOH C 3 .   ? 0.961   8.693   6.352   1.00 9.29  ? 706 HOH A O   1 
HETATM 1541 O O   . HOH C 3 .   ? 14.531  4.684   9.764   1.00 11.06 ? 707 HOH A O   1 
HETATM 1542 O O   . HOH C 3 .   ? 14.043  -9.577  -3.074  1.00 10.74 ? 708 HOH A O   1 
HETATM 1543 O O   . HOH C 3 .   ? 6.448   -16.314 1.115   1.00 12.06 ? 709 HOH A O   1 
HETATM 1544 O O   . HOH C 3 .   ? -9.450  2.983   -11.795 1.00 12.58 ? 710 HOH A O   1 
HETATM 1545 O O   . HOH C 3 .   ? 0.424   -12.747 3.944   1.00 13.57 ? 711 HOH A O   1 
HETATM 1546 O O   . HOH C 3 .   ? -8.651  3.501   -14.296 1.00 12.90 ? 712 HOH A O   1 
HETATM 1547 O O   . HOH C 3 .   ? -5.128  -7.018  2.185   1.00 11.38 ? 713 HOH A O   1 
HETATM 1548 O O   . HOH C 3 .   ? 25.720  -4.504  -5.050  1.00 11.55 ? 714 HOH A O   1 
HETATM 1549 O O   . HOH C 3 .   ? 13.824  4.027   12.428  1.00 11.09 ? 715 HOH A O   1 
HETATM 1550 O O   . HOH C 3 .   ? 19.282  -9.539  2.274   1.00 14.49 ? 716 HOH A O   1 
HETATM 1551 O O   . HOH C 3 .   ? -9.001  -1.617  -1.415  1.00 13.25 ? 717 HOH A O   1 
HETATM 1552 O O   . HOH C 3 .   ? -5.170  9.523   -16.264 1.00 16.69 ? 718 HOH A O   1 
HETATM 1553 O O   . HOH C 3 .   ? 22.121  -6.155  -5.955  1.00 17.13 ? 719 HOH A O   1 
HETATM 1554 O O   . HOH C 3 .   ? -13.710 1.106   1.851   1.00 15.38 ? 720 HOH A O   1 
HETATM 1555 O O   . HOH C 3 .   ? 7.082   3.105   15.565  1.00 19.79 ? 721 HOH A O   1 
HETATM 1556 O O   . HOH C 3 .   ? -5.879  10.504  8.296   1.00 10.81 ? 722 HOH A O   1 
HETATM 1557 O O   . HOH C 3 .   ? 0.747   9.064   -11.926 1.00 15.51 ? 723 HOH A O   1 
HETATM 1558 O O   . HOH C 3 .   ? -0.233  -20.691 1.735   1.00 15.32 ? 724 HOH A O   1 
HETATM 1559 O O   . HOH C 3 .   ? 3.501   1.485   17.542  1.00 12.83 ? 725 HOH A O   1 
HETATM 1560 O O   . HOH C 3 .   ? -8.324  -1.728  -11.744 1.00 12.29 ? 726 HOH A O   1 
HETATM 1561 O O   . HOH C 3 .   ? -0.740  -12.533 7.524   1.00 14.48 ? 727 HOH A O   1 
HETATM 1562 O O   . HOH C 3 .   ? -0.931  -9.759  7.641   1.00 17.18 ? 728 HOH A O   1 
HETATM 1563 O O   . HOH C 3 .   ? -15.989 13.248  5.769   1.00 16.79 ? 729 HOH A O   1 
HETATM 1564 O O   . HOH C 3 .   ? -3.260  -21.819 -7.519  1.00 12.43 ? 730 HOH A O   1 
HETATM 1565 O O   . HOH C 3 .   ? 2.911   6.065   -10.302 1.00 11.86 ? 731 HOH A O   1 
HETATM 1566 O O   . HOH C 3 .   ? -1.381  -3.859  15.946  1.00 14.50 ? 732 HOH A O   1 
HETATM 1567 O O   . HOH C 3 .   ? 9.234   -15.697 5.083   1.00 14.89 ? 733 HOH A O   1 
HETATM 1568 O O   . HOH C 3 .   ? -7.772  8.501   16.945  1.00 14.85 ? 734 HOH A O   1 
HETATM 1569 O O   . HOH C 3 .   ? 0.737   12.172  -1.263  1.00 11.32 ? 735 HOH A O   1 
HETATM 1570 O O   . HOH C 3 .   ? -2.278  -4.062  -15.983 1.00 14.20 ? 736 HOH A O   1 
HETATM 1571 O O   . HOH C 3 .   ? 5.614   13.429  -0.499  1.00 14.51 ? 737 HOH A O   1 
HETATM 1572 O O   . HOH C 3 .   ? -15.684 6.030   4.724   1.00 19.89 ? 738 HOH A O   1 
HETATM 1573 O O   . HOH C 3 .   ? 26.194  -4.635  -0.742  1.00 18.49 ? 739 HOH A O   1 
HETATM 1574 O O   . HOH C 3 .   ? 0.167   6.671   13.613  1.00 13.60 ? 740 HOH A O   1 
HETATM 1575 O O   . HOH C 3 .   ? 12.131  -3.976  -3.665  1.00 17.29 ? 741 HOH A O   1 
HETATM 1576 O O   . HOH C 3 .   ? -10.181 3.133   11.714  1.00 12.52 ? 742 HOH A O   1 
HETATM 1577 O O   . HOH C 3 .   ? 18.220  -5.970  6.051   1.00 18.13 ? 743 HOH A O   1 
HETATM 1578 O O   . HOH C 3 .   ? 20.972  -11.302 -4.869  1.00 21.41 ? 744 HOH A O   1 
HETATM 1579 O O   . HOH C 3 .   ? -10.566 -0.419  12.390  1.00 14.48 ? 745 HOH A O   1 
HETATM 1580 O O   . HOH C 3 .   ? -7.599  -5.887  12.590  1.00 17.23 ? 746 HOH A O   1 
HETATM 1581 O O   . HOH C 3 .   ? 18.538  -8.504  5.096   1.00 15.36 ? 747 HOH A O   1 
HETATM 1582 O O   . HOH C 3 .   ? 10.785  -18.720 -3.991  1.00 15.26 ? 748 HOH A O   1 
HETATM 1583 O O   . HOH C 3 .   ? -3.633  -17.720 0.857   1.00 14.18 ? 749 HOH A O   1 
HETATM 1584 O O   . HOH C 3 .   ? -9.956  10.394  16.082  1.00 15.32 ? 750 HOH A O   1 
HETATM 1585 O O   . HOH C 3 .   ? 2.636   -18.815 3.866   1.00 22.66 ? 751 HOH A O   1 
HETATM 1586 O O   . HOH C 3 .   ? -14.144 4.254   -15.949 1.00 16.85 ? 752 HOH A O   1 
HETATM 1587 O O   . HOH C 3 .   ? -9.449  -6.367  7.702   1.00 16.13 ? 753 HOH A O   1 
HETATM 1588 O O   . HOH C 3 .   ? -2.829  -19.844 -13.204 1.00 21.52 ? 754 HOH A O   1 
HETATM 1589 O O   . HOH C 3 .   ? -6.316  -16.335 -6.097  1.00 14.31 ? 755 HOH A O   1 
HETATM 1590 O O   . HOH C 3 .   ? 4.170   -15.659 -11.211 1.00 14.71 ? 756 HOH A O   1 
HETATM 1591 O O   . HOH C 3 .   ? 3.803   6.545   -7.690  1.00 12.29 ? 757 HOH A O   1 
HETATM 1592 O O   . HOH C 3 .   ? 9.956   -16.828 2.852   1.00 20.11 ? 758 HOH A O   1 
HETATM 1593 O O   . HOH C 3 .   ? -4.201  10.485  19.013  1.00 18.13 ? 759 HOH A O   1 
HETATM 1594 O O   . HOH C 3 .   ? 11.326  0.093   13.424  1.00 24.03 ? 760 HOH A O   1 
HETATM 1595 O O   . HOH C 3 .   ? 13.360  -9.109  10.412  1.00 15.57 ? 761 HOH A O   1 
HETATM 1596 O O   . HOH C 3 .   ? 18.748  -11.097 -8.376  1.00 19.81 ? 762 HOH A O   1 
HETATM 1597 O O   . HOH C 3 .   ? 3.762   -19.487 0.726   1.00 15.71 ? 763 HOH A O   1 
HETATM 1598 O O   . HOH C 3 .   ? -14.565 1.877   6.236   1.00 29.07 ? 764 HOH A O   1 
HETATM 1599 O O   . HOH C 3 .   ? 19.098  1.230   -0.830  1.00 49.04 ? 765 HOH A O   1 
HETATM 1600 O O   . HOH C 3 .   ? -5.205  -6.536  -13.472 1.00 16.09 ? 766 HOH A O   1 
HETATM 1601 O O   . HOH C 3 .   ? 6.538   -15.811 5.392   1.00 14.35 ? 767 HOH A O   1 
HETATM 1602 O O   . HOH C 3 .   ? -2.811  -20.300 0.590   1.00 14.70 ? 768 HOH A O   1 
HETATM 1603 O O   . HOH C 3 .   ? -10.642 15.712  -1.941  1.00 18.68 ? 769 HOH A O   1 
HETATM 1604 O O   . HOH C 3 .   ? -5.484  12.061  -15.448 1.00 24.96 ? 770 HOH A O   1 
HETATM 1605 O O   . HOH C 3 .   ? -10.805 -2.651  14.172  1.00 19.69 ? 771 HOH A O   1 
HETATM 1606 O O   . HOH C 3 .   ? 18.868  4.202   0.904   1.00 35.89 ? 772 HOH A O   1 
HETATM 1607 O O   . HOH C 3 .   ? 5.248   15.752  13.342  1.00 46.22 ? 773 HOH A O   1 
HETATM 1608 O O   . HOH C 3 .   ? -17.059 7.265   2.605   1.00 19.18 ? 774 HOH A O   1 
HETATM 1609 O O   . HOH C 3 .   ? -2.776  -17.089 3.495   1.00 22.81 ? 775 HOH A O   1 
HETATM 1610 O O   . HOH C 3 .   ? -2.628  11.415  17.163  1.00 30.57 ? 776 HOH A O   1 
HETATM 1611 O O   . HOH C 3 .   ? 6.691   5.779   1.992   1.00 25.10 ? 777 HOH A O   1 
HETATM 1612 O O   . HOH C 3 .   ? 1.197   16.049  19.745  1.00 27.95 ? 778 HOH A O   1 
HETATM 1613 O O   . HOH C 3 .   ? 14.904  -11.697 -9.981  1.00 30.33 ? 779 HOH A O   1 
HETATM 1614 O O   . HOH C 3 .   ? 1.936   -1.151  17.515  1.00 20.22 ? 780 HOH A O   1 
HETATM 1615 O O   . HOH C 3 .   ? 11.974  -18.707 3.136   1.00 20.79 ? 781 HOH A O   1 
HETATM 1616 O O   . HOH C 3 .   ? -6.465  -14.765 -10.424 1.00 29.97 ? 782 HOH A O   1 
HETATM 1617 O O   . HOH C 3 .   ? -9.175  -15.367 0.780   1.00 21.47 ? 783 HOH A O   1 
HETATM 1618 O O   . HOH C 3 .   ? 13.835  -5.382  13.165  1.00 24.44 ? 784 HOH A O   1 
HETATM 1619 O O   . HOH C 3 .   ? -3.088  -7.220  7.511   1.00 20.07 ? 785 HOH A O   1 
HETATM 1620 O O   . HOH C 3 .   ? 6.321   -3.883  -16.981 1.00 19.34 ? 786 HOH A O   1 
HETATM 1621 O O   . HOH C 3 .   ? 0.330   4.785   -18.441 1.00 18.17 ? 787 HOH A O   1 
HETATM 1622 O O   . HOH C 3 .   ? -7.390  0.906   -11.690 1.00 13.82 ? 788 HOH A O   1 
HETATM 1623 O O   . HOH C 3 .   ? 1.406   -3.377  16.223  1.00 18.06 ? 789 HOH A O   1 
HETATM 1624 O O   . HOH C 3 .   ? 7.244   5.500   12.206  0.50 14.80 ? 790 HOH A O   1 
HETATM 1625 O O   . HOH C 3 .   ? -11.017 -2.018  -10.798 1.00 14.95 ? 791 HOH A O   1 
HETATM 1626 O O   . HOH C 3 .   ? 11.495  -9.648  12.311  1.00 24.10 ? 792 HOH A O   1 
HETATM 1627 O O   . HOH C 3 .   ? -5.915  -17.075 2.356   1.00 21.72 ? 793 HOH A O   1 
HETATM 1628 O O   . HOH C 3 .   ? 10.231  -15.165 -8.028  1.00 17.85 ? 794 HOH A O   1 
HETATM 1629 O O   . HOH C 3 .   ? -18.403 11.803  5.244   1.00 19.45 ? 795 HOH A O   1 
HETATM 1630 O O   . HOH C 3 .   ? 12.345  0.456   1.093   1.00 28.12 ? 796 HOH A O   1 
HETATM 1631 O O   . HOH C 3 .   ? 12.917  -11.080 14.248  1.00 30.98 ? 797 HOH A O   1 
HETATM 1632 O O   . HOH C 3 .   ? 11.372  3.792   -0.558  1.00 33.00 ? 798 HOH A O   1 
HETATM 1633 O O   . HOH C 3 .   ? -10.198 -8.542  6.378   1.00 27.31 ? 799 HOH A O   1 
HETATM 1634 O O   . HOH C 3 .   ? 1.720   6.930   -17.744 1.00 40.11 ? 800 HOH A O   1 
HETATM 1635 O O   . HOH C 3 .   ? 4.816   7.581   -11.503 1.00 17.67 ? 801 HOH A O   1 
HETATM 1636 O O   . HOH C 3 .   ? 14.819  -6.883  11.092  1.00 28.13 ? 802 HOH A O   1 
HETATM 1637 O O   . HOH C 3 .   ? -1.712  13.769  17.744  1.00 53.44 ? 803 HOH A O   1 
HETATM 1638 O O   . HOH C 3 .   ? 10.217  -5.568  -11.137 1.00 23.40 ? 804 HOH A O   1 
HETATM 1639 O O   . HOH C 3 .   ? 9.586   -7.973  14.031  1.00 18.72 ? 805 HOH A O   1 
HETATM 1640 O O   . HOH C 3 .   ? 11.078  -3.387  12.779  1.00 26.28 ? 806 HOH A O   1 
HETATM 1641 O O   . HOH C 3 .   ? 7.916   2.985   12.366  1.00 14.62 ? 807 HOH A O   1 
HETATM 1642 O O   . HOH C 3 .   ? -4.443  3.793   -13.173 1.00 15.74 ? 808 HOH A O   1 
HETATM 1643 O O   . HOH C 3 .   ? 17.877  -10.536 -10.751 1.00 20.29 ? 809 HOH A O   1 
HETATM 1644 O O   . HOH C 3 .   ? 2.983   -16.866 -13.468 1.00 20.11 ? 810 HOH A O   1 
HETATM 1645 O O   . HOH C 3 .   ? 2.996   -21.362 4.678   1.00 19.75 ? 811 HOH A O   1 
HETATM 1646 O O   . HOH C 3 .   ? 14.863  -2.020  -3.090  1.00 27.16 ? 812 HOH A O   1 
HETATM 1647 O O   . HOH C 3 .   ? 5.282   -17.944 9.895   1.00 17.48 ? 813 HOH A O   1 
HETATM 1648 O O   . HOH C 3 .   ? 7.117   7.178   -0.271  1.00 25.53 ? 814 HOH A O   1 
HETATM 1649 O O   . HOH C 3 .   ? -9.548  15.595  11.119  1.00 31.04 ? 815 HOH A O   1 
HETATM 1650 O O   . HOH C 3 .   ? -15.160 3.433   4.202   1.00 29.36 ? 816 HOH A O   1 
HETATM 1651 O O   . HOH C 3 .   ? -18.518 9.700   2.950   1.00 24.45 ? 817 HOH A O   1 
HETATM 1652 O O   . HOH C 3 .   ? -4.168  -1.050  18.374  1.00 22.74 ? 818 HOH A O   1 
HETATM 1653 O O   . HOH C 3 .   ? -9.902  20.819  2.229   1.00 23.72 ? 819 HOH A O   1 
HETATM 1654 O O   . HOH C 3 .   ? 3.493   15.278  -7.422  1.00 27.16 ? 820 HOH A O   1 
HETATM 1655 O O   . HOH C 3 .   ? -8.337  3.557   -7.364  1.00 25.56 ? 821 HOH A O   1 
HETATM 1656 O O   . HOH C 3 .   ? 1.409   -20.591 -0.420  1.00 13.20 ? 822 HOH A O   1 
HETATM 1657 O O   . HOH C 3 .   ? -12.057 3.270   -11.126 1.00 20.76 ? 823 HOH A O   1 
HETATM 1658 O O   . HOH C 3 .   ? -14.708 -3.924  -2.811  1.00 23.36 ? 824 HOH A O   1 
HETATM 1659 O O   . HOH C 3 .   ? -2.610  -6.516  12.968  1.00 28.74 ? 825 HOH A O   1 
HETATM 1660 O O   . HOH C 3 .   ? 22.788  -3.195  10.153  1.00 23.24 ? 826 HOH A O   1 
HETATM 1661 O O   . HOH C 3 .   ? -0.426  -16.171 5.525   1.00 22.75 ? 827 HOH A O   1 
HETATM 1662 O O   . HOH C 3 .   ? -15.178 2.619   8.759   1.00 39.20 ? 828 HOH A O   1 
HETATM 1663 O O   . HOH C 3 .   ? 14.289  -4.776  -10.305 1.00 27.11 ? 829 HOH A O   1 
HETATM 1664 O O   . HOH C 3 .   ? 1.218   -18.860 -13.026 1.00 22.55 ? 830 HOH A O   1 
HETATM 1665 O O   . HOH C 3 .   ? -18.815 15.727  3.347   1.00 28.75 ? 831 HOH A O   1 
HETATM 1666 O O   . HOH C 3 .   ? -5.199  -7.282  13.469  1.00 19.55 ? 832 HOH A O   1 
HETATM 1667 O O   . HOH C 3 .   ? 2.774   -5.356  17.111  1.00 27.34 ? 833 HOH A O   1 
HETATM 1668 O O   . HOH C 3 .   ? 3.060   9.699   -12.975 1.00 19.65 ? 834 HOH A O   1 
HETATM 1669 O O   . HOH C 3 .   ? 0.632   11.810  -11.290 1.00 21.92 ? 835 HOH A O   1 
HETATM 1670 O O   . HOH C 3 .   ? -16.632 8.104   9.998   1.00 21.26 ? 836 HOH A O   1 
HETATM 1671 O O   . HOH C 3 .   ? -6.983  22.734  5.024   1.00 28.41 ? 837 HOH A O   1 
HETATM 1672 O O   . HOH C 3 .   ? -11.129 -6.522  -10.039 1.00 19.78 ? 838 HOH A O   1 
HETATM 1673 O O   . HOH C 3 .   ? -13.054 -0.140  -10.450 1.00 18.29 ? 839 HOH A O   1 
HETATM 1674 O O   . HOH C 3 .   ? 10.923  -5.854  13.167  1.00 29.54 ? 840 HOH A O   1 
HETATM 1675 O O   . HOH C 3 .   ? 5.190   -17.619 7.188   1.00 21.01 ? 841 HOH A O   1 
HETATM 1676 O O   . HOH C 3 .   ? 6.105   -17.737 3.378   1.00 19.82 ? 842 HOH A O   1 
HETATM 1677 O O   . HOH C 3 .   ? 6.822   -16.599 -11.358 1.00 23.06 ? 843 HOH A O   1 
HETATM 1678 O O   . HOH C 3 .   ? 6.589   -19.982 -5.353  1.00 21.88 ? 844 HOH A O   1 
HETATM 1679 O O   . HOH C 3 .   ? -13.182 6.472   -3.410  1.00 24.16 ? 845 HOH A O   1 
HETATM 1680 O O   . HOH C 3 .   ? -14.610 8.040   -5.072  1.00 27.53 ? 846 HOH A O   1 
HETATM 1681 O O   . HOH C 3 .   ? 16.306  -14.729 6.736   1.00 20.94 ? 847 HOH A O   1 
HETATM 1682 O O   . HOH C 3 .   ? 14.837  -16.233 8.364   1.00 24.40 ? 848 HOH A O   1 
HETATM 1683 O O   . HOH C 3 .   ? -3.077  -6.323  -17.377 1.00 26.69 ? 849 HOH A O   1 
HETATM 1684 O O   . HOH C 3 .   ? -7.440  -16.049 -8.400  1.00 27.05 ? 850 HOH A O   1 
HETATM 1685 O O   . HOH C 3 .   ? -7.439  -12.273 -10.602 1.00 24.06 ? 851 HOH A O   1 
HETATM 1686 O O   . HOH C 3 .   ? 24.902  -1.318  9.564   1.00 26.16 ? 852 HOH A O   1 
# 
